data_9EX3
#
_entry.id   9EX3
#
_cell.length_a   84.939
_cell.length_b   86.308
_cell.length_c   88.287
_cell.angle_alpha   90.011
_cell.angle_beta   61.634
_cell.angle_gamma   66.328
#
_symmetry.space_group_name_H-M   'P 1'
#
loop_
_entity.id
_entity.type
_entity.pdbx_description
1 polymer 'Ferric-mycobactin receptor, FemA'
2 non-polymer '(4S)-2-(2-hydroxyphenyl)-4,5-dihydro-1,3-thiazole-4-carboxylic acid'
3 non-polymer 1,2-ETHANEDIOL
4 non-polymer (HYDROXYETHYLOXY)TRI(ETHYLOXY)OCTANE
5 non-polymer 'FE (III) ION'
6 non-polymer 'POTASSIUM ION'
7 water water
#
_entity_poly.entity_id   1
_entity_poly.type   'polypeptide(L)'
_entity_poly.pdbx_seq_one_letter_code
;GAMTPALLAAEAPAASSARSYDIAPGPLGRTLSAFASDNGVSLAFDPALTEGRRSAALRGRYAPVEALHRLLLGSGLELQ
QRSDGSYTLVPAATDGALELQSSLITAQAAGAETLPAEYAGGQVARGARLGMLGNADVMDAPFSITSYTARTIEQQQARS
VADLLQANDPSVRVVGGRGDLVDSYTIRGFSVQNADVAFNGLYGLLPFWRVPIEFAERVEVLKGPNALLGGISPGGSVGG
TINLVPKRADDQPLTRVSVDWTQRGQLGTHLDIGRRFGENNAFGVRFNGVYRNGDTAVDHQSREFPMLSLGLDFRGERLR
LSSDLLYQKESLEGVVRPLLTGPGTTHIPHAPDSKTRFGLRDSYLDQEDYSMVNRGEYDLADNLTAFASIGGRQSNYETI
AANSILVGNQGDIVNSLARQRGDRRTYSAEVGLRGNFDTGPLRHDWTLSANRLHERLGMVYAFTGMQSGNLYQTSPHTPL
PDFSSLDGSIPKTNETDLGGVALADRLSFLEDRVQVTLGVRRQQIESRNYDQTSGARTSHDKRHVWTPMASVLVKPLQDL
SLYANYIQGLSQGEAAPMTAANAGQVLAPYKAEQYEIGAKYDLGGFTTTLALFEIRKPNAYTDASNVFRADGEQRNRGVE
LSLYGEPLDGVRVMAGATYIKPEQNKTGDPASEGKDAPGVARRQANLGVSWDTPFVDGLTLDSRWIYTGSAYVDSANALA
VPHWNRVDLGAAYAFQVAGKPLVARANLENALGKDYWTAANGYLSISSPRTLSLSLTADF
;
_entity_poly.pdbx_strand_id   B,A
#
loop_
_chem_comp.id
_chem_comp.type
_chem_comp.name
_chem_comp.formula
C8E non-polymer (HYDROXYETHYLOXY)TRI(ETHYLOXY)OCTANE 'C16 H34 O5'
EDO non-polymer 1,2-ETHANEDIOL 'C2 H6 O2'
FE non-polymer 'FE (III) ION' 'Fe 3'
J9F non-polymer '(4S)-2-(2-hydroxyphenyl)-4,5-dihydro-1,3-thiazole-4-carboxylic acid' 'C10 H9 N O3 S'
K non-polymer 'POTASSIUM ION' 'K 1'
#
# COMPACT_ATOMS: atom_id res chain seq x y z
N GLY A 111 -19.41 -8.50 8.13
CA GLY A 111 -18.28 -7.88 7.45
C GLY A 111 -18.68 -6.81 6.46
N ALA A 112 -18.33 -5.56 6.75
CA ALA A 112 -18.78 -4.44 5.92
C ALA A 112 -18.18 -4.51 4.51
N GLU A 113 -16.99 -5.06 4.35
CA GLU A 113 -16.34 -5.17 3.05
C GLU A 113 -16.41 -6.58 2.47
N THR A 114 -17.17 -7.48 3.10
CA THR A 114 -17.29 -8.84 2.61
C THR A 114 -18.03 -8.88 1.28
N LEU A 115 -17.46 -9.57 0.31
CA LEU A 115 -18.08 -9.65 -1.02
C LEU A 115 -19.42 -10.38 -0.91
N PRO A 116 -20.52 -9.79 -1.33
CA PRO A 116 -21.79 -10.52 -1.27
C PRO A 116 -21.79 -11.70 -2.23
N ALA A 117 -22.52 -12.75 -1.84
CA ALA A 117 -22.56 -13.96 -2.63
C ALA A 117 -23.42 -13.76 -3.89
N GLU A 118 -23.16 -14.60 -4.89
CA GLU A 118 -23.99 -14.65 -6.09
C GLU A 118 -25.38 -15.17 -5.74
N TYR A 119 -26.40 -14.61 -6.40
CA TYR A 119 -27.77 -15.09 -6.31
C TYR A 119 -27.94 -16.31 -7.23
N ALA A 120 -29.07 -17.00 -7.07
CA ALA A 120 -29.40 -18.13 -7.94
C ALA A 120 -29.25 -17.72 -9.40
N GLY A 121 -28.60 -18.58 -10.19
CA GLY A 121 -28.33 -18.31 -11.57
C GLY A 121 -26.97 -17.69 -11.84
N GLY A 122 -26.40 -16.98 -10.87
CA GLY A 122 -25.04 -16.51 -10.98
C GLY A 122 -24.85 -15.29 -11.85
N GLN A 123 -25.94 -14.66 -12.29
CA GLN A 123 -25.82 -13.50 -13.15
C GLN A 123 -25.88 -12.18 -12.38
N VAL A 124 -26.53 -12.16 -11.22
CA VAL A 124 -26.51 -11.04 -10.30
C VAL A 124 -26.11 -11.56 -8.92
N ALA A 125 -25.80 -10.64 -8.02
CA ALA A 125 -25.40 -10.92 -6.64
C ALA A 125 -26.52 -10.54 -5.69
N ARG A 126 -26.38 -11.02 -4.45
CA ARG A 126 -27.35 -10.89 -3.36
C ARG A 126 -27.20 -9.61 -2.53
N GLY A 127 -26.18 -8.80 -2.79
CA GLY A 127 -25.94 -7.59 -2.01
C GLY A 127 -25.10 -6.62 -2.79
N ALA A 128 -24.98 -5.41 -2.24
CA ALA A 128 -24.25 -4.32 -2.87
C ALA A 128 -23.95 -3.26 -1.81
N ARG A 129 -23.11 -2.29 -2.18
CA ARG A 129 -22.61 -1.30 -1.24
C ARG A 129 -23.62 -0.17 -1.04
N LEU A 130 -23.72 0.31 0.21
CA LEU A 130 -24.50 1.51 0.51
C LEU A 130 -23.59 2.60 1.07
N GLY A 131 -22.59 3.00 0.30
CA GLY A 131 -21.70 4.08 0.73
C GLY A 131 -21.01 3.79 2.05
N MET A 132 -21.12 4.75 2.97
CA MET A 132 -20.48 4.65 4.29
C MET A 132 -20.95 3.43 5.08
N LEU A 133 -22.19 2.99 4.87
CA LEU A 133 -22.70 1.84 5.62
C LEU A 133 -22.06 0.52 5.22
N GLY A 134 -21.28 0.48 4.12
CA GLY A 134 -20.74 -0.77 3.63
C GLY A 134 -21.82 -1.62 2.96
N ASN A 135 -21.46 -2.90 2.78
CA ASN A 135 -22.28 -3.82 1.99
C ASN A 135 -23.54 -4.26 2.75
N ALA A 136 -24.67 -4.34 2.04
CA ALA A 136 -25.93 -4.85 2.60
C ALA A 136 -26.60 -5.80 1.63
N ASP A 137 -27.33 -6.78 2.19
CA ASP A 137 -28.10 -7.73 1.41
C ASP A 137 -29.30 -7.05 0.77
N VAL A 138 -29.69 -7.54 -0.41
CA VAL A 138 -30.83 -6.98 -1.14
C VAL A 138 -32.03 -6.85 -0.20
N MET A 139 -32.30 -7.88 0.61
CA MET A 139 -33.50 -7.86 1.46
C MET A 139 -33.37 -6.95 2.68
N ASP A 140 -32.16 -6.49 3.03
CA ASP A 140 -31.96 -5.57 4.14
C ASP A 140 -31.75 -4.13 3.69
N ALA A 141 -31.81 -3.86 2.39
CA ALA A 141 -31.49 -2.54 1.87
C ALA A 141 -32.77 -1.76 1.56
N PRO A 142 -32.97 -0.58 2.17
CA PRO A 142 -34.14 0.24 1.85
C PRO A 142 -33.95 1.10 0.59
N PHE A 143 -33.28 0.54 -0.41
CA PHE A 143 -33.05 1.18 -1.69
C PHE A 143 -33.12 0.11 -2.78
N SER A 144 -33.30 0.56 -4.02
CA SER A 144 -33.24 -0.33 -5.18
C SER A 144 -31.79 -0.51 -5.57
N ILE A 145 -31.23 -1.70 -5.32
CA ILE A 145 -29.87 -2.01 -5.71
C ILE A 145 -29.86 -3.24 -6.60
N THR A 146 -28.91 -3.26 -7.55
CA THR A 146 -28.65 -4.38 -8.45
C THR A 146 -27.15 -4.54 -8.60
N SER A 147 -26.65 -5.78 -8.53
CA SER A 147 -25.21 -6.01 -8.74
C SER A 147 -24.99 -7.09 -9.80
N TYR A 148 -24.31 -6.74 -10.89
CA TYR A 148 -24.04 -7.70 -11.96
C TYR A 148 -22.67 -8.35 -11.77
N THR A 149 -22.58 -9.66 -12.05
CA THR A 149 -21.38 -10.44 -11.77
C THR A 149 -20.38 -10.47 -12.93
N ALA A 150 -19.14 -10.82 -12.58
CA ALA A 150 -18.10 -11.09 -13.57
C ALA A 150 -18.54 -12.16 -14.56
N ARG A 151 -19.35 -13.12 -14.11
CA ARG A 151 -19.82 -14.18 -15.00
C ARG A 151 -20.67 -13.62 -16.12
N THR A 152 -21.60 -12.70 -15.79
CA THR A 152 -22.38 -12.02 -16.82
C THR A 152 -21.49 -11.22 -17.76
N ILE A 153 -20.52 -10.48 -17.21
CA ILE A 153 -19.62 -9.67 -18.03
C ILE A 153 -18.93 -10.54 -19.07
N GLU A 154 -18.45 -11.72 -18.64
CA GLU A 154 -17.66 -12.56 -19.53
C GLU A 154 -18.53 -13.30 -20.55
N GLN A 155 -19.71 -13.78 -20.14
CA GLN A 155 -20.60 -14.49 -21.09
C GLN A 155 -21.07 -13.58 -22.24
N GLN A 156 -21.31 -12.29 -21.95
CA GLN A 156 -21.79 -11.35 -22.97
C GLN A 156 -20.69 -10.59 -23.71
N GLN A 157 -19.42 -10.75 -23.29
CA GLN A 157 -18.27 -10.08 -23.91
C GLN A 157 -18.34 -8.55 -23.77
N ALA A 158 -18.86 -8.07 -22.63
CA ALA A 158 -18.97 -6.63 -22.38
C ALA A 158 -17.61 -6.04 -22.00
N ARG A 159 -17.22 -4.95 -22.68
CA ARG A 159 -15.90 -4.37 -22.46
C ARG A 159 -15.93 -3.12 -21.56
N SER A 160 -17.02 -2.36 -21.59
CA SER A 160 -17.21 -1.11 -20.83
C SER A 160 -18.46 -1.18 -19.95
N VAL A 161 -18.54 -0.23 -18.99
CA VAL A 161 -19.73 -0.09 -18.17
C VAL A 161 -20.97 0.10 -19.04
N ALA A 162 -20.85 0.92 -20.09
CA ALA A 162 -21.99 1.15 -20.97
C ALA A 162 -22.40 -0.13 -21.71
N ASP A 163 -21.45 -0.95 -22.16
CA ASP A 163 -21.83 -2.22 -22.80
C ASP A 163 -22.76 -3.03 -21.89
N LEU A 164 -22.41 -3.11 -20.59
CA LEU A 164 -23.13 -3.97 -19.65
C LEU A 164 -24.52 -3.42 -19.33
N LEU A 165 -24.60 -2.14 -18.94
CA LEU A 165 -25.83 -1.61 -18.37
C LEU A 165 -26.92 -1.42 -19.44
N GLN A 166 -26.53 -0.96 -20.64
N GLN A 166 -26.52 -0.96 -20.64
CA GLN A 166 -27.54 -0.79 -21.68
CA GLN A 166 -27.51 -0.79 -21.71
C GLN A 166 -28.19 -2.14 -22.05
C GLN A 166 -28.17 -2.13 -22.06
N ALA A 167 -27.41 -3.22 -22.06
CA ALA A 167 -27.95 -4.50 -22.50
C ALA A 167 -28.90 -5.12 -21.49
N ASN A 168 -28.69 -4.90 -20.17
CA ASN A 168 -29.39 -5.66 -19.15
C ASN A 168 -30.36 -4.86 -18.29
N ASP A 169 -30.11 -3.57 -18.02
CA ASP A 169 -30.80 -2.88 -16.93
C ASP A 169 -31.91 -1.99 -17.44
N PRO A 170 -33.16 -2.16 -16.97
CA PRO A 170 -34.27 -1.34 -17.45
C PRO A 170 -34.25 0.10 -16.97
N SER A 171 -33.46 0.43 -15.95
CA SER A 171 -33.36 1.80 -15.46
C SER A 171 -32.26 2.63 -16.11
N VAL A 172 -31.31 2.06 -16.87
CA VAL A 172 -30.13 2.80 -17.32
C VAL A 172 -30.14 2.89 -18.85
N ARG A 173 -29.91 4.11 -19.39
CA ARG A 173 -29.77 4.30 -20.82
C ARG A 173 -28.56 5.18 -21.11
N VAL A 174 -27.83 4.83 -22.19
CA VAL A 174 -26.51 5.38 -22.48
C VAL A 174 -26.65 6.48 -23.53
N VAL A 175 -25.97 7.61 -23.29
CA VAL A 175 -25.80 8.66 -24.28
C VAL A 175 -24.33 8.67 -24.69
N GLY A 176 -24.07 8.87 -25.99
CA GLY A 176 -22.73 8.88 -26.54
C GLY A 176 -22.40 7.62 -27.30
N GLY A 177 -21.98 6.57 -26.59
CA GLY A 177 -21.70 5.30 -27.22
C GLY A 177 -20.25 5.10 -27.60
N ARG A 178 -19.96 3.85 -28.01
CA ARG A 178 -18.58 3.39 -28.07
C ARG A 178 -17.79 4.04 -29.21
N GLY A 179 -18.46 4.67 -30.18
CA GLY A 179 -17.73 5.39 -31.22
C GLY A 179 -17.34 6.82 -30.86
N ASP A 180 -17.94 7.38 -29.81
CA ASP A 180 -17.63 8.69 -29.25
C ASP A 180 -16.46 8.54 -28.26
N LEU A 181 -15.98 9.67 -27.75
CA LEU A 181 -14.92 9.59 -26.75
C LEU A 181 -15.44 9.40 -25.33
N VAL A 182 -16.74 9.65 -25.08
CA VAL A 182 -17.31 9.64 -23.74
C VAL A 182 -18.69 8.96 -23.75
N ASP A 183 -18.96 8.14 -22.71
CA ASP A 183 -20.31 7.71 -22.35
C ASP A 183 -20.82 8.47 -21.12
N SER A 184 -22.11 8.86 -21.13
CA SER A 184 -22.84 9.22 -19.92
C SER A 184 -24.07 8.31 -19.78
N TYR A 185 -24.76 8.37 -18.62
CA TYR A 185 -25.87 7.46 -18.32
C TYR A 185 -27.08 8.23 -17.77
N THR A 186 -28.27 7.88 -18.24
CA THR A 186 -29.51 8.44 -17.70
C THR A 186 -30.17 7.44 -16.75
N ILE A 187 -30.48 7.88 -15.53
CA ILE A 187 -31.11 7.06 -14.49
C ILE A 187 -32.18 7.88 -13.76
N ARG A 188 -33.36 7.26 -13.56
CA ARG A 188 -34.54 7.87 -12.97
C ARG A 188 -34.78 9.29 -13.48
N GLY A 189 -34.56 9.48 -14.78
CA GLY A 189 -34.85 10.73 -15.44
C GLY A 189 -33.85 11.84 -15.23
N PHE A 190 -32.63 11.53 -14.77
CA PHE A 190 -31.56 12.50 -14.60
C PHE A 190 -30.25 11.96 -15.17
N SER A 191 -29.35 12.87 -15.54
CA SER A 191 -28.08 12.50 -16.15
C SER A 191 -27.05 12.09 -15.09
N VAL A 192 -26.25 11.06 -15.40
CA VAL A 192 -25.18 10.59 -14.52
C VAL A 192 -23.88 10.52 -15.32
N GLN A 193 -22.88 11.28 -14.90
CA GLN A 193 -21.58 11.33 -15.59
C GLN A 193 -20.75 10.07 -15.33
N ASN A 194 -19.97 9.68 -16.34
CA ASN A 194 -19.01 8.57 -16.17
C ASN A 194 -17.97 8.91 -15.11
N ALA A 195 -17.61 10.19 -15.00
CA ALA A 195 -16.69 10.63 -13.96
C ALA A 195 -17.23 10.44 -12.56
N ASP A 196 -18.53 10.17 -12.42
CA ASP A 196 -19.16 9.96 -11.11
C ASP A 196 -19.39 8.49 -10.78
N VAL A 197 -18.68 7.59 -11.47
CA VAL A 197 -18.69 6.16 -11.14
C VAL A 197 -17.78 5.92 -9.95
N ALA A 198 -18.29 5.22 -8.92
CA ALA A 198 -17.51 4.99 -7.71
C ALA A 198 -16.69 3.68 -7.80
N PHE A 199 -15.71 3.57 -6.91
CA PHE A 199 -14.73 2.48 -6.87
C PHE A 199 -14.67 2.02 -5.41
N ASN A 200 -15.33 0.91 -5.10
CA ASN A 200 -15.51 0.49 -3.70
C ASN A 200 -16.02 1.65 -2.85
N GLY A 201 -17.01 2.38 -3.37
CA GLY A 201 -17.57 3.51 -2.68
C GLY A 201 -16.90 4.85 -2.91
N LEU A 202 -15.62 4.88 -3.31
CA LEU A 202 -14.81 6.11 -3.41
C LEU A 202 -14.92 6.78 -4.79
N TYR A 203 -15.12 8.11 -4.78
CA TYR A 203 -15.17 8.87 -6.03
C TYR A 203 -13.77 9.30 -6.49
N GLY A 204 -13.65 9.57 -7.78
CA GLY A 204 -12.50 10.25 -8.34
C GLY A 204 -11.33 9.38 -8.77
N LEU A 205 -11.51 8.05 -8.87
CA LEU A 205 -10.38 7.15 -9.03
C LEU A 205 -10.42 6.30 -10.30
N LEU A 206 -11.45 6.44 -11.16
CA LEU A 206 -11.59 5.59 -12.34
C LEU A 206 -11.47 6.42 -13.61
N PRO A 207 -11.26 5.77 -14.78
CA PRO A 207 -11.04 6.55 -16.02
C PRO A 207 -12.20 7.49 -16.30
N PHE A 208 -11.84 8.74 -16.65
CA PHE A 208 -12.76 9.86 -16.52
C PHE A 208 -13.88 9.81 -17.55
N TRP A 209 -13.56 9.45 -18.79
CA TRP A 209 -14.53 9.46 -19.89
C TRP A 209 -15.26 8.11 -20.09
N ARG A 210 -14.59 6.98 -19.86
CA ARG A 210 -15.21 5.69 -20.11
C ARG A 210 -14.52 4.67 -19.22
N VAL A 211 -15.28 4.01 -18.35
CA VAL A 211 -14.74 3.05 -17.38
C VAL A 211 -14.67 1.68 -18.06
N PRO A 212 -13.51 1.06 -18.16
CA PRO A 212 -13.44 -0.32 -18.66
C PRO A 212 -13.72 -1.30 -17.52
N ILE A 213 -14.24 -2.51 -17.87
CA ILE A 213 -14.68 -3.44 -16.82
C ILE A 213 -14.10 -4.86 -16.90
N GLU A 214 -13.12 -5.08 -17.78
CA GLU A 214 -12.52 -6.42 -17.87
C GLU A 214 -11.72 -6.80 -16.63
N PHE A 215 -11.53 -5.88 -15.67
CA PHE A 215 -10.88 -6.22 -14.40
C PHE A 215 -11.87 -6.23 -13.23
N ALA A 216 -13.16 -6.08 -13.51
CA ALA A 216 -14.16 -5.90 -12.46
C ALA A 216 -14.72 -7.25 -12.03
N GLU A 217 -14.97 -7.38 -10.72
CA GLU A 217 -15.75 -8.50 -10.18
C GLU A 217 -17.23 -8.19 -10.06
N ARG A 218 -17.63 -6.93 -9.83
CA ARG A 218 -19.04 -6.56 -9.85
C ARG A 218 -19.22 -5.17 -10.41
N VAL A 219 -20.40 -4.90 -10.97
CA VAL A 219 -20.83 -3.57 -11.39
C VAL A 219 -22.19 -3.35 -10.76
N GLU A 220 -22.26 -2.49 -9.74
CA GLU A 220 -23.46 -2.24 -8.96
C GLU A 220 -24.13 -0.94 -9.38
N VAL A 221 -25.47 -0.94 -9.34
CA VAL A 221 -26.31 0.24 -9.56
C VAL A 221 -27.18 0.50 -8.32
N LEU A 222 -27.01 1.66 -7.71
CA LEU A 222 -27.92 2.15 -6.67
C LEU A 222 -28.74 3.30 -7.24
N LYS A 223 -30.06 3.12 -7.36
CA LYS A 223 -30.89 4.10 -8.05
C LYS A 223 -31.32 5.24 -7.11
N GLY A 224 -31.38 6.46 -7.67
CA GLY A 224 -31.69 7.64 -6.91
C GLY A 224 -30.51 8.30 -6.21
N PRO A 225 -30.75 9.48 -5.64
CA PRO A 225 -29.67 10.22 -4.97
C PRO A 225 -29.23 9.54 -3.67
N ASN A 226 -27.99 9.80 -3.26
CA ASN A 226 -27.43 9.12 -2.10
C ASN A 226 -26.38 9.98 -1.40
N ALA A 227 -26.65 11.28 -1.26
CA ALA A 227 -25.65 12.22 -0.76
C ALA A 227 -25.22 11.91 0.69
N LEU A 228 -26.19 11.62 1.58
CA LEU A 228 -25.80 11.21 2.94
C LEU A 228 -24.85 10.02 2.92
N LEU A 229 -25.09 9.04 2.05
CA LEU A 229 -24.33 7.80 2.10
C LEU A 229 -22.88 7.99 1.64
N GLY A 230 -22.66 8.74 0.55
CA GLY A 230 -21.31 8.85 0.04
C GLY A 230 -20.79 10.26 -0.17
N GLY A 231 -21.61 11.26 0.15
CA GLY A 231 -21.24 12.63 -0.12
C GLY A 231 -21.56 13.00 -1.55
N ILE A 232 -21.25 14.25 -1.90
CA ILE A 232 -21.51 14.76 -3.23
C ILE A 232 -20.63 14.03 -4.25
N SER A 233 -21.16 13.86 -5.45
CA SER A 233 -20.36 13.36 -6.58
C SER A 233 -19.55 14.51 -7.19
N PRO A 234 -18.33 14.24 -7.65
CA PRO A 234 -17.54 15.28 -8.35
C PRO A 234 -18.25 16.00 -9.49
N GLY A 235 -19.00 15.27 -10.33
CA GLY A 235 -19.76 15.88 -11.40
C GLY A 235 -21.15 16.37 -11.04
N GLY A 236 -21.55 16.28 -9.77
CA GLY A 236 -22.87 16.71 -9.36
C GLY A 236 -24.04 15.84 -9.77
N SER A 237 -23.80 14.57 -10.13
CA SER A 237 -24.88 13.70 -10.60
C SER A 237 -25.79 13.32 -9.45
N VAL A 238 -27.11 13.26 -9.71
CA VAL A 238 -28.10 12.88 -8.70
C VAL A 238 -28.98 11.70 -9.10
N GLY A 239 -28.81 11.12 -10.29
CA GLY A 239 -29.73 10.07 -10.70
C GLY A 239 -29.53 8.72 -10.03
N GLY A 240 -28.34 8.47 -9.50
CA GLY A 240 -27.97 7.14 -9.03
C GLY A 240 -26.47 7.06 -8.97
N THR A 241 -25.98 6.01 -8.34
CA THR A 241 -24.53 5.81 -8.22
C THR A 241 -24.16 4.42 -8.71
N ILE A 242 -23.28 4.36 -9.72
CA ILE A 242 -22.73 3.10 -10.22
C ILE A 242 -21.41 2.87 -9.50
N ASN A 243 -21.14 1.62 -9.12
CA ASN A 243 -20.00 1.29 -8.27
C ASN A 243 -19.33 0.02 -8.80
N LEU A 244 -18.01 0.07 -8.96
CA LEU A 244 -17.23 -1.07 -9.42
C LEU A 244 -16.52 -1.71 -8.25
N VAL A 245 -16.47 -3.04 -8.24
CA VAL A 245 -15.73 -3.83 -7.26
C VAL A 245 -14.57 -4.53 -7.99
N PRO A 246 -13.33 -4.30 -7.58
CA PRO A 246 -12.19 -4.96 -8.24
C PRO A 246 -12.10 -6.45 -7.90
N LYS A 247 -11.52 -7.21 -8.84
CA LYS A 247 -11.20 -8.61 -8.62
C LYS A 247 -10.14 -8.80 -7.54
N ARG A 248 -10.15 -9.99 -6.93
CA ARG A 248 -9.19 -10.39 -5.90
C ARG A 248 -8.75 -11.82 -6.21
N ALA A 249 -7.57 -12.20 -5.70
CA ALA A 249 -7.03 -13.53 -5.93
C ALA A 249 -7.73 -14.56 -5.05
N ASP A 250 -8.29 -15.59 -5.67
CA ASP A 250 -8.80 -16.76 -4.94
C ASP A 250 -7.65 -17.66 -4.50
N ASP A 251 -7.96 -18.58 -3.57
CA ASP A 251 -6.95 -19.50 -3.07
C ASP A 251 -6.47 -20.47 -4.16
N GLN A 252 -7.40 -21.05 -4.92
CA GLN A 252 -7.02 -21.86 -6.08
C GLN A 252 -6.37 -20.97 -7.13
N PRO A 253 -5.13 -21.24 -7.53
CA PRO A 253 -4.47 -20.35 -8.50
C PRO A 253 -5.22 -20.34 -9.83
N LEU A 254 -5.01 -19.26 -10.58
CA LEU A 254 -5.74 -19.00 -11.82
C LEU A 254 -4.75 -18.56 -12.89
N THR A 255 -4.72 -19.28 -14.01
CA THR A 255 -3.93 -18.89 -15.18
C THR A 255 -4.86 -18.98 -16.39
N ARG A 256 -5.45 -17.84 -16.76
CA ARG A 256 -6.53 -17.78 -17.72
C ARG A 256 -6.12 -16.86 -18.88
N VAL A 257 -6.22 -17.37 -20.10
CA VAL A 257 -5.89 -16.63 -21.32
C VAL A 257 -7.06 -16.71 -22.28
N SER A 258 -7.43 -15.58 -22.88
CA SER A 258 -8.37 -15.60 -23.99
C SER A 258 -7.85 -14.71 -25.11
N VAL A 259 -8.33 -15.00 -26.34
CA VAL A 259 -8.13 -14.16 -27.53
C VAL A 259 -9.50 -13.89 -28.14
N ASP A 260 -9.63 -12.75 -28.84
CA ASP A 260 -10.94 -12.37 -29.32
C ASP A 260 -10.83 -11.58 -30.62
N TRP A 261 -11.98 -11.46 -31.30
CA TRP A 261 -12.09 -10.79 -32.58
C TRP A 261 -13.38 -10.00 -32.55
N THR A 262 -13.34 -8.72 -32.93
CA THR A 262 -14.53 -7.92 -33.07
C THR A 262 -14.52 -7.18 -34.40
N GLN A 263 -15.64 -7.28 -35.12
CA GLN A 263 -15.93 -6.55 -36.36
C GLN A 263 -15.44 -5.11 -36.30
N ARG A 264 -14.76 -4.65 -37.37
CA ARG A 264 -14.41 -5.40 -38.58
C ARG A 264 -13.00 -6.04 -38.49
N GLY A 265 -12.06 -5.38 -37.81
CA GLY A 265 -10.74 -5.99 -37.65
C GLY A 265 -10.06 -5.84 -36.31
N GLN A 266 -10.81 -5.76 -35.20
CA GLN A 266 -10.18 -5.63 -33.89
C GLN A 266 -9.77 -6.99 -33.34
N LEU A 267 -8.48 -7.10 -32.97
CA LEU A 267 -7.88 -8.33 -32.46
C LEU A 267 -7.40 -8.09 -31.04
N GLY A 268 -7.85 -8.92 -30.08
CA GLY A 268 -7.52 -8.71 -28.69
C GLY A 268 -7.02 -9.95 -27.96
N THR A 269 -6.33 -9.69 -26.85
CA THR A 269 -5.86 -10.72 -25.92
C THR A 269 -6.07 -10.22 -24.49
N HIS A 270 -6.52 -11.11 -23.61
CA HIS A 270 -6.79 -10.79 -22.20
C HIS A 270 -6.24 -11.89 -21.32
N LEU A 271 -5.26 -11.55 -20.48
CA LEU A 271 -4.75 -12.42 -19.41
C LEU A 271 -5.40 -12.09 -18.08
N ASP A 272 -5.79 -13.12 -17.31
CA ASP A 272 -6.30 -12.96 -15.95
C ASP A 272 -5.61 -14.02 -15.10
N ILE A 273 -4.69 -13.59 -14.22
CA ILE A 273 -3.81 -14.50 -13.47
C ILE A 273 -3.87 -14.14 -12.00
N GLY A 274 -4.08 -15.16 -11.15
CA GLY A 274 -4.14 -14.94 -9.71
C GLY A 274 -3.33 -15.96 -8.92
N ARG A 275 -2.70 -15.49 -7.84
CA ARG A 275 -1.97 -16.37 -6.92
C ARG A 275 -2.04 -15.80 -5.50
N ARG A 276 -1.94 -16.69 -4.51
CA ARG A 276 -1.82 -16.30 -3.12
C ARG A 276 -0.49 -16.81 -2.55
N PHE A 277 0.01 -16.15 -1.49
CA PHE A 277 1.28 -16.55 -0.89
C PHE A 277 1.35 -16.05 0.56
N GLY A 278 2.41 -16.50 1.25
CA GLY A 278 2.54 -16.35 2.69
C GLY A 278 1.88 -17.49 3.43
N GLU A 279 2.27 -17.66 4.70
CA GLU A 279 1.66 -18.71 5.50
C GLU A 279 0.17 -18.43 5.65
N ASN A 280 -0.66 -19.46 5.43
CA ASN A 280 -2.12 -19.39 5.48
C ASN A 280 -2.73 -18.60 4.31
N ASN A 281 -1.97 -18.42 3.22
CA ASN A 281 -2.43 -17.62 2.07
C ASN A 281 -2.79 -16.20 2.50
N ALA A 282 -1.96 -15.62 3.39
CA ALA A 282 -2.26 -14.30 3.94
C ALA A 282 -2.28 -13.21 2.86
N PHE A 283 -1.51 -13.37 1.78
CA PHE A 283 -1.39 -12.38 0.72
C PHE A 283 -1.99 -12.91 -0.59
N GLY A 284 -2.50 -11.98 -1.42
CA GLY A 284 -3.00 -12.33 -2.74
C GLY A 284 -2.66 -11.29 -3.79
N VAL A 285 -2.48 -11.76 -5.02
CA VAL A 285 -2.14 -10.92 -6.18
C VAL A 285 -2.97 -11.37 -7.38
N ARG A 286 -3.77 -10.46 -7.93
CA ARG A 286 -4.49 -10.72 -9.17
C ARG A 286 -4.11 -9.69 -10.24
N PHE A 287 -3.68 -10.19 -11.41
CA PHE A 287 -3.24 -9.39 -12.54
C PHE A 287 -4.22 -9.53 -13.71
N ASN A 288 -4.52 -8.41 -14.38
CA ASN A 288 -5.29 -8.43 -15.62
C ASN A 288 -4.58 -7.56 -16.66
N GLY A 289 -4.28 -8.15 -17.82
CA GLY A 289 -3.70 -7.42 -18.94
C GLY A 289 -4.47 -7.60 -20.25
N VAL A 290 -4.74 -6.49 -20.96
CA VAL A 290 -5.53 -6.51 -22.19
C VAL A 290 -4.80 -5.68 -23.26
N TYR A 291 -4.87 -6.15 -24.50
CA TYR A 291 -4.53 -5.30 -25.65
C TYR A 291 -5.46 -5.67 -26.79
N ARG A 292 -6.24 -4.70 -27.26
CA ARG A 292 -7.18 -4.86 -28.37
C ARG A 292 -6.91 -3.76 -29.39
N ASN A 293 -6.79 -4.14 -30.67
CA ASN A 293 -6.40 -3.17 -31.70
C ASN A 293 -7.03 -3.52 -33.04
N GLY A 294 -7.62 -2.54 -33.71
CA GLY A 294 -8.01 -2.69 -35.10
C GLY A 294 -9.19 -1.83 -35.51
N ASP A 295 -9.62 -2.04 -36.76
CA ASP A 295 -10.73 -1.27 -37.33
C ASP A 295 -12.04 -1.62 -36.63
N THR A 296 -12.84 -0.60 -36.28
CA THR A 296 -14.15 -0.82 -35.66
C THR A 296 -15.22 -1.09 -36.73
N ALA A 297 -16.49 -1.09 -36.31
CA ALA A 297 -17.62 -1.39 -37.18
C ALA A 297 -18.16 -0.17 -37.89
N VAL A 298 -17.64 1.03 -37.57
CA VAL A 298 -18.04 2.30 -38.19
C VAL A 298 -17.04 2.69 -39.29
N ASP A 299 -17.50 3.48 -40.27
CA ASP A 299 -16.66 3.81 -41.43
C ASP A 299 -15.39 4.57 -41.02
N HIS A 300 -14.25 4.14 -41.54
CA HIS A 300 -12.97 4.83 -41.37
C HIS A 300 -12.71 5.17 -39.90
N GLN A 301 -12.86 4.17 -39.02
CA GLN A 301 -12.52 4.31 -37.60
C GLN A 301 -11.67 3.11 -37.19
N SER A 302 -10.64 3.37 -36.40
CA SER A 302 -9.87 2.33 -35.72
C SER A 302 -9.63 2.74 -34.28
N ARG A 303 -9.34 1.73 -33.45
CA ARG A 303 -9.20 1.91 -32.00
C ARG A 303 -8.07 1.01 -31.48
N GLU A 304 -7.25 1.56 -30.57
CA GLU A 304 -6.21 0.81 -29.86
C GLU A 304 -6.37 0.99 -28.35
N PHE A 305 -6.32 -0.12 -27.61
CA PHE A 305 -6.68 -0.14 -26.18
C PHE A 305 -5.77 -1.09 -25.41
N PRO A 306 -4.73 -0.56 -24.75
CA PRO A 306 -4.02 -1.33 -23.70
C PRO A 306 -4.53 -1.03 -22.30
N MET A 307 -4.48 -2.06 -21.43
CA MET A 307 -4.94 -1.95 -20.05
C MET A 307 -4.17 -2.88 -19.13
N LEU A 308 -3.87 -2.41 -17.91
CA LEU A 308 -3.17 -3.19 -16.88
C LEU A 308 -3.80 -2.92 -15.52
N SER A 309 -4.05 -3.98 -14.73
CA SER A 309 -4.54 -3.82 -13.37
C SER A 309 -3.93 -4.85 -12.42
N LEU A 310 -3.75 -4.41 -11.16
CA LEU A 310 -3.29 -5.26 -10.07
C LEU A 310 -4.23 -5.10 -8.87
N GLY A 311 -4.81 -6.21 -8.42
CA GLY A 311 -5.53 -6.22 -7.16
C GLY A 311 -4.75 -6.98 -6.09
N LEU A 312 -4.22 -6.28 -5.10
CA LEU A 312 -3.38 -6.87 -4.06
C LEU A 312 -4.06 -6.76 -2.71
N ASP A 313 -3.99 -7.82 -1.89
CA ASP A 313 -4.69 -7.82 -0.61
C ASP A 313 -3.91 -8.59 0.46
N PHE A 314 -4.17 -8.25 1.72
CA PHE A 314 -3.64 -8.96 2.88
C PHE A 314 -4.76 -9.27 3.87
N ARG A 315 -4.79 -10.53 4.33
CA ARG A 315 -5.83 -11.04 5.23
C ARG A 315 -5.15 -11.40 6.55
N GLY A 316 -5.47 -10.68 7.62
CA GLY A 316 -4.84 -10.92 8.91
C GLY A 316 -5.86 -11.11 10.02
N GLU A 317 -5.32 -11.40 11.22
CA GLU A 317 -6.14 -11.76 12.37
C GLU A 317 -7.02 -10.59 12.81
N ARG A 318 -6.45 -9.39 12.90
CA ARG A 318 -7.22 -8.20 13.25
C ARG A 318 -7.17 -7.13 12.16
N LEU A 319 -6.56 -7.42 11.02
CA LEU A 319 -6.17 -6.41 10.04
C LEU A 319 -6.41 -6.92 8.63
N ARG A 320 -6.93 -6.05 7.77
CA ARG A 320 -7.14 -6.35 6.37
C ARG A 320 -6.70 -5.14 5.54
N LEU A 321 -5.89 -5.38 4.51
CA LEU A 321 -5.37 -4.33 3.65
C LEU A 321 -5.59 -4.68 2.19
N SER A 322 -5.60 -3.66 1.32
CA SER A 322 -5.65 -3.89 -0.12
C SER A 322 -5.08 -2.68 -0.86
N SER A 323 -4.54 -2.95 -2.06
CA SER A 323 -4.09 -1.92 -2.98
C SER A 323 -4.54 -2.27 -4.40
N ASP A 324 -5.11 -1.29 -5.10
CA ASP A 324 -5.54 -1.43 -6.49
C ASP A 324 -4.77 -0.46 -7.37
N LEU A 325 -4.17 -0.98 -8.45
CA LEU A 325 -3.48 -0.16 -9.43
C LEU A 325 -4.06 -0.42 -10.81
N LEU A 326 -4.22 0.64 -11.59
CA LEU A 326 -4.86 0.56 -12.90
C LEU A 326 -4.18 1.50 -13.88
N TYR A 327 -3.98 1.03 -15.12
CA TYR A 327 -3.51 1.85 -16.23
C TYR A 327 -4.31 1.53 -17.48
N GLN A 328 -4.76 2.56 -18.17
CA GLN A 328 -5.67 2.40 -19.30
C GLN A 328 -5.38 3.50 -20.33
N LYS A 329 -5.54 3.18 -21.61
CA LYS A 329 -5.48 4.19 -22.67
C LYS A 329 -6.42 3.78 -23.81
N GLU A 330 -7.23 4.73 -24.30
CA GLU A 330 -8.04 4.56 -25.49
C GLU A 330 -7.64 5.58 -26.55
N SER A 331 -7.29 5.08 -27.76
CA SER A 331 -6.87 5.92 -28.89
C SER A 331 -7.79 5.66 -30.08
N LEU A 332 -8.40 6.71 -30.61
CA LEU A 332 -9.34 6.61 -31.72
C LEU A 332 -8.80 7.39 -32.92
N GLU A 333 -8.84 6.77 -34.10
CA GLU A 333 -8.70 7.48 -35.38
C GLU A 333 -10.11 7.60 -35.95
N GLY A 334 -10.68 8.80 -35.90
CA GLY A 334 -12.11 8.99 -36.16
C GLY A 334 -12.94 8.99 -34.88
N VAL A 335 -13.56 10.14 -34.55
CA VAL A 335 -14.30 10.33 -33.30
C VAL A 335 -15.74 10.73 -33.63
N VAL A 336 -16.68 9.84 -33.35
CA VAL A 336 -18.11 10.16 -33.50
C VAL A 336 -18.53 11.14 -32.40
N ARG A 337 -19.46 12.03 -32.72
CA ARG A 337 -19.90 13.10 -31.82
C ARG A 337 -21.40 13.32 -31.98
N PRO A 338 -22.03 13.94 -30.97
CA PRO A 338 -23.48 14.23 -31.02
C PRO A 338 -23.92 15.10 -32.19
N LEU A 339 -25.24 15.08 -32.40
CA LEU A 339 -25.95 15.97 -33.32
C LEU A 339 -26.78 16.95 -32.51
N LEU A 340 -26.54 18.24 -32.68
CA LEU A 340 -27.23 19.29 -31.93
C LEU A 340 -28.38 19.84 -32.77
N THR A 341 -29.42 20.33 -32.09
CA THR A 341 -30.46 21.04 -32.80
C THR A 341 -29.97 22.43 -33.21
N GLY A 342 -30.66 23.02 -34.18
CA GLY A 342 -30.40 24.38 -34.60
C GLY A 342 -31.55 25.30 -34.24
N PRO A 343 -31.36 26.61 -34.45
CA PRO A 343 -32.45 27.56 -34.15
C PRO A 343 -33.73 27.29 -34.91
N GLY A 344 -33.63 26.92 -36.18
CA GLY A 344 -34.82 26.64 -36.97
C GLY A 344 -35.06 25.17 -37.28
N THR A 345 -34.73 24.30 -36.33
CA THR A 345 -35.07 22.88 -36.48
C THR A 345 -36.56 22.72 -36.18
N THR A 346 -37.31 22.16 -37.13
CA THR A 346 -38.73 21.92 -36.92
C THR A 346 -39.10 20.45 -36.88
N HIS A 347 -38.24 19.55 -37.34
CA HIS A 347 -38.45 18.12 -37.16
C HIS A 347 -37.10 17.42 -37.18
N ILE A 348 -37.00 16.32 -36.45
CA ILE A 348 -35.75 15.57 -36.40
C ILE A 348 -35.77 14.59 -37.57
N PRO A 349 -34.75 14.57 -38.41
CA PRO A 349 -34.75 13.64 -39.55
C PRO A 349 -34.45 12.21 -39.10
N HIS A 350 -34.75 11.28 -40.01
CA HIS A 350 -34.55 9.86 -39.76
C HIS A 350 -33.07 9.56 -39.52
N ALA A 351 -32.80 8.68 -38.56
CA ALA A 351 -31.43 8.30 -38.26
C ALA A 351 -30.79 7.63 -39.48
N PRO A 352 -29.54 7.99 -39.80
CA PRO A 352 -28.85 7.35 -40.92
C PRO A 352 -28.38 5.94 -40.54
N ASP A 353 -27.97 5.20 -41.57
CA ASP A 353 -27.21 3.96 -41.39
C ASP A 353 -26.12 4.18 -40.33
N SER A 354 -26.12 3.33 -39.29
CA SER A 354 -25.19 3.53 -38.18
C SER A 354 -23.73 3.26 -38.54
N LYS A 355 -23.45 2.66 -39.70
CA LYS A 355 -22.08 2.58 -40.19
C LYS A 355 -21.57 3.92 -40.75
N THR A 356 -22.45 4.81 -41.18
CA THR A 356 -22.02 6.12 -41.67
C THR A 356 -21.33 6.92 -40.56
N ARG A 357 -20.30 7.70 -40.92
CA ARG A 357 -19.62 8.58 -39.97
C ARG A 357 -19.70 10.00 -40.49
N PHE A 358 -20.64 10.81 -39.96
CA PHE A 358 -20.96 12.11 -40.55
C PHE A 358 -20.23 13.29 -39.88
N GLY A 359 -19.33 13.02 -38.94
CA GLY A 359 -18.58 14.10 -38.31
C GLY A 359 -17.28 14.44 -39.01
N LEU A 360 -16.24 14.78 -38.25
CA LEU A 360 -14.96 15.19 -38.83
C LEU A 360 -14.15 13.96 -39.22
N ARG A 361 -13.73 13.91 -40.48
CA ARG A 361 -13.10 12.69 -40.98
C ARG A 361 -11.82 12.40 -40.23
N ASP A 362 -10.92 13.39 -40.15
CA ASP A 362 -9.60 13.22 -39.54
C ASP A 362 -9.58 13.64 -38.07
N SER A 363 -10.60 13.26 -37.32
CA SER A 363 -10.57 13.46 -35.88
C SER A 363 -9.74 12.37 -35.22
N TYR A 364 -9.20 12.67 -34.04
CA TYR A 364 -8.48 11.68 -33.25
C TYR A 364 -8.75 11.93 -31.77
N LEU A 365 -8.46 10.89 -30.96
CA LEU A 365 -8.44 10.97 -29.50
C LEU A 365 -7.29 10.12 -28.97
N ASP A 366 -6.56 10.67 -28.00
CA ASP A 366 -5.70 9.91 -27.09
C ASP A 366 -6.12 10.25 -25.67
N GLN A 367 -6.62 9.25 -24.93
CA GLN A 367 -7.07 9.42 -23.55
C GLN A 367 -6.41 8.36 -22.67
N GLU A 368 -5.64 8.81 -21.68
CA GLU A 368 -4.91 7.94 -20.77
C GLU A 368 -5.36 8.22 -19.33
N ASP A 369 -5.49 7.16 -18.51
CA ASP A 369 -5.81 7.27 -17.09
C ASP A 369 -5.06 6.22 -16.28
N TYR A 370 -4.48 6.62 -15.15
CA TYR A 370 -3.89 5.65 -14.23
C TYR A 370 -4.05 6.10 -12.77
N SER A 371 -4.28 5.12 -11.87
CA SER A 371 -4.63 5.40 -10.49
C SER A 371 -4.10 4.33 -9.56
N MET A 372 -4.08 4.66 -8.26
CA MET A 372 -3.68 3.76 -7.16
C MET A 372 -4.46 4.14 -5.91
N VAL A 373 -4.93 3.13 -5.16
CA VAL A 373 -5.69 3.40 -3.95
C VAL A 373 -5.40 2.30 -2.93
N ASN A 374 -5.04 2.71 -1.71
CA ASN A 374 -4.77 1.80 -0.60
C ASN A 374 -5.90 1.90 0.41
N ARG A 375 -6.30 0.75 0.95
CA ARG A 375 -7.44 0.66 1.85
C ARG A 375 -7.11 -0.28 3.00
N GLY A 376 -7.83 -0.12 4.11
CA GLY A 376 -7.56 -0.95 5.27
C GLY A 376 -8.65 -0.94 6.31
N GLU A 377 -8.68 -2.02 7.10
CA GLU A 377 -9.54 -2.15 8.27
C GLU A 377 -8.74 -2.74 9.42
N TYR A 378 -9.01 -2.29 10.64
CA TYR A 378 -8.39 -2.85 11.84
C TYR A 378 -9.43 -2.95 12.95
N ASP A 379 -9.69 -4.16 13.43
CA ASP A 379 -10.66 -4.40 14.50
C ASP A 379 -10.04 -4.03 15.85
N LEU A 380 -10.50 -2.92 16.44
CA LEU A 380 -9.99 -2.49 17.74
C LEU A 380 -10.59 -3.30 18.87
N ALA A 381 -11.78 -3.87 18.68
CA ALA A 381 -12.41 -4.74 19.66
C ALA A 381 -13.49 -5.53 18.94
N ASP A 382 -14.20 -6.37 19.69
CA ASP A 382 -15.25 -7.19 19.12
C ASP A 382 -16.40 -6.36 18.56
N ASN A 383 -16.54 -5.12 19.02
CA ASN A 383 -17.63 -4.28 18.55
C ASN A 383 -17.15 -2.94 18.00
N LEU A 384 -15.89 -2.85 17.57
CA LEU A 384 -15.37 -1.60 17.03
C LEU A 384 -14.40 -1.89 15.89
N THR A 385 -14.49 -1.12 14.81
CA THR A 385 -13.57 -1.26 13.69
C THR A 385 -13.26 0.11 13.10
N ALA A 386 -11.98 0.34 12.81
CA ALA A 386 -11.50 1.54 12.12
C ALA A 386 -11.16 1.23 10.67
N PHE A 387 -11.36 2.22 9.79
CA PHE A 387 -11.09 2.07 8.37
C PHE A 387 -10.51 3.36 7.78
N ALA A 388 -9.79 3.22 6.67
CA ALA A 388 -9.26 4.37 5.96
C ALA A 388 -8.87 3.95 4.55
N SER A 389 -8.96 4.92 3.64
CA SER A 389 -8.51 4.76 2.26
C SER A 389 -7.80 6.03 1.81
N ILE A 390 -6.84 5.89 0.89
CA ILE A 390 -6.19 7.03 0.22
C ILE A 390 -5.83 6.64 -1.21
N GLY A 391 -6.19 7.49 -2.18
CA GLY A 391 -5.92 7.21 -3.57
C GLY A 391 -5.64 8.46 -4.40
N GLY A 392 -5.10 8.23 -5.59
CA GLY A 392 -4.85 9.32 -6.53
C GLY A 392 -4.95 8.86 -7.98
N ARG A 393 -5.33 9.81 -8.85
CA ARG A 393 -5.51 9.54 -10.28
C ARG A 393 -4.88 10.64 -11.12
N GLN A 394 -4.23 10.23 -12.22
CA GLN A 394 -3.78 11.11 -13.29
C GLN A 394 -4.55 10.79 -14.56
N SER A 395 -4.97 11.81 -15.31
CA SER A 395 -5.80 11.62 -16.48
C SER A 395 -5.40 12.66 -17.53
N ASN A 396 -4.96 12.21 -18.72
CA ASN A 396 -4.45 13.07 -19.81
C ASN A 396 -5.29 12.92 -21.09
N TYR A 397 -5.71 14.06 -21.65
CA TYR A 397 -6.72 14.12 -22.71
C TYR A 397 -6.19 14.95 -23.89
N GLU A 398 -6.25 14.39 -25.11
CA GLU A 398 -5.87 15.13 -26.32
C GLU A 398 -6.85 14.83 -27.44
N THR A 399 -7.37 15.86 -28.10
CA THR A 399 -8.37 15.59 -29.15
C THR A 399 -8.52 16.74 -30.14
N ILE A 400 -8.82 16.36 -31.39
CA ILE A 400 -9.50 17.24 -32.34
C ILE A 400 -10.69 16.49 -32.90
N ALA A 401 -11.86 17.11 -32.88
CA ALA A 401 -13.08 16.49 -33.40
C ALA A 401 -14.09 17.60 -33.61
N ALA A 402 -15.34 17.24 -33.91
CA ALA A 402 -16.36 18.23 -34.25
C ALA A 402 -17.74 17.71 -33.88
N ASN A 403 -18.59 18.59 -33.36
CA ASN A 403 -20.00 18.32 -33.15
C ASN A 403 -20.79 18.71 -34.40
N SER A 404 -21.85 17.96 -34.68
CA SER A 404 -22.64 18.19 -35.90
C SER A 404 -23.92 18.96 -35.56
N ILE A 405 -24.13 20.10 -36.22
CA ILE A 405 -25.30 20.94 -35.99
C ILE A 405 -26.28 20.79 -37.15
N LEU A 406 -27.53 20.47 -36.83
CA LEU A 406 -28.56 20.41 -37.85
C LEU A 406 -28.76 21.78 -38.51
N VAL A 407 -28.86 21.78 -39.83
CA VAL A 407 -29.11 22.99 -40.62
C VAL A 407 -30.18 22.67 -41.65
N GLY A 408 -31.23 23.49 -41.70
CA GLY A 408 -32.33 23.05 -42.54
C GLY A 408 -33.05 21.88 -41.88
N ASN A 409 -33.78 21.12 -42.71
CA ASN A 409 -34.58 20.03 -42.17
C ASN A 409 -34.60 18.81 -43.09
N GLN A 410 -33.67 18.70 -44.02
CA GLN A 410 -33.56 17.54 -44.89
C GLN A 410 -32.33 16.70 -44.60
N GLY A 411 -31.54 17.06 -43.61
CA GLY A 411 -30.39 16.26 -43.24
C GLY A 411 -29.06 16.96 -43.39
N ASP A 412 -29.03 18.20 -43.90
CA ASP A 412 -27.78 18.93 -43.98
C ASP A 412 -27.32 19.35 -42.59
N ILE A 413 -26.00 19.36 -42.39
CA ILE A 413 -25.40 19.73 -41.11
C ILE A 413 -24.25 20.69 -41.36
N VAL A 414 -23.82 21.34 -40.28
CA VAL A 414 -22.54 22.04 -40.20
C VAL A 414 -21.75 21.43 -39.05
N ASN A 415 -20.49 21.09 -39.31
CA ASN A 415 -19.61 20.48 -38.33
C ASN A 415 -18.76 21.57 -37.68
N SER A 416 -18.78 21.64 -36.36
CA SER A 416 -18.11 22.71 -35.62
C SER A 416 -16.87 22.13 -34.95
N LEU A 417 -15.69 22.53 -35.42
CA LEU A 417 -14.44 21.88 -35.03
C LEU A 417 -13.83 22.48 -33.77
N ALA A 418 -13.11 21.64 -33.02
CA ALA A 418 -12.37 22.09 -31.84
C ALA A 418 -11.17 21.20 -31.58
N ARG A 419 -10.13 21.78 -30.98
CA ARG A 419 -9.09 21.05 -30.26
C ARG A 419 -9.32 21.21 -28.75
N GLN A 420 -9.07 20.15 -27.97
CA GLN A 420 -9.15 20.21 -26.51
C GLN A 420 -7.97 19.46 -25.91
N ARG A 421 -7.46 19.94 -24.78
CA ARG A 421 -6.35 19.30 -24.08
C ARG A 421 -6.62 19.36 -22.59
N GLY A 422 -6.32 18.27 -21.87
CA GLY A 422 -6.66 18.15 -20.46
C GLY A 422 -5.60 17.45 -19.63
N ASP A 423 -5.37 17.97 -18.43
CA ASP A 423 -4.38 17.42 -17.50
C ASP A 423 -5.03 17.53 -16.12
N ARG A 424 -5.51 16.39 -15.60
CA ARG A 424 -6.35 16.35 -14.40
C ARG A 424 -5.70 15.49 -13.32
N ARG A 425 -5.50 16.07 -12.13
CA ARG A 425 -4.81 15.42 -11.02
C ARG A 425 -5.74 15.39 -9.81
N THR A 426 -6.04 14.19 -9.30
CA THR A 426 -7.06 14.01 -8.28
C THR A 426 -6.58 13.11 -7.13
N TYR A 427 -6.91 13.50 -5.90
CA TYR A 427 -6.65 12.71 -4.71
C TYR A 427 -7.97 12.55 -3.97
N SER A 428 -8.12 11.42 -3.25
CA SER A 428 -9.40 11.00 -2.70
C SER A 428 -9.16 10.12 -1.48
N ALA A 429 -9.84 10.42 -0.37
CA ALA A 429 -9.52 9.84 0.93
C ALA A 429 -10.78 9.70 1.76
N GLU A 430 -10.77 8.74 2.70
CA GLU A 430 -11.79 8.62 3.73
C GLU A 430 -11.19 7.98 4.98
N VAL A 431 -11.85 8.20 6.12
CA VAL A 431 -11.43 7.69 7.43
C VAL A 431 -12.67 7.58 8.32
N GLY A 432 -12.71 6.55 9.17
CA GLY A 432 -13.88 6.43 10.04
C GLY A 432 -13.81 5.28 11.02
N LEU A 433 -14.91 5.13 11.77
CA LEU A 433 -15.13 4.05 12.72
C LEU A 433 -16.53 3.48 12.52
N ARG A 434 -16.67 2.20 12.83
CA ARG A 434 -17.96 1.48 12.84
C ARG A 434 -18.05 0.60 14.08
N GLY A 435 -19.24 0.50 14.67
CA GLY A 435 -19.41 -0.35 15.83
C GLY A 435 -20.86 -0.72 16.10
N ASN A 436 -21.09 -1.33 17.27
CA ASN A 436 -22.42 -1.80 17.63
C ASN A 436 -22.56 -1.94 19.14
N PHE A 437 -23.73 -1.54 19.66
CA PHE A 437 -24.08 -1.77 21.07
C PHE A 437 -25.59 -1.94 21.20
N ASP A 438 -26.01 -2.54 22.33
CA ASP A 438 -27.39 -2.91 22.58
C ASP A 438 -27.97 -2.03 23.68
N THR A 439 -29.07 -1.33 23.39
CA THR A 439 -29.81 -0.57 24.39
C THR A 439 -31.10 -1.31 24.75
N GLY A 440 -30.96 -2.49 25.35
CA GLY A 440 -32.10 -3.23 25.83
C GLY A 440 -32.61 -4.20 24.80
N PRO A 441 -33.83 -3.97 24.29
CA PRO A 441 -34.32 -4.68 23.11
C PRO A 441 -33.96 -4.00 21.78
N LEU A 442 -33.02 -3.05 21.78
CA LEU A 442 -32.67 -2.30 20.59
C LEU A 442 -31.17 -2.41 20.33
N ARG A 443 -30.80 -2.77 19.11
CA ARG A 443 -29.40 -2.84 18.71
C ARG A 443 -29.05 -1.65 17.83
N HIS A 444 -27.89 -1.04 18.11
CA HIS A 444 -27.35 0.08 17.36
C HIS A 444 -26.20 -0.40 16.51
N ASP A 445 -26.31 -0.23 15.18
CA ASP A 445 -25.19 -0.41 14.26
C ASP A 445 -24.87 0.96 13.66
N TRP A 446 -23.73 1.53 14.06
CA TRP A 446 -23.43 2.95 13.80
C TRP A 446 -22.11 3.11 13.05
N THR A 447 -21.99 4.26 12.38
CA THR A 447 -20.84 4.57 11.54
C THR A 447 -20.56 6.06 11.65
N LEU A 448 -19.30 6.42 11.92
CA LEU A 448 -18.85 7.81 11.87
C LEU A 448 -17.77 7.92 10.80
N SER A 449 -17.93 8.85 9.85
CA SER A 449 -17.12 8.82 8.65
C SER A 449 -16.79 10.24 8.17
N ALA A 450 -15.58 10.43 7.64
CA ALA A 450 -15.20 11.68 7.02
C ALA A 450 -14.44 11.41 5.71
N ASN A 451 -14.64 12.26 4.70
CA ASN A 451 -14.00 12.06 3.40
C ASN A 451 -13.49 13.37 2.83
N ARG A 452 -12.70 13.29 1.76
CA ARG A 452 -12.02 14.47 1.20
C ARG A 452 -11.55 14.20 -0.23
N LEU A 453 -11.98 15.03 -1.18
CA LEU A 453 -11.49 14.98 -2.55
C LEU A 453 -10.89 16.32 -2.93
N HIS A 454 -9.73 16.29 -3.59
CA HIS A 454 -9.04 17.49 -4.05
C HIS A 454 -8.50 17.28 -5.46
N GLU A 455 -8.75 18.24 -6.35
CA GLU A 455 -8.37 18.11 -7.75
C GLU A 455 -7.75 19.39 -8.29
N ARG A 456 -6.72 19.23 -9.12
CA ARG A 456 -6.17 20.31 -9.94
C ARG A 456 -6.33 19.93 -11.41
N LEU A 457 -6.94 20.84 -12.19
CA LEU A 457 -7.25 20.61 -13.60
C LEU A 457 -6.66 21.70 -14.47
N GLY A 458 -6.01 21.31 -15.56
CA GLY A 458 -5.77 22.20 -16.68
C GLY A 458 -6.59 21.74 -17.88
N MET A 459 -7.50 22.58 -18.37
CA MET A 459 -8.37 22.22 -19.49
C MET A 459 -8.44 23.40 -20.45
N VAL A 460 -7.89 23.23 -21.65
CA VAL A 460 -7.84 24.28 -22.68
C VAL A 460 -8.57 23.80 -23.93
N TYR A 461 -9.07 24.77 -24.71
CA TYR A 461 -9.87 24.45 -25.89
C TYR A 461 -9.96 25.65 -26.82
N ALA A 462 -10.08 25.37 -28.13
CA ALA A 462 -10.37 26.40 -29.14
C ALA A 462 -11.29 25.83 -30.21
N PHE A 463 -12.41 26.52 -30.44
CA PHE A 463 -13.40 26.17 -31.46
C PHE A 463 -13.13 27.04 -32.70
N THR A 464 -12.57 26.43 -33.74
CA THR A 464 -12.30 27.13 -35.00
C THR A 464 -12.70 26.24 -36.17
N GLY A 465 -13.57 26.75 -37.04
CA GLY A 465 -13.96 25.95 -38.21
C GLY A 465 -15.42 25.56 -38.22
N MET A 466 -16.08 25.82 -39.35
CA MET A 466 -17.45 25.41 -39.62
C MET A 466 -17.50 24.79 -41.01
N GLN A 467 -17.73 23.48 -41.10
CA GLN A 467 -17.61 22.74 -42.36
C GLN A 467 -18.92 22.05 -42.74
N SER A 468 -19.32 22.23 -44.01
CA SER A 468 -20.56 21.67 -44.54
C SER A 468 -20.54 20.14 -44.55
N GLY A 469 -21.71 19.54 -44.31
CA GLY A 469 -21.84 18.10 -44.32
C GLY A 469 -23.27 17.66 -44.52
N ASN A 470 -23.49 16.36 -44.35
CA ASN A 470 -24.81 15.76 -44.52
C ASN A 470 -24.91 14.48 -43.71
N LEU A 471 -26.05 14.30 -43.03
CA LEU A 471 -26.28 13.16 -42.13
C LEU A 471 -26.01 11.83 -42.79
N TYR A 472 -26.36 11.69 -44.08
CA TYR A 472 -26.42 10.40 -44.75
C TYR A 472 -25.18 10.10 -45.58
N GLN A 473 -24.11 10.89 -45.41
CA GLN A 473 -22.86 10.66 -46.13
C GLN A 473 -21.71 10.58 -45.14
N THR A 474 -20.80 9.63 -45.35
CA THR A 474 -19.59 9.60 -44.55
C THR A 474 -18.64 10.69 -45.06
N SER A 475 -18.12 11.52 -44.14
CA SER A 475 -17.46 12.77 -44.53
C SER A 475 -16.15 12.53 -45.27
N PRO A 476 -15.80 13.41 -46.21
CA PRO A 476 -14.48 13.37 -46.84
C PRO A 476 -13.43 14.01 -45.96
N HIS A 477 -12.16 13.70 -46.24
CA HIS A 477 -11.07 14.47 -45.67
C HIS A 477 -11.33 15.95 -45.87
N THR A 478 -11.29 16.72 -44.77
CA THR A 478 -11.48 18.15 -44.76
C THR A 478 -10.32 18.80 -44.01
N PRO A 479 -10.18 20.13 -44.09
CA PRO A 479 -9.01 20.75 -43.47
C PRO A 479 -9.11 20.76 -41.96
N LEU A 480 -7.93 20.63 -41.32
CA LEU A 480 -7.81 20.83 -39.89
C LEU A 480 -7.18 22.18 -39.64
N PRO A 481 -7.89 23.10 -38.97
CA PRO A 481 -7.33 24.44 -38.74
C PRO A 481 -6.07 24.39 -37.90
N ASP A 482 -5.33 25.50 -37.97
CA ASP A 482 -4.12 25.65 -37.15
C ASP A 482 -4.51 25.86 -35.69
N PHE A 483 -4.19 24.89 -34.83
CA PHE A 483 -4.46 24.99 -33.40
C PHE A 483 -3.18 25.12 -32.56
N SER A 484 -2.12 25.70 -33.12
CA SER A 484 -0.82 25.68 -32.44
C SER A 484 -0.76 26.65 -31.27
N SER A 485 -1.75 27.54 -31.14
CA SER A 485 -1.81 28.42 -29.98
C SER A 485 -2.05 27.67 -28.68
N LEU A 486 -2.44 26.38 -28.72
CA LEU A 486 -2.60 25.58 -27.51
C LEU A 486 -1.41 24.68 -27.26
N ASP A 487 -0.39 24.73 -28.11
CA ASP A 487 0.81 23.91 -27.93
C ASP A 487 1.53 24.29 -26.64
N GLY A 488 2.32 23.36 -26.13
CA GLY A 488 3.10 23.59 -24.94
C GLY A 488 2.44 23.09 -23.68
N SER A 489 2.88 23.68 -22.57
CA SER A 489 2.35 23.32 -21.27
C SER A 489 0.89 23.73 -21.15
N ILE A 490 0.11 22.90 -20.46
CA ILE A 490 -1.31 23.15 -20.23
C ILE A 490 -1.44 23.96 -18.94
N PRO A 491 -2.04 25.15 -18.96
CA PRO A 491 -2.16 25.93 -17.72
C PRO A 491 -3.30 25.46 -16.83
N LYS A 492 -3.13 25.70 -15.53
CA LYS A 492 -4.18 25.40 -14.58
C LYS A 492 -5.41 26.27 -14.85
N THR A 493 -6.59 25.66 -14.84
CA THR A 493 -7.83 26.38 -15.04
C THR A 493 -8.87 26.13 -13.94
N ASN A 494 -8.76 25.09 -13.13
CA ASN A 494 -9.68 24.88 -12.01
C ASN A 494 -8.98 24.14 -10.87
N GLU A 495 -9.40 24.45 -9.62
CA GLU A 495 -9.02 23.72 -8.41
C GLU A 495 -10.26 23.47 -7.58
N THR A 496 -10.43 22.23 -7.10
CA THR A 496 -11.66 21.81 -6.44
C THR A 496 -11.33 21.12 -5.13
N ASP A 497 -12.10 21.43 -4.08
CA ASP A 497 -11.98 20.71 -2.82
C ASP A 497 -13.36 20.41 -2.26
N LEU A 498 -13.63 19.12 -2.05
CA LEU A 498 -14.85 18.61 -1.44
C LEU A 498 -14.49 17.85 -0.18
N GLY A 499 -15.20 18.11 0.92
CA GLY A 499 -14.91 17.41 2.17
C GLY A 499 -16.11 17.39 3.08
N GLY A 500 -16.26 16.31 3.84
CA GLY A 500 -17.45 16.13 4.66
C GLY A 500 -17.25 15.24 5.86
N VAL A 501 -18.19 15.33 6.79
CA VAL A 501 -18.26 14.45 7.96
C VAL A 501 -19.69 13.94 8.08
N ALA A 502 -19.86 12.67 8.44
CA ALA A 502 -21.19 12.10 8.53
C ALA A 502 -21.29 11.16 9.72
N LEU A 503 -22.52 11.04 10.23
CA LEU A 503 -22.85 10.07 11.28
C LEU A 503 -24.15 9.37 10.89
N ALA A 504 -24.17 8.03 11.00
CA ALA A 504 -25.39 7.28 10.71
C ALA A 504 -25.57 6.17 11.74
N ASP A 505 -26.82 5.81 12.00
CA ASP A 505 -27.14 4.76 12.97
C ASP A 505 -28.31 3.92 12.48
N ARG A 506 -28.14 2.60 12.44
CA ARG A 506 -29.24 1.68 12.11
C ARG A 506 -29.77 1.02 13.37
N LEU A 507 -31.05 1.25 13.65
CA LEU A 507 -31.73 0.71 14.82
C LEU A 507 -32.48 -0.57 14.44
N SER A 508 -32.11 -1.69 15.05
CA SER A 508 -32.76 -2.96 14.78
C SER A 508 -33.57 -3.36 16.01
N PHE A 509 -34.82 -3.76 15.82
CA PHE A 509 -35.59 -4.27 16.94
C PHE A 509 -36.55 -5.35 16.46
N LEU A 510 -37.23 -5.95 17.46
CA LEU A 510 -38.17 -7.04 17.24
C LEU A 510 -37.53 -8.15 16.41
N GLU A 511 -36.37 -8.62 16.89
CA GLU A 511 -35.61 -9.69 16.25
C GLU A 511 -35.26 -9.34 14.81
N ASP A 512 -34.78 -8.11 14.61
CA ASP A 512 -34.29 -7.63 13.31
C ASP A 512 -35.37 -7.54 12.24
N ARG A 513 -36.65 -7.69 12.60
CA ARG A 513 -37.73 -7.61 11.62
C ARG A 513 -38.20 -6.19 11.37
N VAL A 514 -37.77 -5.22 12.17
CA VAL A 514 -38.00 -3.81 11.90
C VAL A 514 -36.65 -3.09 12.03
N GLN A 515 -36.28 -2.35 10.98
CA GLN A 515 -34.97 -1.67 10.89
C GLN A 515 -35.20 -0.22 10.49
N VAL A 516 -34.77 0.70 11.35
CA VAL A 516 -34.90 2.14 11.14
C VAL A 516 -33.50 2.72 11.06
N THR A 517 -33.19 3.43 9.95
CA THR A 517 -31.87 4.00 9.72
C THR A 517 -31.96 5.52 9.66
N LEU A 518 -31.10 6.21 10.43
CA LEU A 518 -31.05 7.67 10.45
C LEU A 518 -29.60 8.14 10.27
N GLY A 519 -29.43 9.33 9.68
CA GLY A 519 -28.09 9.86 9.52
C GLY A 519 -28.09 11.29 9.03
N VAL A 520 -26.99 11.98 9.29
CA VAL A 520 -26.81 13.33 8.78
C VAL A 520 -25.35 13.55 8.42
N ARG A 521 -25.12 14.40 7.41
CA ARG A 521 -23.79 14.68 6.86
C ARG A 521 -23.64 16.18 6.69
N ARG A 522 -22.47 16.71 7.03
CA ARG A 522 -22.12 18.09 6.68
C ARG A 522 -21.16 18.09 5.50
N GLN A 523 -21.57 18.66 4.37
CA GLN A 523 -20.82 18.62 3.11
C GLN A 523 -20.28 20.00 2.75
N GLN A 524 -18.95 20.12 2.66
CA GLN A 524 -18.33 21.36 2.19
C GLN A 524 -17.91 21.27 0.72
N ILE A 525 -18.05 22.40 0.02
CA ILE A 525 -17.76 22.53 -1.41
C ILE A 525 -16.90 23.78 -1.61
N GLU A 526 -15.85 23.67 -2.43
CA GLU A 526 -15.03 24.84 -2.77
C GLU A 526 -14.35 24.65 -4.12
N SER A 527 -14.27 25.73 -4.91
CA SER A 527 -13.57 25.70 -6.18
C SER A 527 -13.09 27.10 -6.56
N ARG A 528 -12.01 27.15 -7.38
CA ARG A 528 -11.47 28.35 -7.99
C ARG A 528 -11.25 28.10 -9.48
N ASN A 529 -11.46 29.14 -10.29
CA ASN A 529 -11.28 29.04 -11.74
C ASN A 529 -10.43 30.21 -12.24
N TYR A 530 -9.70 29.94 -13.31
CA TYR A 530 -8.76 30.88 -13.91
C TYR A 530 -8.95 30.91 -15.43
N ASP A 531 -8.81 32.09 -16.01
CA ASP A 531 -9.01 32.21 -17.46
C ASP A 531 -7.92 31.44 -18.21
N GLN A 532 -8.34 30.69 -19.24
CA GLN A 532 -7.41 29.81 -19.94
C GLN A 532 -6.38 30.57 -20.79
N THR A 533 -6.69 31.78 -21.24
CA THR A 533 -5.71 32.54 -22.04
C THR A 533 -4.92 33.54 -21.21
N SER A 534 -5.58 34.11 -20.21
CA SER A 534 -5.07 35.22 -19.42
C SER A 534 -4.54 34.83 -18.05
N GLY A 535 -5.00 33.72 -17.47
CA GLY A 535 -4.61 33.36 -16.12
C GLY A 535 -5.33 34.13 -15.04
N ALA A 536 -6.24 35.03 -15.39
CA ALA A 536 -6.94 35.85 -14.43
C ALA A 536 -7.85 35.01 -13.54
N ARG A 537 -7.97 35.39 -12.26
CA ARG A 537 -8.92 34.72 -11.38
C ARG A 537 -10.34 35.12 -11.77
N THR A 538 -11.20 34.13 -11.99
CA THR A 538 -12.55 34.44 -12.45
C THR A 538 -13.62 34.17 -11.39
N SER A 539 -13.59 33.01 -10.72
CA SER A 539 -14.58 32.69 -9.69
C SER A 539 -13.92 31.94 -8.54
N HIS A 540 -14.57 32.01 -7.36
CA HIS A 540 -14.14 31.30 -6.16
C HIS A 540 -15.38 31.03 -5.31
N ASP A 541 -15.94 29.83 -5.46
CA ASP A 541 -17.14 29.39 -4.75
C ASP A 541 -16.76 28.66 -3.46
N LYS A 542 -17.51 28.91 -2.40
CA LYS A 542 -17.34 28.18 -1.14
C LYS A 542 -18.68 28.07 -0.43
N ARG A 543 -19.12 26.84 -0.15
CA ARG A 543 -20.44 26.57 0.42
C ARG A 543 -20.37 25.38 1.38
N HIS A 544 -21.38 25.28 2.24
CA HIS A 544 -21.63 24.06 3.00
C HIS A 544 -23.13 23.79 3.03
N VAL A 545 -23.48 22.51 3.17
CA VAL A 545 -24.88 22.07 3.26
C VAL A 545 -24.94 20.88 4.22
N TRP A 546 -25.91 20.89 5.14
CA TRP A 546 -26.27 19.71 5.93
C TRP A 546 -27.30 18.88 5.18
N THR A 547 -27.11 17.55 5.16
CA THR A 547 -28.01 16.67 4.37
C THR A 547 -28.28 15.33 5.07
N PRO A 548 -29.58 14.92 5.27
CA PRO A 548 -29.88 13.71 6.05
C PRO A 548 -30.54 12.57 5.27
N MET A 549 -30.81 11.45 5.97
CA MET A 549 -31.64 10.37 5.47
C MET A 549 -32.46 9.78 6.62
N ALA A 550 -33.53 9.09 6.24
CA ALA A 550 -34.38 8.32 7.14
C ALA A 550 -34.94 7.16 6.34
N SER A 551 -34.91 5.97 6.90
CA SER A 551 -35.47 4.81 6.23
C SER A 551 -36.04 3.88 7.29
N VAL A 552 -37.00 3.06 6.85
CA VAL A 552 -37.60 2.01 7.68
C VAL A 552 -37.91 0.82 6.78
N LEU A 553 -37.47 -0.37 7.20
CA LEU A 553 -37.74 -1.63 6.52
C LEU A 553 -38.40 -2.57 7.51
N VAL A 554 -39.48 -3.24 7.07
CA VAL A 554 -40.21 -4.22 7.86
C VAL A 554 -40.21 -5.55 7.12
N LYS A 555 -40.10 -6.67 7.86
CA LYS A 555 -40.04 -8.02 7.30
C LYS A 555 -41.25 -8.84 7.78
N PRO A 556 -42.42 -8.65 7.18
CA PRO A 556 -43.58 -9.45 7.62
C PRO A 556 -43.38 -10.95 7.44
N LEU A 557 -42.83 -11.39 6.31
CA LEU A 557 -42.40 -12.76 6.12
C LEU A 557 -40.88 -12.80 6.03
N GLN A 558 -40.31 -13.98 6.26
CA GLN A 558 -38.85 -14.10 6.14
C GLN A 558 -38.36 -13.80 4.72
N ASP A 559 -39.23 -13.86 3.72
CA ASP A 559 -38.86 -13.66 2.33
C ASP A 559 -39.55 -12.47 1.68
N LEU A 560 -40.17 -11.59 2.48
CA LEU A 560 -40.83 -10.40 1.96
C LEU A 560 -40.38 -9.22 2.80
N SER A 561 -39.81 -8.20 2.14
CA SER A 561 -39.44 -6.95 2.80
C SER A 561 -40.25 -5.79 2.22
N LEU A 562 -40.68 -4.87 3.10
CA LEU A 562 -41.30 -3.62 2.70
C LEU A 562 -40.46 -2.47 3.22
N TYR A 563 -40.41 -1.34 2.49
CA TYR A 563 -39.47 -0.30 2.88
C TYR A 563 -39.92 1.07 2.38
N ALA A 564 -39.35 2.11 3.01
CA ALA A 564 -39.51 3.50 2.59
C ALA A 564 -38.23 4.26 2.90
N ASN A 565 -37.82 5.19 2.02
CA ASN A 565 -36.66 6.03 2.32
C ASN A 565 -36.96 7.49 2.01
N TYR A 566 -36.15 8.36 2.62
CA TYR A 566 -36.03 9.76 2.23
C TYR A 566 -34.55 10.08 2.16
N ILE A 567 -34.10 10.69 1.06
CA ILE A 567 -32.69 11.01 0.89
C ILE A 567 -32.55 12.13 -0.12
N GLN A 568 -31.39 12.78 -0.13
CA GLN A 568 -31.15 13.97 -0.94
C GLN A 568 -30.01 13.78 -1.93
N GLY A 569 -29.98 14.65 -2.93
CA GLY A 569 -28.84 14.78 -3.79
C GLY A 569 -28.40 16.24 -3.86
N LEU A 570 -27.11 16.44 -4.15
CA LEU A 570 -26.51 17.78 -4.19
C LEU A 570 -25.71 17.98 -5.47
N SER A 571 -25.83 19.18 -6.07
CA SER A 571 -24.99 19.65 -7.16
C SER A 571 -24.49 21.07 -6.91
N GLN A 572 -23.25 21.34 -7.30
CA GLN A 572 -22.72 22.70 -7.25
C GLN A 572 -23.52 23.59 -8.20
N GLY A 573 -23.66 24.86 -7.82
CA GLY A 573 -24.39 25.79 -8.66
C GLY A 573 -23.65 26.07 -9.96
N GLU A 574 -24.42 26.41 -10.99
CA GLU A 574 -23.85 26.76 -12.28
C GLU A 574 -23.45 28.24 -12.31
N ALA A 575 -22.45 28.55 -13.14
CA ALA A 575 -22.12 29.93 -13.44
C ALA A 575 -23.06 30.47 -14.51
N ALA A 576 -23.37 31.75 -14.41
CA ALA A 576 -24.27 32.35 -15.39
C ALA A 576 -23.58 32.45 -16.75
N PRO A 577 -24.33 32.32 -17.84
CA PRO A 577 -23.74 32.50 -19.17
C PRO A 577 -23.22 33.92 -19.32
N MET A 578 -22.20 34.09 -20.16
CA MET A 578 -21.57 35.40 -20.23
C MET A 578 -22.41 36.42 -20.97
N THR A 579 -23.60 36.04 -21.43
CA THR A 579 -24.55 37.00 -21.97
C THR A 579 -25.55 37.51 -20.93
N ALA A 580 -25.81 36.74 -19.88
CA ALA A 580 -26.78 37.14 -18.87
C ALA A 580 -26.27 38.34 -18.09
N ALA A 581 -27.17 38.95 -17.30
CA ALA A 581 -26.79 40.13 -16.54
C ALA A 581 -25.79 39.81 -15.43
N ASN A 582 -25.82 38.59 -14.89
CA ASN A 582 -24.90 38.23 -13.83
C ASN A 582 -23.80 37.29 -14.33
N ALA A 583 -23.18 37.66 -15.44
CA ALA A 583 -22.32 36.78 -16.25
C ALA A 583 -21.41 35.86 -15.44
N GLY A 584 -20.54 36.41 -14.60
CA GLY A 584 -19.62 35.49 -13.95
C GLY A 584 -20.16 34.66 -12.77
N GLN A 585 -21.38 34.91 -12.30
CA GLN A 585 -21.75 34.49 -10.93
C GLN A 585 -22.17 33.03 -10.84
N VAL A 586 -21.63 32.33 -9.84
CA VAL A 586 -21.95 30.93 -9.59
C VAL A 586 -23.09 30.85 -8.57
N LEU A 587 -24.21 30.23 -8.97
CA LEU A 587 -25.38 30.11 -8.12
C LEU A 587 -25.12 29.18 -6.92
N ALA A 588 -26.05 29.21 -5.97
CA ALA A 588 -26.00 28.36 -4.78
C ALA A 588 -26.35 26.90 -5.15
N PRO A 589 -25.92 25.94 -4.32
CA PRO A 589 -26.07 24.52 -4.68
C PRO A 589 -27.51 24.09 -4.88
N TYR A 590 -27.71 23.09 -5.75
CA TYR A 590 -29.02 22.52 -6.03
C TYR A 590 -29.23 21.29 -5.16
N LYS A 591 -30.31 21.29 -4.37
CA LYS A 591 -30.60 20.17 -3.46
C LYS A 591 -31.78 19.39 -4.02
N ALA A 592 -31.54 18.14 -4.44
CA ALA A 592 -32.62 17.24 -4.82
C ALA A 592 -33.10 16.47 -3.60
N GLU A 593 -34.38 16.08 -3.61
CA GLU A 593 -34.96 15.32 -2.49
C GLU A 593 -35.78 14.14 -3.00
N GLN A 594 -35.47 12.94 -2.52
CA GLN A 594 -36.15 11.72 -2.91
C GLN A 594 -37.04 11.17 -1.79
N TYR A 595 -38.25 10.72 -2.16
CA TYR A 595 -39.08 9.82 -1.38
C TYR A 595 -39.27 8.52 -2.17
N GLU A 596 -39.14 7.37 -1.50
CA GLU A 596 -39.32 6.08 -2.15
C GLU A 596 -40.06 5.12 -1.22
N ILE A 597 -40.92 4.27 -1.80
CA ILE A 597 -41.46 3.09 -1.12
C ILE A 597 -41.38 1.90 -2.06
N GLY A 598 -41.24 0.70 -1.49
CA GLY A 598 -41.19 -0.49 -2.33
C GLY A 598 -41.36 -1.77 -1.54
N ALA A 599 -41.29 -2.89 -2.27
CA ALA A 599 -41.45 -4.23 -1.73
C ALA A 599 -40.56 -5.18 -2.51
N LYS A 600 -39.96 -6.16 -1.82
CA LYS A 600 -39.11 -7.16 -2.47
C LYS A 600 -39.54 -8.54 -2.00
N TYR A 601 -39.67 -9.49 -2.94
CA TYR A 601 -40.23 -10.82 -2.65
C TYR A 601 -39.31 -11.90 -3.20
N ASP A 602 -38.58 -12.59 -2.32
CA ASP A 602 -37.62 -13.61 -2.75
C ASP A 602 -38.25 -14.98 -2.61
N LEU A 603 -38.52 -15.63 -3.75
CA LEU A 603 -39.10 -16.97 -3.82
C LEU A 603 -38.06 -18.06 -3.66
N GLY A 604 -36.83 -17.71 -3.32
CA GLY A 604 -35.77 -18.70 -3.27
C GLY A 604 -35.06 -18.79 -4.60
N GLY A 605 -35.79 -19.16 -5.65
CA GLY A 605 -35.22 -19.29 -6.98
C GLY A 605 -35.23 -18.00 -7.79
N PHE A 606 -36.21 -17.13 -7.54
CA PHE A 606 -36.23 -15.85 -8.23
C PHE A 606 -36.87 -14.80 -7.31
N THR A 607 -36.65 -13.54 -7.66
CA THR A 607 -37.08 -12.41 -6.87
C THR A 607 -37.92 -11.48 -7.73
N THR A 608 -38.96 -10.88 -7.14
CA THR A 608 -39.73 -9.81 -7.75
C THR A 608 -39.63 -8.58 -6.87
N THR A 609 -39.36 -7.40 -7.48
CA THR A 609 -39.37 -6.13 -6.76
C THR A 609 -40.28 -5.12 -7.45
N LEU A 610 -40.76 -4.18 -6.66
CA LEU A 610 -41.67 -3.12 -7.09
C LEU A 610 -41.26 -1.87 -6.35
N ALA A 611 -41.27 -0.72 -7.04
CA ALA A 611 -40.85 0.51 -6.38
C ALA A 611 -41.65 1.68 -6.93
N LEU A 612 -41.88 2.67 -6.06
CA LEU A 612 -42.43 3.95 -6.47
C LEU A 612 -41.61 5.05 -5.81
N PHE A 613 -41.22 6.05 -6.61
CA PHE A 613 -40.35 7.13 -6.16
C PHE A 613 -40.84 8.48 -6.65
N GLU A 614 -40.36 9.53 -6.00
CA GLU A 614 -40.41 10.89 -6.52
C GLU A 614 -39.07 11.57 -6.23
N ILE A 615 -38.56 12.33 -7.22
CA ILE A 615 -37.35 13.13 -7.07
C ILE A 615 -37.61 14.55 -7.56
N ARG A 616 -37.51 15.53 -6.65
CA ARG A 616 -37.65 16.95 -6.97
C ARG A 616 -36.29 17.66 -6.91
N LYS A 617 -36.02 18.52 -7.91
CA LYS A 617 -34.72 19.19 -8.02
C LYS A 617 -34.88 20.55 -8.68
N PRO A 618 -34.22 21.59 -8.17
CA PRO A 618 -34.28 22.92 -8.81
C PRO A 618 -33.55 22.95 -10.14
N ASN A 619 -34.05 23.84 -11.04
CA ASN A 619 -33.52 24.11 -12.38
C ASN A 619 -33.14 25.58 -12.52
N ALA A 620 -32.14 25.86 -13.37
CA ALA A 620 -31.67 27.23 -13.59
C ALA A 620 -31.95 27.67 -15.02
N TYR A 621 -32.51 28.87 -15.17
CA TYR A 621 -32.78 29.44 -16.49
C TYR A 621 -32.61 30.96 -16.46
N THR A 622 -32.32 31.54 -17.63
CA THR A 622 -32.24 32.99 -17.80
C THR A 622 -33.65 33.55 -17.96
N ASP A 623 -34.07 34.41 -17.04
CA ASP A 623 -35.46 34.86 -16.97
C ASP A 623 -35.80 35.91 -18.00
N ALA A 624 -36.87 36.68 -17.74
CA ALA A 624 -37.31 37.72 -18.67
C ALA A 624 -36.42 38.96 -18.61
N SER A 625 -35.98 39.33 -17.40
CA SER A 625 -35.04 40.43 -17.20
C SER A 625 -33.58 40.03 -17.45
N ASN A 626 -33.34 38.90 -18.13
CA ASN A 626 -32.00 38.42 -18.45
C ASN A 626 -31.15 38.22 -17.18
N VAL A 627 -31.72 37.50 -16.22
CA VAL A 627 -31.03 37.16 -14.98
C VAL A 627 -31.06 35.65 -14.80
N PHE A 628 -29.88 35.06 -14.59
CA PHE A 628 -29.73 33.63 -14.37
C PHE A 628 -30.20 33.28 -12.96
N ARG A 629 -31.22 32.41 -12.85
CA ARG A 629 -31.77 32.04 -11.56
C ARG A 629 -32.16 30.57 -11.53
N ALA A 630 -31.89 29.92 -10.39
CA ALA A 630 -32.38 28.57 -10.08
C ALA A 630 -33.83 28.56 -9.63
N ASP A 631 -34.68 29.33 -10.32
CA ASP A 631 -36.09 29.42 -9.96
C ASP A 631 -36.93 28.28 -10.55
N GLY A 632 -36.36 27.46 -11.44
CA GLY A 632 -37.13 26.35 -11.98
C GLY A 632 -37.11 25.14 -11.07
N GLU A 633 -38.11 24.26 -11.25
CA GLU A 633 -38.17 23.01 -10.50
C GLU A 633 -38.57 21.88 -11.43
N GLN A 634 -37.98 20.70 -11.18
CA GLN A 634 -38.29 19.46 -11.87
C GLN A 634 -38.90 18.46 -10.89
N ARG A 635 -39.94 17.73 -11.32
CA ARG A 635 -40.61 16.73 -10.47
C ARG A 635 -40.75 15.42 -11.23
N ASN A 636 -39.85 14.46 -10.98
CA ASN A 636 -39.85 13.15 -11.63
C ASN A 636 -40.52 12.11 -10.70
N ARG A 637 -41.61 11.51 -11.15
CA ARG A 637 -42.26 10.45 -10.40
C ARG A 637 -42.31 9.17 -11.26
N GLY A 638 -42.00 8.02 -10.65
CA GLY A 638 -41.87 6.79 -11.41
C GLY A 638 -42.28 5.53 -10.67
N VAL A 639 -42.38 4.43 -11.46
CA VAL A 639 -42.70 3.08 -11.00
C VAL A 639 -41.65 2.12 -11.57
N GLU A 640 -41.14 1.21 -10.74
CA GLU A 640 -40.14 0.26 -11.24
C GLU A 640 -40.55 -1.16 -10.89
N LEU A 641 -40.49 -2.05 -11.89
CA LEU A 641 -40.78 -3.47 -11.66
C LEU A 641 -39.62 -4.31 -12.21
N SER A 642 -39.31 -5.40 -11.53
CA SER A 642 -38.25 -6.29 -12.02
C SER A 642 -38.44 -7.71 -11.51
N LEU A 643 -38.03 -8.68 -12.35
CA LEU A 643 -37.91 -10.09 -11.99
C LEU A 643 -36.57 -10.61 -12.47
N TYR A 644 -35.87 -11.34 -11.59
CA TYR A 644 -34.60 -11.94 -11.98
C TYR A 644 -34.42 -13.25 -11.23
N GLY A 645 -33.53 -14.09 -11.73
CA GLY A 645 -33.25 -15.36 -11.10
C GLY A 645 -33.17 -16.53 -12.06
N GLU A 646 -33.49 -17.73 -11.55
CA GLU A 646 -33.49 -18.97 -12.33
C GLU A 646 -34.78 -19.72 -12.00
N PRO A 647 -35.90 -19.35 -12.64
CA PRO A 647 -37.19 -19.95 -12.23
C PRO A 647 -37.35 -21.41 -12.61
N LEU A 648 -36.88 -21.82 -13.78
CA LEU A 648 -36.73 -23.24 -14.11
C LEU A 648 -35.25 -23.59 -14.13
N ASP A 649 -34.94 -24.84 -13.81
CA ASP A 649 -33.54 -25.26 -13.82
C ASP A 649 -32.95 -25.06 -15.22
N GLY A 650 -31.88 -24.27 -15.29
CA GLY A 650 -31.23 -23.99 -16.55
C GLY A 650 -31.88 -22.94 -17.42
N VAL A 651 -32.87 -22.21 -16.90
CA VAL A 651 -33.45 -21.07 -17.60
C VAL A 651 -33.28 -19.86 -16.69
N ARG A 652 -32.35 -18.97 -17.07
CA ARG A 652 -32.04 -17.77 -16.31
C ARG A 652 -32.68 -16.57 -16.99
N VAL A 653 -33.34 -15.73 -16.20
CA VAL A 653 -34.15 -14.62 -16.70
C VAL A 653 -33.81 -13.35 -15.92
N MET A 654 -33.64 -12.23 -16.63
CA MET A 654 -33.57 -10.90 -16.04
C MET A 654 -34.51 -9.99 -16.82
N ALA A 655 -35.56 -9.48 -16.16
CA ALA A 655 -36.53 -8.62 -16.85
C ALA A 655 -36.91 -7.45 -15.96
N GLY A 656 -37.46 -6.41 -16.60
CA GLY A 656 -37.86 -5.23 -15.85
C GLY A 656 -38.50 -4.20 -16.76
N ALA A 657 -39.22 -3.27 -16.11
CA ALA A 657 -39.92 -2.21 -16.82
C ALA A 657 -40.04 -0.99 -15.91
N THR A 658 -39.92 0.20 -16.50
CA THR A 658 -40.08 1.43 -15.73
C THR A 658 -41.04 2.39 -16.44
N TYR A 659 -41.73 3.19 -15.63
CA TYR A 659 -42.57 4.27 -16.14
CA TYR A 659 -42.57 4.26 -16.14
C TYR A 659 -42.28 5.51 -15.32
N ILE A 660 -41.99 6.62 -15.99
CA ILE A 660 -41.69 7.86 -15.28
C ILE A 660 -42.42 9.01 -15.95
N LYS A 661 -42.88 9.96 -15.14
CA LYS A 661 -43.41 11.21 -15.67
C LYS A 661 -42.43 12.31 -15.29
N PRO A 662 -41.61 12.80 -16.22
CA PRO A 662 -40.57 13.77 -15.86
C PRO A 662 -41.05 15.21 -16.05
N GLU A 663 -41.64 15.79 -15.01
CA GLU A 663 -42.41 17.02 -15.17
C GLU A 663 -41.53 18.26 -15.04
N GLN A 664 -41.69 19.20 -15.98
CA GLN A 664 -41.12 20.54 -15.84
C GLN A 664 -42.22 21.41 -15.20
N ASN A 665 -42.37 21.25 -13.88
CA ASN A 665 -43.53 21.82 -13.21
C ASN A 665 -43.37 23.30 -12.88
N LYS A 666 -42.18 23.87 -13.04
CA LYS A 666 -41.97 25.28 -12.73
C LYS A 666 -40.94 25.83 -13.72
N THR A 667 -41.41 26.58 -14.69
CA THR A 667 -40.56 27.27 -15.65
C THR A 667 -41.08 28.69 -15.81
N GLY A 668 -40.32 29.51 -16.52
CA GLY A 668 -40.79 30.86 -16.77
C GLY A 668 -41.59 31.02 -18.04
N ASP A 669 -41.94 29.92 -18.70
CA ASP A 669 -42.40 29.94 -20.08
C ASP A 669 -43.67 29.12 -20.20
N PRO A 670 -44.77 29.71 -20.68
CA PRO A 670 -45.97 28.90 -20.96
C PRO A 670 -45.74 27.83 -22.01
N ALA A 671 -44.73 27.97 -22.86
CA ALA A 671 -44.44 26.97 -23.88
C ALA A 671 -43.85 25.69 -23.27
N SER A 672 -43.27 25.76 -22.07
CA SER A 672 -42.62 24.60 -21.48
C SER A 672 -43.25 24.19 -20.16
N GLU A 673 -44.20 24.95 -19.62
CA GLU A 673 -44.70 24.68 -18.29
C GLU A 673 -45.54 23.41 -18.28
N GLY A 674 -45.19 22.47 -17.40
CA GLY A 674 -45.87 21.20 -17.32
C GLY A 674 -45.49 20.20 -18.40
N LYS A 675 -44.58 20.55 -19.31
CA LYS A 675 -44.11 19.61 -20.31
C LYS A 675 -43.08 18.65 -19.70
N ASP A 676 -42.65 17.69 -20.52
CA ASP A 676 -41.68 16.70 -20.09
C ASP A 676 -40.26 17.26 -20.25
N ALA A 677 -39.39 16.91 -19.30
CA ALA A 677 -37.97 17.20 -19.45
C ALA A 677 -37.43 16.51 -20.71
N PRO A 678 -36.55 17.17 -21.46
CA PRO A 678 -36.04 16.55 -22.68
C PRO A 678 -35.06 15.43 -22.38
N GLY A 679 -35.00 14.45 -23.29
CA GLY A 679 -34.13 13.31 -23.10
C GLY A 679 -34.53 12.34 -22.01
N VAL A 680 -35.83 12.22 -21.71
CA VAL A 680 -36.37 11.25 -20.73
C VAL A 680 -37.58 10.59 -21.37
N ALA A 681 -37.40 9.36 -21.86
CA ALA A 681 -38.56 8.59 -22.30
C ALA A 681 -39.42 8.23 -21.09
N ARG A 682 -40.74 8.24 -21.30
CA ARG A 682 -41.66 7.85 -20.23
C ARG A 682 -41.65 6.34 -19.98
N ARG A 683 -41.43 5.52 -21.03
CA ARG A 683 -41.46 4.06 -20.89
C ARG A 683 -40.12 3.45 -21.30
N GLN A 684 -39.72 2.40 -20.58
CA GLN A 684 -38.49 1.62 -20.85
C GLN A 684 -38.70 0.18 -20.36
N ALA A 685 -38.12 -0.78 -21.08
CA ALA A 685 -38.15 -2.19 -20.68
C ALA A 685 -36.96 -2.96 -21.25
N ASN A 686 -36.63 -4.08 -20.58
CA ASN A 686 -35.55 -5.02 -20.92
C ASN A 686 -36.01 -6.44 -20.60
N LEU A 687 -35.66 -7.41 -21.48
CA LEU A 687 -35.96 -8.83 -21.24
C LEU A 687 -34.80 -9.69 -21.70
N GLY A 688 -34.13 -10.35 -20.76
CA GLY A 688 -33.01 -11.23 -21.07
C GLY A 688 -33.27 -12.67 -20.64
N VAL A 689 -32.89 -13.62 -21.49
CA VAL A 689 -33.03 -15.04 -21.27
C VAL A 689 -31.70 -15.73 -21.56
N SER A 690 -31.36 -16.73 -20.75
CA SER A 690 -30.16 -17.54 -20.98
C SER A 690 -30.50 -18.98 -20.61
N TRP A 691 -30.21 -19.90 -21.53
CA TRP A 691 -30.81 -21.23 -21.54
C TRP A 691 -29.73 -22.27 -21.78
N ASP A 692 -29.48 -23.13 -20.79
CA ASP A 692 -28.62 -24.29 -20.97
C ASP A 692 -29.44 -25.34 -21.71
N THR A 693 -29.06 -25.64 -22.93
CA THR A 693 -29.82 -26.57 -23.74
C THR A 693 -29.74 -27.96 -23.12
N PRO A 694 -30.87 -28.62 -22.84
CA PRO A 694 -30.81 -29.99 -22.33
C PRO A 694 -30.33 -31.00 -23.37
N PHE A 695 -30.29 -30.63 -24.66
CA PHE A 695 -30.01 -31.60 -25.71
C PHE A 695 -28.58 -31.53 -26.24
N VAL A 696 -27.79 -30.50 -25.92
CA VAL A 696 -26.36 -30.48 -26.23
C VAL A 696 -25.58 -30.12 -24.96
N ASP A 697 -24.62 -30.97 -24.59
CA ASP A 697 -23.88 -30.78 -23.35
C ASP A 697 -22.98 -29.57 -23.46
N GLY A 698 -23.09 -28.64 -22.50
CA GLY A 698 -22.21 -27.50 -22.42
C GLY A 698 -22.52 -26.33 -23.32
N LEU A 699 -23.68 -26.30 -23.97
CA LEU A 699 -24.04 -25.23 -24.88
C LEU A 699 -25.13 -24.37 -24.27
N THR A 700 -24.96 -23.04 -24.36
CA THR A 700 -25.86 -22.07 -23.77
C THR A 700 -26.21 -21.01 -24.81
N LEU A 701 -27.50 -20.66 -24.88
CA LEU A 701 -28.03 -19.70 -25.86
C LEU A 701 -28.64 -18.52 -25.11
N ASP A 702 -28.32 -17.29 -25.55
CA ASP A 702 -28.76 -16.06 -24.91
C ASP A 702 -29.53 -15.19 -25.89
N SER A 703 -30.49 -14.43 -25.36
CA SER A 703 -31.24 -13.47 -26.16
C SER A 703 -31.67 -12.31 -25.28
N ARG A 704 -31.60 -11.09 -25.84
CA ARG A 704 -31.92 -9.88 -25.10
C ARG A 704 -32.76 -8.96 -25.98
N TRP A 705 -33.66 -8.22 -25.33
CA TRP A 705 -34.50 -7.25 -26.01
C TRP A 705 -34.57 -5.99 -25.16
N ILE A 706 -34.19 -4.85 -25.75
CA ILE A 706 -34.13 -3.58 -25.07
C ILE A 706 -35.10 -2.64 -25.77
N TYR A 707 -35.93 -1.94 -25.00
CA TYR A 707 -36.92 -1.04 -25.56
C TYR A 707 -36.85 0.32 -24.88
N THR A 708 -36.90 1.38 -25.69
CA THR A 708 -36.98 2.75 -25.21
C THR A 708 -38.13 3.44 -25.92
N GLY A 709 -39.01 4.09 -25.16
CA GLY A 709 -40.14 4.79 -25.74
C GLY A 709 -39.75 6.14 -26.32
N SER A 710 -40.74 6.79 -26.93
CA SER A 710 -40.60 8.12 -27.50
C SER A 710 -40.12 9.11 -26.43
N ALA A 711 -39.43 10.17 -26.89
CA ALA A 711 -38.92 11.23 -26.02
C ALA A 711 -38.79 12.51 -26.85
N TYR A 712 -38.50 13.61 -26.15
CA TYR A 712 -38.35 14.92 -26.75
C TYR A 712 -36.93 15.45 -26.56
N VAL A 713 -36.54 16.37 -27.46
CA VAL A 713 -35.21 16.98 -27.43
C VAL A 713 -35.25 18.40 -26.86
N ASP A 714 -36.40 19.08 -26.89
CA ASP A 714 -36.54 20.47 -26.51
C ASP A 714 -37.49 20.63 -25.33
N SER A 715 -37.30 21.71 -24.57
CA SER A 715 -38.15 21.92 -23.40
C SER A 715 -39.59 22.24 -23.80
N ALA A 716 -39.80 22.77 -24.99
CA ALA A 716 -41.17 22.98 -25.45
C ALA A 716 -41.84 21.72 -25.99
N ASN A 717 -41.11 20.60 -26.08
CA ASN A 717 -41.66 19.33 -26.58
C ASN A 717 -42.17 19.45 -28.01
N ALA A 718 -41.55 20.31 -28.82
CA ALA A 718 -41.96 20.42 -30.22
C ALA A 718 -41.24 19.43 -31.12
N LEU A 719 -40.12 18.87 -30.67
CA LEU A 719 -39.26 18.02 -31.48
C LEU A 719 -39.18 16.64 -30.83
N ALA A 720 -40.02 15.71 -31.31
CA ALA A 720 -40.05 14.35 -30.76
C ALA A 720 -39.15 13.42 -31.56
N VAL A 721 -38.68 12.38 -30.89
CA VAL A 721 -37.92 11.32 -31.57
C VAL A 721 -38.59 9.99 -31.23
N PRO A 722 -38.59 9.04 -32.16
CA PRO A 722 -39.41 7.84 -32.01
C PRO A 722 -38.84 6.85 -31.00
N HIS A 723 -39.72 5.93 -30.56
CA HIS A 723 -39.31 4.76 -29.79
C HIS A 723 -38.30 3.92 -30.57
N TRP A 724 -37.57 3.07 -29.86
CA TRP A 724 -36.63 2.17 -30.52
C TRP A 724 -36.49 0.85 -29.76
N ASN A 725 -36.03 -0.18 -30.50
CA ASN A 725 -35.80 -1.53 -29.99
C ASN A 725 -34.45 -2.05 -30.46
N ARG A 726 -33.73 -2.73 -29.57
CA ARG A 726 -32.51 -3.44 -29.94
C ARG A 726 -32.64 -4.90 -29.52
N VAL A 727 -32.14 -5.81 -30.35
CA VAL A 727 -32.15 -7.24 -30.09
C VAL A 727 -30.72 -7.75 -30.13
N ASP A 728 -30.33 -8.53 -29.12
CA ASP A 728 -29.02 -9.18 -29.06
C ASP A 728 -29.19 -10.70 -29.01
N LEU A 729 -28.27 -11.42 -29.66
CA LEU A 729 -28.24 -12.87 -29.68
C LEU A 729 -26.86 -13.34 -29.24
N GLY A 730 -26.80 -14.47 -28.54
CA GLY A 730 -25.53 -14.96 -28.04
C GLY A 730 -25.48 -16.47 -27.89
N ALA A 731 -24.26 -16.98 -27.77
CA ALA A 731 -24.09 -18.43 -27.66
C ALA A 731 -22.75 -18.70 -26.99
N ALA A 732 -22.69 -19.81 -26.27
CA ALA A 732 -21.47 -20.20 -25.58
C ALA A 732 -21.39 -21.73 -25.56
N TYR A 733 -20.25 -22.28 -25.96
CA TYR A 733 -20.00 -23.71 -25.92
C TYR A 733 -18.77 -24.02 -25.08
N ALA A 734 -18.94 -24.83 -24.04
CA ALA A 734 -17.88 -25.21 -23.09
C ALA A 734 -17.47 -26.66 -23.32
N PHE A 735 -16.17 -26.94 -23.20
CA PHE A 735 -15.63 -28.26 -23.52
C PHE A 735 -14.24 -28.38 -22.91
N GLN A 736 -13.60 -29.54 -23.12
CA GLN A 736 -12.27 -29.83 -22.61
C GLN A 736 -11.34 -30.24 -23.74
N VAL A 737 -10.09 -29.79 -23.65
CA VAL A 737 -9.00 -30.20 -24.53
C VAL A 737 -7.82 -30.59 -23.64
N ALA A 738 -7.37 -31.84 -23.75
CA ALA A 738 -6.18 -32.29 -23.04
C ALA A 738 -6.26 -32.07 -21.54
N GLY A 739 -7.48 -32.11 -20.98
CA GLY A 739 -7.68 -31.92 -19.57
C GLY A 739 -8.01 -30.50 -19.12
N LYS A 740 -7.94 -29.50 -20.01
CA LYS A 740 -8.14 -28.07 -19.76
C LYS A 740 -9.60 -27.66 -20.08
N PRO A 741 -10.21 -26.80 -19.26
CA PRO A 741 -11.52 -26.22 -19.61
C PRO A 741 -11.40 -25.08 -20.61
N LEU A 742 -12.19 -25.13 -21.69
CA LEU A 742 -12.23 -24.06 -22.67
C LEU A 742 -13.67 -23.64 -22.95
N VAL A 743 -13.84 -22.39 -23.37
CA VAL A 743 -15.15 -21.82 -23.69
C VAL A 743 -15.01 -20.97 -24.96
N ALA A 744 -15.84 -21.28 -25.97
CA ALA A 744 -15.97 -20.46 -27.17
C ALA A 744 -17.29 -19.71 -27.13
N ARG A 745 -17.25 -18.40 -27.47
CA ARG A 745 -18.41 -17.53 -27.32
C ARG A 745 -18.62 -16.68 -28.56
N ALA A 746 -19.90 -16.39 -28.85
CA ALA A 746 -20.30 -15.41 -29.87
C ALA A 746 -21.30 -14.44 -29.28
N ASN A 747 -21.22 -13.19 -29.71
CA ASN A 747 -22.21 -12.19 -29.30
C ASN A 747 -22.56 -11.31 -30.50
N LEU A 748 -23.83 -11.26 -30.85
CA LEU A 748 -24.34 -10.44 -31.95
C LEU A 748 -25.20 -9.33 -31.38
N GLU A 749 -24.63 -8.11 -31.28
CA GLU A 749 -25.34 -6.96 -30.73
C GLU A 749 -26.09 -6.25 -31.84
N ASN A 750 -27.34 -5.83 -31.57
CA ASN A 750 -28.17 -5.17 -32.56
C ASN A 750 -28.33 -6.09 -33.78
N ALA A 751 -28.88 -7.28 -33.52
CA ALA A 751 -28.92 -8.34 -34.51
C ALA A 751 -29.74 -7.94 -35.73
N LEU A 752 -30.81 -7.17 -35.54
CA LEU A 752 -31.69 -6.79 -36.64
C LEU A 752 -31.21 -5.54 -37.39
N GLY A 753 -30.02 -5.02 -37.07
CA GLY A 753 -29.45 -3.89 -37.79
C GLY A 753 -30.31 -2.64 -37.83
N LYS A 754 -30.78 -2.18 -36.67
CA LYS A 754 -31.62 -0.99 -36.61
C LYS A 754 -30.82 0.28 -36.32
N ASP A 755 -31.30 1.39 -36.87
CA ASP A 755 -30.69 2.71 -36.68
C ASP A 755 -31.66 3.57 -35.89
N TYR A 756 -31.16 4.22 -34.83
CA TYR A 756 -32.07 5.01 -34.01
C TYR A 756 -31.28 6.08 -33.25
N TRP A 757 -31.96 7.19 -32.99
CA TRP A 757 -31.44 8.24 -32.11
C TRP A 757 -31.75 7.95 -30.64
N THR A 758 -30.81 8.28 -29.77
CA THR A 758 -31.07 8.43 -28.34
C THR A 758 -31.16 9.92 -28.03
N ALA A 759 -32.27 10.32 -27.42
CA ALA A 759 -32.51 11.73 -27.12
C ALA A 759 -31.80 12.16 -25.85
N ALA A 760 -31.36 13.41 -25.84
CA ALA A 760 -30.86 14.08 -24.63
C ALA A 760 -31.32 15.54 -24.66
N ASN A 761 -30.68 16.41 -23.89
CA ASN A 761 -31.17 17.79 -23.74
C ASN A 761 -30.49 18.68 -24.78
N GLY A 762 -31.16 18.85 -25.91
CA GLY A 762 -30.64 19.69 -26.97
C GLY A 762 -29.77 18.97 -27.97
N TYR A 763 -29.57 17.65 -27.84
CA TYR A 763 -28.77 16.91 -28.80
C TYR A 763 -29.20 15.44 -28.81
N LEU A 764 -28.64 14.69 -29.77
CA LEU A 764 -28.93 13.28 -29.96
C LEU A 764 -27.64 12.55 -30.26
N SER A 765 -27.57 11.27 -29.87
CA SER A 765 -26.41 10.45 -30.23
C SER A 765 -26.87 9.21 -31.00
N ILE A 766 -26.09 8.87 -32.04
CA ILE A 766 -26.43 7.82 -32.99
C ILE A 766 -26.17 6.45 -32.36
N SER A 767 -26.96 5.47 -32.79
CA SER A 767 -26.78 4.09 -32.38
C SER A 767 -25.54 3.48 -33.00
N SER A 768 -25.08 2.35 -32.37
CA SER A 768 -23.99 1.51 -32.84
C SER A 768 -24.52 0.50 -33.86
N PRO A 769 -23.74 0.14 -34.89
CA PRO A 769 -24.25 -0.81 -35.89
C PRO A 769 -24.28 -2.25 -35.35
N ARG A 770 -24.88 -3.13 -36.14
CA ARG A 770 -24.81 -4.56 -35.85
C ARG A 770 -23.36 -4.98 -35.69
N THR A 771 -23.06 -5.72 -34.62
CA THR A 771 -21.67 -5.92 -34.20
C THR A 771 -21.48 -7.33 -33.64
N LEU A 772 -20.64 -8.12 -34.32
CA LEU A 772 -20.34 -9.49 -33.92
C LEU A 772 -18.98 -9.55 -33.25
N SER A 773 -18.89 -10.26 -32.12
CA SER A 773 -17.63 -10.53 -31.44
C SER A 773 -17.48 -12.03 -31.16
N LEU A 774 -16.26 -12.54 -31.21
CA LEU A 774 -15.97 -13.95 -31.02
C LEU A 774 -14.80 -14.09 -30.08
N SER A 775 -14.83 -15.09 -29.18
CA SER A 775 -13.71 -15.26 -28.27
C SER A 775 -13.54 -16.72 -27.88
N LEU A 776 -12.31 -17.07 -27.52
CA LEU A 776 -11.95 -18.38 -27.00
C LEU A 776 -11.16 -18.18 -25.72
N THR A 777 -11.63 -18.78 -24.61
CA THR A 777 -10.99 -18.72 -23.30
C THR A 777 -10.45 -20.09 -22.91
N ALA A 778 -9.29 -20.11 -22.23
CA ALA A 778 -8.70 -21.35 -21.74
C ALA A 778 -8.12 -21.14 -20.35
N ASP A 779 -8.23 -22.17 -19.51
CA ASP A 779 -7.67 -22.14 -18.15
C ASP A 779 -6.58 -23.19 -18.05
N PHE A 780 -5.38 -22.76 -17.67
CA PHE A 780 -4.19 -23.60 -17.72
C PHE A 780 -3.73 -24.02 -16.33
N GLY B 111 13.28 19.87 12.61
CA GLY B 111 12.25 18.99 13.14
C GLY B 111 12.82 17.73 13.80
N ALA B 112 12.00 17.11 14.66
CA ALA B 112 12.44 15.90 15.35
C ALA B 112 12.60 14.74 14.38
N GLU B 113 11.75 14.67 13.36
CA GLU B 113 11.79 13.57 12.40
C GLU B 113 12.48 13.94 11.08
N THR B 114 13.10 15.14 10.99
CA THR B 114 13.76 15.55 9.74
C THR B 114 14.99 14.68 9.45
N LEU B 115 15.05 14.12 8.24
CA LEU B 115 16.19 13.31 7.84
C LEU B 115 17.49 14.12 7.90
N PRO B 116 18.49 13.69 8.65
CA PRO B 116 19.73 14.47 8.73
C PRO B 116 20.48 14.42 7.41
N ALA B 117 21.21 15.51 7.12
CA ALA B 117 21.87 15.59 5.83
C ALA B 117 23.14 14.74 5.81
N GLU B 118 23.55 14.40 4.59
CA GLU B 118 24.79 13.68 4.38
C GLU B 118 25.98 14.54 4.79
N TYR B 119 27.02 13.89 5.30
CA TYR B 119 28.29 14.54 5.57
C TYR B 119 29.15 14.57 4.31
N ALA B 120 30.21 15.40 4.35
CA ALA B 120 31.17 15.47 3.26
C ALA B 120 31.55 14.08 2.78
N GLY B 121 31.41 13.85 1.49
CA GLY B 121 31.66 12.55 0.91
C GLY B 121 30.42 11.66 0.77
N GLY B 122 29.38 11.89 1.56
CA GLY B 122 28.14 11.17 1.38
C GLY B 122 28.15 9.72 1.77
N GLN B 123 29.21 9.24 2.40
CA GLN B 123 29.24 7.88 2.91
C GLN B 123 28.64 7.75 4.31
N VAL B 124 28.60 8.84 5.09
CA VAL B 124 27.90 8.90 6.37
C VAL B 124 27.09 10.19 6.42
N ALA B 125 26.26 10.32 7.45
CA ALA B 125 25.33 11.43 7.65
C ALA B 125 25.75 12.29 8.85
N ARG B 126 25.13 13.48 8.93
CA ARG B 126 25.46 14.50 9.94
C ARG B 126 24.75 14.32 11.27
N GLY B 127 23.81 13.38 11.38
CA GLY B 127 23.01 13.21 12.58
C GLY B 127 22.35 11.84 12.60
N ALA B 128 21.72 11.53 13.74
CA ALA B 128 21.07 10.23 13.94
C ALA B 128 20.06 10.37 15.07
N ARG B 129 19.24 9.32 15.25
CA ARG B 129 18.14 9.37 16.21
C ARG B 129 18.62 9.09 17.64
N LEU B 130 18.09 9.87 18.59
CA LEU B 130 18.36 9.63 20.01
C LEU B 130 17.08 9.23 20.74
N GLY B 131 16.48 8.10 20.32
CA GLY B 131 15.24 7.62 20.94
C GLY B 131 14.16 8.67 20.96
N MET B 132 13.56 8.84 22.15
CA MET B 132 12.46 9.79 22.37
C MET B 132 12.85 11.22 22.04
N LEU B 133 14.13 11.58 22.18
CA LEU B 133 14.48 12.95 21.85
C LEU B 133 14.40 13.24 20.35
N GLY B 134 14.27 12.21 19.49
CA GLY B 134 14.32 12.44 18.06
C GLY B 134 15.73 12.69 17.57
N ASN B 135 15.83 13.17 16.33
CA ASN B 135 17.11 13.25 15.63
C ASN B 135 17.98 14.37 16.17
N ALA B 136 19.30 14.15 16.21
CA ALA B 136 20.24 15.18 16.63
C ALA B 136 21.50 15.15 15.77
N ASP B 137 22.07 16.34 15.48
CA ASP B 137 23.35 16.42 14.78
C ASP B 137 24.46 15.82 15.64
N VAL B 138 25.45 15.24 14.97
CA VAL B 138 26.61 14.63 15.64
C VAL B 138 27.19 15.57 16.70
N MET B 139 27.34 16.86 16.36
CA MET B 139 28.01 17.83 17.21
C MET B 139 27.15 18.29 18.38
N ASP B 140 25.85 17.99 18.36
CA ASP B 140 24.94 18.27 19.46
C ASP B 140 24.59 17.04 20.28
N ALA B 141 25.18 15.88 19.97
CA ALA B 141 24.78 14.65 20.64
C ALA B 141 25.84 14.23 21.65
N PRO B 142 25.49 14.12 22.96
CA PRO B 142 26.45 13.63 23.97
C PRO B 142 26.56 12.12 24.01
N PHE B 143 26.65 11.48 22.84
CA PHE B 143 26.80 10.04 22.68
C PHE B 143 27.62 9.78 21.43
N SER B 144 28.14 8.56 21.31
CA SER B 144 28.85 8.15 20.11
C SER B 144 27.81 7.61 19.14
N ILE B 145 27.53 8.37 18.07
CA ILE B 145 26.60 7.95 17.03
C ILE B 145 27.31 7.96 15.68
N THR B 146 26.91 7.02 14.82
CA THR B 146 27.39 6.91 13.44
C THR B 146 26.23 6.51 12.55
N SER B 147 26.07 7.20 11.42
CA SER B 147 24.97 6.91 10.49
C SER B 147 25.51 6.62 9.09
N TYR B 148 25.24 5.42 8.57
CA TYR B 148 25.68 5.02 7.24
C TYR B 148 24.57 5.21 6.21
N THR B 149 24.93 5.70 5.02
CA THR B 149 23.99 6.11 3.98
C THR B 149 23.69 4.99 2.97
N ALA B 150 22.57 5.16 2.26
CA ALA B 150 22.24 4.27 1.15
C ALA B 150 23.34 4.27 0.09
N ARG B 151 23.96 5.42 -0.16
CA ARG B 151 25.08 5.48 -1.10
C ARG B 151 26.14 4.44 -0.77
N THR B 152 26.52 4.33 0.51
CA THR B 152 27.48 3.31 0.92
C THR B 152 26.93 1.90 0.75
N ILE B 153 25.65 1.68 1.12
CA ILE B 153 25.05 0.36 0.97
C ILE B 153 25.13 -0.08 -0.50
N GLU B 154 24.80 0.83 -1.41
CA GLU B 154 24.78 0.51 -2.84
C GLU B 154 26.20 0.33 -3.38
N GLN B 155 27.16 1.13 -2.89
CA GLN B 155 28.53 1.04 -3.40
C GLN B 155 29.18 -0.30 -3.06
N GLN B 156 28.88 -0.86 -1.89
CA GLN B 156 29.52 -2.08 -1.44
C GLN B 156 28.69 -3.33 -1.75
N GLN B 157 27.50 -3.18 -2.33
CA GLN B 157 26.57 -4.28 -2.57
C GLN B 157 26.24 -5.04 -1.27
N ALA B 158 26.01 -4.29 -0.19
CA ALA B 158 25.64 -4.88 1.10
C ALA B 158 24.16 -5.27 1.15
N ARG B 159 23.88 -6.50 1.56
CA ARG B 159 22.50 -6.98 1.57
C ARG B 159 21.88 -7.02 2.97
N SER B 160 22.69 -7.13 4.02
CA SER B 160 22.20 -7.29 5.40
C SER B 160 22.89 -6.29 6.32
N VAL B 161 22.30 -6.06 7.52
CA VAL B 161 22.94 -5.21 8.53
C VAL B 161 24.34 -5.72 8.81
N ALA B 162 24.49 -7.03 8.97
CA ALA B 162 25.81 -7.59 9.21
C ALA B 162 26.79 -7.30 8.05
N ASP B 163 26.32 -7.38 6.80
CA ASP B 163 27.22 -7.07 5.68
C ASP B 163 27.82 -5.68 5.84
N LEU B 164 26.98 -4.70 6.18
CA LEU B 164 27.44 -3.32 6.25
C LEU B 164 28.33 -3.09 7.48
N LEU B 165 27.86 -3.50 8.68
CA LEU B 165 28.54 -3.10 9.91
C LEU B 165 29.89 -3.79 10.07
N GLN B 166 29.99 -5.08 9.73
CA GLN B 166 31.29 -5.76 9.81
C GLN B 166 32.34 -5.10 8.90
N ALA B 167 31.94 -4.61 7.72
CA ALA B 167 32.94 -4.15 6.77
C ALA B 167 33.51 -2.78 7.14
N ASN B 168 32.73 -1.94 7.84
CA ASN B 168 33.06 -0.53 7.98
C ASN B 168 33.26 -0.04 9.41
N ASP B 169 32.59 -0.63 10.41
CA ASP B 169 32.53 -0.04 11.76
C ASP B 169 33.48 -0.74 12.70
N PRO B 170 34.42 -0.01 13.33
CA PRO B 170 35.39 -0.66 14.22
C PRO B 170 34.82 -1.10 15.56
N SER B 171 33.60 -0.70 15.91
CA SER B 171 33.05 -1.10 17.20
C SER B 171 31.97 -2.18 17.10
N VAL B 172 31.74 -2.78 15.93
CA VAL B 172 30.72 -3.82 15.75
C VAL B 172 31.38 -5.03 15.11
N ARG B 173 31.13 -6.21 15.67
CA ARG B 173 31.60 -7.46 15.07
C ARG B 173 30.47 -8.48 15.05
N VAL B 174 30.42 -9.29 13.99
CA VAL B 174 29.29 -10.17 13.72
C VAL B 174 29.59 -11.56 14.23
N VAL B 175 28.60 -12.21 14.84
CA VAL B 175 28.62 -13.62 15.22
C VAL B 175 27.55 -14.34 14.39
N GLY B 176 27.85 -15.56 13.92
CA GLY B 176 26.92 -16.28 13.08
C GLY B 176 27.26 -16.20 11.59
N GLY B 177 26.89 -15.09 10.94
CA GLY B 177 27.22 -14.87 9.54
C GLY B 177 26.20 -15.45 8.57
N ARG B 178 26.44 -15.15 7.28
CA ARG B 178 25.38 -15.27 6.29
C ARG B 178 25.05 -16.71 5.92
N GLY B 179 25.92 -17.67 6.25
CA GLY B 179 25.59 -19.07 6.06
C GLY B 179 24.73 -19.68 7.15
N ASP B 180 24.58 -18.99 8.29
CA ASP B 180 23.75 -19.39 9.42
C ASP B 180 22.36 -18.77 9.25
N LEU B 181 21.41 -19.21 10.09
CA LEU B 181 20.06 -18.65 10.06
C LEU B 181 19.95 -17.30 10.79
N VAL B 182 20.91 -16.96 11.66
CA VAL B 182 20.85 -15.76 12.51
C VAL B 182 22.21 -15.08 12.58
N ASP B 183 22.21 -13.73 12.59
CA ASP B 183 23.35 -12.88 12.99
C ASP B 183 23.07 -12.22 14.35
N SER B 184 24.08 -12.17 15.24
CA SER B 184 24.08 -11.20 16.34
C SER B 184 25.32 -10.31 16.22
N TYR B 185 25.42 -9.32 17.13
CA TYR B 185 26.39 -8.22 17.00
C TYR B 185 27.02 -7.87 18.35
N THR B 186 28.34 -7.90 18.43
CA THR B 186 29.04 -7.45 19.63
C THR B 186 29.38 -5.96 19.53
N ILE B 187 29.04 -5.21 20.59
CA ILE B 187 29.26 -3.76 20.70
C ILE B 187 29.66 -3.45 22.15
N ARG B 188 30.73 -2.66 22.30
CA ARG B 188 31.32 -2.30 23.60
C ARG B 188 31.41 -3.50 24.54
N GLY B 189 31.73 -4.67 23.99
CA GLY B 189 31.93 -5.86 24.78
C GLY B 189 30.67 -6.53 25.28
N PHE B 190 29.50 -6.18 24.75
CA PHE B 190 28.24 -6.86 25.09
C PHE B 190 27.54 -7.32 23.81
N SER B 191 26.72 -8.36 23.93
CA SER B 191 26.01 -8.95 22.81
C SER B 191 24.75 -8.13 22.48
N VAL B 192 24.46 -7.95 21.18
CA VAL B 192 23.25 -7.27 20.74
C VAL B 192 22.47 -8.16 19.79
N GLN B 193 21.22 -8.49 20.14
CA GLN B 193 20.40 -9.37 19.33
C GLN B 193 19.92 -8.69 18.06
N ASN B 194 19.86 -9.43 16.94
CA ASN B 194 19.20 -8.90 15.75
C ASN B 194 17.75 -8.52 16.04
N ALA B 195 17.10 -9.22 16.97
CA ALA B 195 15.76 -8.86 17.42
C ALA B 195 15.70 -7.49 18.09
N ASP B 196 16.83 -6.91 18.47
CA ASP B 196 16.83 -5.61 19.13
C ASP B 196 17.20 -4.45 18.21
N VAL B 197 17.20 -4.66 16.88
CA VAL B 197 17.34 -3.53 15.95
C VAL B 197 16.05 -2.72 15.95
N ALA B 198 16.17 -1.40 15.95
CA ALA B 198 15.03 -0.49 15.95
C ALA B 198 14.68 -0.01 14.54
N PHE B 199 13.47 0.55 14.43
CA PHE B 199 12.87 1.00 13.16
C PHE B 199 12.30 2.38 13.43
N ASN B 200 13.05 3.43 13.06
CA ASN B 200 12.70 4.80 13.42
C ASN B 200 12.50 4.94 14.93
N GLY B 201 13.35 4.25 15.70
CA GLY B 201 13.30 4.29 17.14
C GLY B 201 12.43 3.23 17.82
N LEU B 202 11.55 2.53 17.09
CA LEU B 202 10.59 1.59 17.71
C LEU B 202 11.06 0.14 17.59
N TYR B 203 10.83 -0.65 18.64
CA TYR B 203 11.29 -2.04 18.70
C TYR B 203 10.21 -3.02 18.21
N GLY B 204 10.65 -4.22 17.85
CA GLY B 204 9.74 -5.31 17.51
C GLY B 204 9.13 -5.29 16.13
N LEU B 205 9.68 -4.51 15.18
CA LEU B 205 9.04 -4.32 13.88
C LEU B 205 9.83 -4.84 12.69
N LEU B 206 11.03 -5.38 12.90
CA LEU B 206 11.89 -5.83 11.80
C LEU B 206 12.07 -7.36 11.85
N PRO B 207 12.53 -7.96 10.74
CA PRO B 207 12.70 -9.44 10.72
C PRO B 207 13.58 -9.95 11.86
N PHE B 208 13.14 -11.05 12.46
CA PHE B 208 13.60 -11.40 13.81
C PHE B 208 15.06 -11.88 13.82
N TRP B 209 15.46 -12.72 12.87
CA TRP B 209 16.81 -13.29 12.88
C TRP B 209 17.84 -12.48 12.07
N ARG B 210 17.41 -11.75 11.05
CA ARG B 210 18.38 -11.10 10.16
C ARG B 210 17.66 -9.99 9.42
N VAL B 211 18.08 -8.74 9.60
CA VAL B 211 17.44 -7.58 9.00
C VAL B 211 18.05 -7.35 7.61
N PRO B 212 17.25 -7.36 6.54
CA PRO B 212 17.78 -6.96 5.22
C PRO B 212 17.76 -5.44 5.09
N ILE B 213 18.66 -4.91 4.26
CA ILE B 213 18.78 -3.44 4.21
C ILE B 213 18.61 -2.84 2.82
N GLU B 214 18.18 -3.65 1.84
CA GLU B 214 18.05 -3.10 0.49
C GLU B 214 16.91 -2.09 0.37
N PHE B 215 16.07 -1.92 1.41
CA PHE B 215 15.05 -0.88 1.41
C PHE B 215 15.41 0.29 2.32
N ALA B 216 16.65 0.34 2.82
CA ALA B 216 17.05 1.27 3.88
C ALA B 216 17.68 2.56 3.33
N GLU B 217 17.26 3.69 3.89
CA GLU B 217 17.96 4.95 3.68
C GLU B 217 19.12 5.13 4.65
N ARG B 218 18.99 4.68 5.91
CA ARG B 218 20.08 4.83 6.89
C ARG B 218 20.17 3.60 7.77
N VAL B 219 21.40 3.27 8.15
CA VAL B 219 21.67 2.31 9.21
C VAL B 219 22.50 3.05 10.26
N GLU B 220 21.91 3.27 11.44
CA GLU B 220 22.51 4.07 12.51
C GLU B 220 22.93 3.20 13.69
N VAL B 221 24.03 3.61 14.34
CA VAL B 221 24.58 2.92 15.50
C VAL B 221 24.74 3.93 16.63
N LEU B 222 24.03 3.72 17.73
CA LEU B 222 24.25 4.42 19.00
C LEU B 222 24.93 3.45 19.96
N LYS B 223 26.17 3.75 20.33
CA LYS B 223 26.96 2.88 21.18
C LYS B 223 26.61 3.08 22.66
N GLY B 224 26.55 1.99 23.41
CA GLY B 224 26.20 2.02 24.83
C GLY B 224 24.71 1.78 25.09
N PRO B 225 24.33 1.55 26.35
CA PRO B 225 22.90 1.38 26.65
C PRO B 225 22.17 2.71 26.59
N ASN B 226 20.85 2.66 26.42
CA ASN B 226 20.08 3.88 26.18
C ASN B 226 18.63 3.69 26.66
N ALA B 227 18.47 3.11 27.85
CA ALA B 227 17.13 2.72 28.32
C ALA B 227 16.25 3.92 28.63
N LEU B 228 16.83 5.04 29.12
CA LEU B 228 16.02 6.25 29.25
C LEU B 228 15.43 6.65 27.90
N LEU B 229 16.24 6.60 26.83
CA LEU B 229 15.85 7.17 25.53
C LEU B 229 14.75 6.37 24.86
N GLY B 230 14.83 5.04 24.88
CA GLY B 230 13.89 4.26 24.10
C GLY B 230 13.18 3.14 24.84
N GLY B 231 13.40 3.04 26.14
CA GLY B 231 12.85 1.93 26.89
C GLY B 231 13.76 0.71 26.84
N ILE B 232 13.26 -0.37 27.43
CA ILE B 232 14.00 -1.62 27.43
C ILE B 232 13.89 -2.27 26.04
N SER B 233 14.97 -3.03 25.63
CA SER B 233 14.85 -3.73 24.34
C SER B 233 14.18 -5.09 24.55
N PRO B 234 13.38 -5.56 23.57
CA PRO B 234 12.70 -6.87 23.74
C PRO B 234 13.61 -8.01 24.12
N GLY B 235 14.85 -8.04 23.63
CA GLY B 235 15.79 -9.11 23.93
C GLY B 235 16.77 -8.81 25.05
N GLY B 236 16.62 -7.69 25.76
CA GLY B 236 17.53 -7.37 26.85
C GLY B 236 18.93 -6.87 26.50
N SER B 237 19.24 -6.58 25.22
CA SER B 237 20.60 -6.14 24.85
C SER B 237 20.94 -4.76 25.42
N VAL B 238 22.19 -4.57 25.86
CA VAL B 238 22.65 -3.29 26.39
C VAL B 238 23.90 -2.74 25.70
N GLY B 239 24.47 -3.45 24.72
CA GLY B 239 25.70 -2.97 24.10
C GLY B 239 25.52 -1.74 23.24
N GLY B 240 24.32 -1.50 22.74
CA GLY B 240 24.04 -0.37 21.87
C GLY B 240 22.76 -0.63 21.10
N THR B 241 22.32 0.41 20.37
CA THR B 241 21.08 0.30 19.62
C THR B 241 21.32 0.64 18.15
N ILE B 242 21.07 -0.34 17.27
CA ILE B 242 21.13 -0.15 15.82
C ILE B 242 19.75 0.30 15.36
N ASN B 243 19.69 1.32 14.49
CA ASN B 243 18.41 1.88 14.08
C ASN B 243 18.36 1.99 12.56
N LEU B 244 17.27 1.54 11.96
CA LEU B 244 17.07 1.60 10.52
C LEU B 244 16.09 2.71 10.18
N VAL B 245 16.40 3.50 9.16
CA VAL B 245 15.52 4.56 8.65
C VAL B 245 15.07 4.14 7.26
N PRO B 246 13.76 4.04 6.99
CA PRO B 246 13.30 3.62 5.66
C PRO B 246 13.45 4.69 4.59
N LYS B 247 13.51 4.22 3.34
CA LYS B 247 13.50 5.08 2.17
C LYS B 247 12.18 5.85 2.04
N ARG B 248 12.29 7.07 1.53
CA ARG B 248 11.16 7.92 1.15
C ARG B 248 11.33 8.35 -0.31
N ALA B 249 10.22 8.69 -0.96
CA ALA B 249 10.27 9.15 -2.35
C ALA B 249 10.78 10.58 -2.40
N ASP B 250 11.79 10.81 -3.25
CA ASP B 250 12.34 12.14 -3.51
C ASP B 250 11.49 12.88 -4.53
N ASP B 251 11.72 14.20 -4.63
CA ASP B 251 10.97 15.01 -5.59
C ASP B 251 11.20 14.52 -7.02
N GLN B 252 12.45 14.29 -7.40
CA GLN B 252 12.72 13.77 -8.73
C GLN B 252 12.27 12.30 -8.82
N PRO B 253 11.63 11.92 -9.92
CA PRO B 253 11.11 10.54 -10.01
C PRO B 253 12.23 9.55 -10.22
N LEU B 254 12.11 8.41 -9.55
CA LEU B 254 13.12 7.35 -9.58
C LEU B 254 12.53 6.10 -10.21
N THR B 255 13.15 5.62 -11.30
CA THR B 255 12.77 4.35 -11.93
C THR B 255 14.05 3.54 -12.12
N ARG B 256 14.49 2.90 -11.04
CA ARG B 256 15.81 2.25 -11.01
C ARG B 256 15.65 0.73 -11.12
N VAL B 257 16.46 0.11 -11.99
CA VAL B 257 16.52 -1.34 -12.13
C VAL B 257 17.97 -1.79 -11.98
N SER B 258 18.19 -2.90 -11.30
CA SER B 258 19.52 -3.52 -11.29
C SER B 258 19.39 -5.03 -11.30
N VAL B 259 20.44 -5.70 -11.83
CA VAL B 259 20.59 -7.14 -11.79
C VAL B 259 21.95 -7.46 -11.21
N ASP B 260 22.08 -8.65 -10.61
CA ASP B 260 23.30 -8.96 -9.89
C ASP B 260 23.57 -10.47 -9.92
N TRP B 261 24.84 -10.81 -9.68
CA TRP B 261 25.33 -12.18 -9.59
C TRP B 261 26.24 -12.30 -8.39
N THR B 262 26.15 -13.41 -7.66
CA THR B 262 27.04 -13.64 -6.54
C THR B 262 27.49 -15.09 -6.56
N GLN B 263 28.80 -15.30 -6.45
CA GLN B 263 29.38 -16.62 -6.34
C GLN B 263 28.59 -17.49 -5.36
N ARG B 264 28.37 -18.78 -5.70
CA ARG B 264 28.78 -19.41 -6.98
C ARG B 264 27.72 -19.27 -8.09
N GLY B 265 26.45 -19.16 -7.73
CA GLY B 265 25.41 -19.05 -8.73
C GLY B 265 24.10 -18.39 -8.32
N GLN B 266 24.16 -17.34 -7.49
CA GLN B 266 22.96 -16.63 -7.07
C GLN B 266 22.66 -15.50 -8.05
N LEU B 267 21.43 -15.46 -8.57
CA LEU B 267 21.02 -14.47 -9.56
C LEU B 267 19.94 -13.58 -8.95
N GLY B 268 20.06 -12.27 -9.12
CA GLY B 268 19.15 -11.35 -8.47
C GLY B 268 18.74 -10.16 -9.33
N THR B 269 17.58 -9.60 -8.95
CA THR B 269 16.97 -8.39 -9.53
C THR B 269 16.37 -7.52 -8.42
N HIS B 270 16.54 -6.20 -8.54
CA HIS B 270 16.10 -5.24 -7.53
C HIS B 270 15.50 -4.01 -8.20
N LEU B 271 14.21 -3.77 -7.98
CA LEU B 271 13.54 -2.54 -8.43
C LEU B 271 13.40 -1.55 -7.28
N ASP B 272 13.63 -0.27 -7.58
CA ASP B 272 13.48 0.82 -6.61
C ASP B 272 12.79 1.96 -7.36
N ILE B 273 11.48 2.09 -7.17
CA ILE B 273 10.65 3.06 -7.90
C ILE B 273 10.06 4.05 -6.91
N GLY B 274 10.17 5.34 -7.22
CA GLY B 274 9.67 6.40 -6.36
C GLY B 274 9.02 7.56 -7.10
N ARG B 275 7.89 8.04 -6.59
CA ARG B 275 7.18 9.17 -7.17
C ARG B 275 6.62 10.07 -6.07
N ARG B 276 6.81 11.37 -6.23
CA ARG B 276 6.09 12.34 -5.40
C ARG B 276 4.98 13.00 -6.21
N PHE B 277 3.87 13.26 -5.53
CA PHE B 277 2.63 13.68 -6.18
C PHE B 277 2.02 14.82 -5.37
N GLY B 278 1.16 15.59 -6.05
CA GLY B 278 0.30 16.53 -5.37
C GLY B 278 0.80 17.95 -5.36
N GLU B 279 -0.07 18.82 -4.87
CA GLU B 279 0.29 20.22 -4.67
C GLU B 279 1.49 20.30 -3.72
N ASN B 280 2.55 20.98 -4.18
CA ASN B 280 3.81 21.12 -3.45
C ASN B 280 4.47 19.78 -3.14
N ASN B 281 4.14 18.73 -3.90
CA ASN B 281 4.68 17.39 -3.71
C ASN B 281 4.38 16.88 -2.28
N ALA B 282 3.10 16.90 -1.94
CA ALA B 282 2.71 16.53 -0.58
C ALA B 282 2.79 15.02 -0.36
N PHE B 283 2.56 14.21 -1.39
CA PHE B 283 2.49 12.76 -1.24
C PHE B 283 3.74 12.10 -1.80
N GLY B 284 4.11 10.97 -1.20
CA GLY B 284 5.25 10.18 -1.64
C GLY B 284 4.98 8.69 -1.60
N VAL B 285 5.40 7.96 -2.64
CA VAL B 285 5.26 6.51 -2.72
C VAL B 285 6.57 5.94 -3.19
N ARG B 286 7.18 5.06 -2.39
CA ARG B 286 8.45 4.42 -2.76
C ARG B 286 8.34 2.92 -2.59
N PHE B 287 8.63 2.18 -3.67
CA PHE B 287 8.50 0.72 -3.69
C PHE B 287 9.85 0.08 -3.98
N ASN B 288 10.22 -0.93 -3.19
CA ASN B 288 11.39 -1.77 -3.47
C ASN B 288 10.96 -3.22 -3.58
N GLY B 289 11.45 -3.92 -4.59
CA GLY B 289 11.23 -5.35 -4.71
C GLY B 289 12.53 -6.04 -5.07
N VAL B 290 12.80 -7.17 -4.41
CA VAL B 290 14.02 -7.96 -4.61
C VAL B 290 13.64 -9.43 -4.82
N TYR B 291 14.31 -10.08 -5.77
CA TYR B 291 14.31 -11.54 -5.82
C TYR B 291 15.70 -12.05 -6.16
N ARG B 292 16.29 -12.85 -5.27
CA ARG B 292 17.65 -13.37 -5.42
C ARG B 292 17.66 -14.86 -5.08
N ASN B 293 18.22 -15.70 -5.98
CA ASN B 293 18.13 -17.16 -5.84
C ASN B 293 19.33 -17.88 -6.45
N GLY B 294 19.89 -18.87 -5.73
CA GLY B 294 20.84 -19.80 -6.31
C GLY B 294 21.85 -20.31 -5.29
N ASP B 295 22.89 -20.99 -5.81
CA ASP B 295 23.91 -21.57 -4.93
C ASP B 295 24.83 -20.50 -4.33
N THR B 296 25.12 -20.61 -3.03
CA THR B 296 26.01 -19.67 -2.36
C THR B 296 27.47 -20.09 -2.57
N ALA B 297 28.37 -19.50 -1.77
CA ALA B 297 29.79 -19.81 -1.84
C ALA B 297 30.20 -21.01 -0.98
N VAL B 298 29.27 -21.55 -0.18
CA VAL B 298 29.54 -22.66 0.75
C VAL B 298 29.09 -23.97 0.11
N ASP B 299 29.85 -25.04 0.36
CA ASP B 299 29.55 -26.35 -0.22
C ASP B 299 28.11 -26.78 0.03
N HIS B 300 27.43 -27.24 -1.03
CA HIS B 300 26.09 -27.81 -0.94
C HIS B 300 25.12 -26.90 -0.18
N GLN B 301 25.11 -25.61 -0.53
CA GLN B 301 24.12 -24.69 0.01
C GLN B 301 23.55 -23.83 -1.10
N SER B 302 22.25 -23.54 -1.01
CA SER B 302 21.57 -22.60 -1.90
C SER B 302 20.53 -21.80 -1.11
N ARG B 303 20.18 -20.61 -1.61
CA ARG B 303 19.39 -19.65 -0.85
C ARG B 303 18.43 -18.89 -1.77
N GLU B 304 17.16 -18.78 -1.35
CA GLU B 304 16.12 -18.03 -2.06
C GLU B 304 15.56 -16.91 -1.18
N PHE B 305 15.51 -15.69 -1.74
CA PHE B 305 15.18 -14.47 -0.97
C PHE B 305 14.30 -13.53 -1.77
N PRO B 306 12.98 -13.52 -1.52
CA PRO B 306 12.12 -12.42 -1.97
C PRO B 306 11.88 -11.35 -0.91
N MET B 307 11.69 -10.09 -1.34
CA MET B 307 11.43 -8.98 -0.43
C MET B 307 10.57 -7.93 -1.13
N LEU B 308 9.57 -7.41 -0.42
CA LEU B 308 8.77 -6.27 -0.88
C LEU B 308 8.69 -5.23 0.24
N SER B 309 8.84 -3.95 -0.11
CA SER B 309 8.68 -2.87 0.87
C SER B 309 7.92 -1.70 0.26
N LEU B 310 7.17 -0.99 1.11
CA LEU B 310 6.50 0.25 0.70
C LEU B 310 6.69 1.32 1.76
N GLY B 311 7.12 2.51 1.32
CA GLY B 311 7.16 3.67 2.19
C GLY B 311 6.27 4.80 1.67
N LEU B 312 5.16 5.06 2.36
CA LEU B 312 4.18 6.07 1.98
C LEU B 312 4.23 7.25 2.95
N ASP B 313 4.11 8.48 2.44
CA ASP B 313 4.18 9.63 3.33
C ASP B 313 3.29 10.76 2.84
N PHE B 314 2.85 11.60 3.78
CA PHE B 314 2.12 12.83 3.47
C PHE B 314 2.72 13.98 4.27
N ARG B 315 3.01 15.09 3.59
CA ARG B 315 3.57 16.30 4.20
C ARG B 315 2.58 17.44 4.03
N GLY B 316 1.96 17.88 5.13
CA GLY B 316 1.12 19.05 5.13
C GLY B 316 1.71 20.20 5.93
N GLU B 317 0.87 21.21 6.17
CA GLU B 317 1.34 22.38 6.90
C GLU B 317 1.58 22.06 8.38
N ARG B 318 0.55 21.55 9.06
CA ARG B 318 0.67 21.15 10.46
C ARG B 318 0.58 19.65 10.67
N LEU B 319 0.39 18.87 9.60
CA LEU B 319 0.10 17.44 9.70
C LEU B 319 1.06 16.64 8.83
N ARG B 320 1.60 15.56 9.40
CA ARG B 320 2.57 14.71 8.71
C ARG B 320 2.29 13.25 9.06
N LEU B 321 2.19 12.40 8.03
CA LEU B 321 1.86 11.00 8.20
C LEU B 321 2.78 10.12 7.37
N SER B 322 2.96 8.87 7.81
CA SER B 322 3.71 7.89 7.04
C SER B 322 3.24 6.49 7.41
N SER B 323 3.49 5.56 6.49
CA SER B 323 3.17 4.15 6.66
C SER B 323 4.28 3.35 6.00
N ASP B 324 4.81 2.37 6.72
CA ASP B 324 5.85 1.47 6.21
C ASP B 324 5.32 0.04 6.22
N LEU B 325 5.49 -0.66 5.09
CA LEU B 325 5.13 -2.08 5.01
C LEU B 325 6.31 -2.88 4.45
N LEU B 326 6.45 -4.11 4.92
CA LEU B 326 7.60 -4.94 4.58
C LEU B 326 7.20 -6.42 4.57
N TYR B 327 7.58 -7.13 3.51
CA TYR B 327 7.51 -8.59 3.47
C TYR B 327 8.88 -9.14 3.10
N GLN B 328 9.26 -10.24 3.73
CA GLN B 328 10.60 -10.78 3.60
C GLN B 328 10.54 -12.27 3.85
N LYS B 329 11.36 -13.04 3.14
CA LYS B 329 11.54 -14.47 3.44
C LYS B 329 12.94 -14.91 3.04
N GLU B 330 13.57 -15.72 3.90
CA GLU B 330 14.85 -16.36 3.60
C GLU B 330 14.70 -17.87 3.74
N SER B 331 14.95 -18.61 2.64
CA SER B 331 14.94 -20.08 2.66
C SER B 331 16.31 -20.64 2.31
N LEU B 332 16.85 -21.46 3.20
CA LEU B 332 18.17 -22.08 3.03
C LEU B 332 18.01 -23.58 2.82
N GLU B 333 18.76 -24.12 1.87
CA GLU B 333 19.03 -25.55 1.79
C GLU B 333 20.47 -25.73 2.25
N GLY B 334 20.64 -26.28 3.45
CA GLY B 334 21.94 -26.23 4.12
C GLY B 334 22.10 -25.03 5.06
N VAL B 335 22.26 -25.30 6.36
CA VAL B 335 22.32 -24.26 7.40
C VAL B 335 23.61 -24.44 8.18
N VAL B 336 24.56 -23.50 8.04
CA VAL B 336 25.73 -23.46 8.90
C VAL B 336 25.32 -23.10 10.34
N ARG B 337 26.03 -23.63 11.33
CA ARG B 337 25.74 -23.44 12.74
C ARG B 337 27.05 -23.34 13.51
N PRO B 338 27.03 -22.69 14.68
CA PRO B 338 28.24 -22.55 15.50
C PRO B 338 28.91 -23.88 15.88
N LEU B 339 30.14 -23.75 16.37
CA LEU B 339 30.91 -24.86 16.94
C LEU B 339 31.04 -24.63 18.43
N LEU B 340 30.53 -25.56 19.23
CA LEU B 340 30.50 -25.44 20.69
C LEU B 340 31.71 -26.14 21.31
N THR B 341 32.20 -25.59 22.42
CA THR B 341 33.23 -26.28 23.16
C THR B 341 32.64 -27.41 24.01
N GLY B 342 33.44 -28.47 24.18
CA GLY B 342 33.06 -29.61 25.00
C GLY B 342 33.83 -29.67 26.31
N PRO B 343 33.35 -30.49 27.25
CA PRO B 343 33.98 -30.51 28.59
C PRO B 343 35.45 -30.91 28.57
N GLY B 344 35.87 -31.67 27.56
CA GLY B 344 37.27 -32.07 27.46
C GLY B 344 38.07 -31.30 26.42
N THR B 345 37.64 -30.09 26.09
CA THR B 345 38.39 -29.27 25.14
C THR B 345 39.56 -28.59 25.87
N THR B 346 40.77 -28.78 25.38
CA THR B 346 41.92 -28.05 25.89
C THR B 346 42.54 -27.13 24.85
N HIS B 347 42.11 -27.19 23.61
CA HIS B 347 42.67 -26.38 22.54
C HIS B 347 41.64 -26.28 21.43
N ILE B 348 41.52 -25.10 20.82
CA ILE B 348 40.62 -24.90 19.68
C ILE B 348 41.40 -25.25 18.42
N PRO B 349 40.96 -26.22 17.64
CA PRO B 349 41.66 -26.54 16.39
C PRO B 349 41.62 -25.37 15.41
N HIS B 350 42.52 -25.41 14.44
CA HIS B 350 42.60 -24.31 13.50
C HIS B 350 41.42 -24.35 12.53
N ALA B 351 40.99 -23.15 12.10
CA ALA B 351 39.75 -23.05 11.34
C ALA B 351 39.86 -23.78 10.00
N PRO B 352 38.87 -24.55 9.62
CA PRO B 352 38.91 -25.22 8.31
C PRO B 352 38.75 -24.24 7.15
N ASP B 353 38.96 -24.75 5.94
CA ASP B 353 38.56 -24.08 4.70
C ASP B 353 37.14 -23.59 4.82
N SER B 354 36.92 -22.34 4.44
CA SER B 354 35.65 -21.66 4.69
C SER B 354 34.53 -22.13 3.76
N LYS B 355 34.87 -22.89 2.70
CA LYS B 355 33.86 -23.49 1.82
C LYS B 355 33.33 -24.82 2.36
N THR B 356 34.06 -25.47 3.26
CA THR B 356 33.61 -26.70 3.89
C THR B 356 32.38 -26.43 4.75
N ARG B 357 31.41 -27.35 4.74
CA ARG B 357 30.21 -27.25 5.58
C ARG B 357 30.14 -28.51 6.43
N PHE B 358 30.51 -28.40 7.71
CA PHE B 358 30.72 -29.57 8.55
C PHE B 358 29.51 -29.91 9.44
N GLY B 359 28.40 -29.17 9.28
CA GLY B 359 27.20 -29.44 10.05
C GLY B 359 26.33 -30.51 9.43
N LEU B 360 25.01 -30.38 9.54
CA LEU B 360 24.11 -31.39 8.99
C LEU B 360 23.89 -31.13 7.50
N ARG B 361 24.10 -32.16 6.67
CA ARG B 361 24.01 -31.96 5.22
C ARG B 361 22.60 -31.55 4.82
N ASP B 362 21.59 -32.25 5.31
CA ASP B 362 20.22 -32.01 4.87
C ASP B 362 19.44 -31.13 5.84
N SER B 363 20.08 -30.08 6.35
CA SER B 363 19.37 -29.07 7.13
C SER B 363 18.65 -28.09 6.20
N TYR B 364 17.69 -27.36 6.76
CA TYR B 364 16.98 -26.35 6.00
C TYR B 364 16.42 -25.30 6.95
N LEU B 365 16.17 -24.11 6.40
CA LEU B 365 15.44 -23.06 7.09
C LEU B 365 14.40 -22.46 6.14
N ASP B 366 13.19 -22.23 6.66
CA ASP B 366 12.21 -21.32 6.05
C ASP B 366 11.86 -20.26 7.09
N GLN B 367 12.19 -18.99 6.82
CA GLN B 367 11.96 -17.90 7.77
C GLN B 367 11.28 -16.73 7.08
N GLU B 368 10.09 -16.38 7.55
CA GLU B 368 9.26 -15.34 6.97
C GLU B 368 8.93 -14.28 8.02
N ASP B 369 8.93 -13.01 7.61
CA ASP B 369 8.57 -11.88 8.45
C ASP B 369 7.83 -10.85 7.62
N TYR B 370 6.71 -10.32 8.14
CA TYR B 370 6.09 -9.15 7.55
C TYR B 370 5.54 -8.23 8.64
N SER B 371 5.53 -6.92 8.35
CA SER B 371 5.15 -5.91 9.35
C SER B 371 4.59 -4.66 8.69
N MET B 372 3.93 -3.84 9.51
CA MET B 372 3.34 -2.57 9.10
C MET B 372 3.35 -1.60 10.27
N VAL B 373 3.68 -0.32 10.02
CA VAL B 373 3.68 0.68 11.09
C VAL B 373 3.27 2.05 10.54
N ASN B 374 2.28 2.66 11.19
CA ASN B 374 1.79 3.99 10.87
C ASN B 374 2.25 4.97 11.94
N ARG B 375 2.75 6.13 11.52
CA ARG B 375 3.27 7.14 12.41
C ARG B 375 2.67 8.49 12.07
N GLY B 376 2.58 9.38 13.05
CA GLY B 376 1.95 10.67 12.84
C GLY B 376 2.55 11.78 13.69
N GLU B 377 2.46 13.01 13.17
CA GLU B 377 2.80 14.22 13.91
C GLU B 377 1.75 15.28 13.63
N TYR B 378 1.48 16.14 14.62
CA TYR B 378 0.57 17.27 14.41
C TYR B 378 0.98 18.43 15.29
N ASP B 379 1.23 19.59 14.69
CA ASP B 379 1.67 20.76 15.45
C ASP B 379 0.45 21.44 16.07
N LEU B 380 0.31 21.31 17.39
CA LEU B 380 -0.78 21.98 18.09
C LEU B 380 -0.55 23.49 18.19
N ALA B 381 0.69 23.93 18.05
CA ALA B 381 1.06 25.35 18.10
C ALA B 381 2.51 25.43 17.65
N ASP B 382 3.03 26.66 17.59
CA ASP B 382 4.40 26.86 17.13
C ASP B 382 5.41 26.28 18.10
N ASN B 383 5.02 26.01 19.35
CA ASN B 383 5.93 25.39 20.31
C ASN B 383 5.31 24.17 20.98
N LEU B 384 4.41 23.45 20.29
CA LEU B 384 3.84 22.23 20.85
C LEU B 384 3.47 21.28 19.73
N THR B 385 3.97 20.04 19.80
CA THR B 385 3.74 19.06 18.74
C THR B 385 3.45 17.68 19.33
N ALA B 386 2.34 17.06 18.91
CA ALA B 386 1.91 15.75 19.34
C ALA B 386 2.28 14.68 18.31
N PHE B 387 2.60 13.47 18.80
CA PHE B 387 3.03 12.38 17.93
C PHE B 387 2.51 11.03 18.43
N ALA B 388 2.47 10.05 17.52
CA ALA B 388 2.04 8.70 17.85
C ALA B 388 2.44 7.71 16.75
N SER B 389 2.44 6.42 17.12
CA SER B 389 2.77 5.34 16.20
C SER B 389 2.02 4.08 16.63
N ILE B 390 1.62 3.25 15.66
CA ILE B 390 1.09 1.91 15.94
C ILE B 390 1.55 0.96 14.84
N GLY B 391 2.04 -0.22 15.22
CA GLY B 391 2.47 -1.20 14.24
C GLY B 391 2.46 -2.63 14.77
N GLY B 392 2.70 -3.58 13.88
CA GLY B 392 2.73 -4.99 14.26
C GLY B 392 3.53 -5.83 13.28
N ARG B 393 3.96 -7.00 13.75
CA ARG B 393 4.79 -7.93 12.98
C ARG B 393 4.31 -9.37 13.21
N GLN B 394 4.35 -10.16 12.13
CA GLN B 394 4.19 -11.62 12.16
C GLN B 394 5.49 -12.27 11.72
N SER B 395 5.91 -13.33 12.41
CA SER B 395 7.18 -13.96 12.05
C SER B 395 7.01 -15.48 12.20
N ASN B 396 7.36 -16.22 11.13
CA ASN B 396 7.12 -17.67 11.03
C ASN B 396 8.43 -18.41 10.78
N TYR B 397 8.72 -19.43 11.60
CA TYR B 397 10.04 -20.04 11.71
C TYR B 397 9.91 -21.56 11.60
N GLU B 398 10.65 -22.17 10.65
CA GLU B 398 10.70 -23.63 10.47
C GLU B 398 12.13 -24.06 10.18
N THR B 399 12.61 -25.12 10.84
CA THR B 399 14.01 -25.53 10.63
C THR B 399 14.27 -26.92 11.17
N ILE B 400 15.19 -27.62 10.50
CA ILE B 400 15.95 -28.72 11.10
C ILE B 400 17.42 -28.46 10.80
N ALA B 401 18.26 -28.54 11.84
CA ALA B 401 19.67 -28.22 11.70
C ALA B 401 20.39 -28.84 12.89
N ALA B 402 21.72 -28.77 12.88
CA ALA B 402 22.54 -29.32 13.96
C ALA B 402 23.61 -28.32 14.38
N ASN B 403 23.81 -28.21 15.69
CA ASN B 403 24.99 -27.55 16.22
C ASN B 403 26.15 -28.55 16.25
N SER B 404 27.38 -28.03 16.13
CA SER B 404 28.56 -28.87 16.05
C SER B 404 29.28 -28.80 17.40
N ILE B 405 29.57 -29.96 18.00
CA ILE B 405 30.25 -30.00 19.30
C ILE B 405 31.63 -30.64 19.14
N LEU B 406 32.68 -29.89 19.49
CA LEU B 406 34.03 -30.45 19.55
C LEU B 406 34.09 -31.68 20.44
N VAL B 407 34.69 -32.75 19.95
CA VAL B 407 35.03 -33.91 20.75
C VAL B 407 36.49 -34.26 20.50
N GLY B 408 37.20 -34.62 21.57
CA GLY B 408 38.63 -34.72 21.43
C GLY B 408 39.21 -33.31 21.22
N ASN B 409 40.40 -33.27 20.61
CA ASN B 409 41.06 -31.99 20.36
C ASN B 409 41.78 -31.94 19.01
N GLN B 410 41.42 -32.82 18.07
CA GLN B 410 42.10 -32.88 16.79
C GLN B 410 41.16 -32.69 15.61
N GLY B 411 40.01 -32.03 15.82
CA GLY B 411 39.09 -31.75 14.74
C GLY B 411 37.83 -32.59 14.73
N ASP B 412 37.75 -33.68 15.48
CA ASP B 412 36.55 -34.50 15.49
C ASP B 412 35.40 -33.75 16.17
N ILE B 413 34.18 -33.91 15.63
CA ILE B 413 32.98 -33.28 16.19
C ILE B 413 31.86 -34.31 16.35
N VAL B 414 30.83 -33.95 17.12
CA VAL B 414 29.52 -34.59 17.07
C VAL B 414 28.47 -33.52 16.77
N ASN B 415 27.60 -33.81 15.79
CA ASN B 415 26.55 -32.88 15.39
C ASN B 415 25.26 -33.20 16.15
N SER B 416 24.74 -32.22 16.90
CA SER B 416 23.58 -32.40 17.76
C SER B 416 22.36 -31.80 17.07
N LEU B 417 21.43 -32.66 16.64
CA LEU B 417 20.36 -32.27 15.72
C LEU B 417 19.11 -31.80 16.46
N ALA B 418 18.35 -30.90 15.81
CA ALA B 418 17.11 -30.40 16.38
C ALA B 418 16.16 -29.95 15.28
N ARG B 419 14.86 -30.07 15.54
CA ARG B 419 13.83 -29.36 14.82
C ARG B 419 13.26 -28.25 15.71
N GLN B 420 13.01 -27.06 15.13
CA GLN B 420 12.41 -25.94 15.86
C GLN B 420 11.32 -25.30 14.99
N ARG B 421 10.24 -24.83 15.64
CA ARG B 421 9.12 -24.18 14.97
C ARG B 421 8.70 -22.94 15.74
N GLY B 422 8.34 -21.87 15.04
CA GLY B 422 7.99 -20.64 15.71
C GLY B 422 6.85 -19.86 15.08
N ASP B 423 6.00 -19.25 15.92
CA ASP B 423 4.89 -18.42 15.48
C ASP B 423 4.84 -17.24 16.43
N ARG B 424 5.28 -16.06 15.97
CA ARG B 424 5.47 -14.91 16.83
C ARG B 424 4.64 -13.73 16.33
N ARG B 425 3.90 -13.10 17.24
CA ARG B 425 2.98 -12.01 16.90
C ARG B 425 3.21 -10.85 17.86
N THR B 426 3.61 -9.69 17.30
CA THR B 426 4.08 -8.55 18.08
C THR B 426 3.30 -7.29 17.72
N TYR B 427 2.97 -6.47 18.72
CA TYR B 427 2.40 -5.14 18.55
C TYR B 427 3.29 -4.13 19.26
N SER B 428 3.33 -2.90 18.72
CA SER B 428 4.25 -1.86 19.16
C SER B 428 3.65 -0.48 18.93
N ALA B 429 3.85 0.43 19.88
CA ALA B 429 3.19 1.73 19.83
C ALA B 429 3.94 2.74 20.69
N GLU B 430 3.80 4.02 20.35
CA GLU B 430 4.25 5.14 21.18
C GLU B 430 3.26 6.28 21.01
N VAL B 431 3.22 7.16 22.04
N VAL B 431 3.24 7.17 22.00
CA VAL B 431 2.41 8.38 22.06
CA VAL B 431 2.46 8.41 21.92
C VAL B 431 3.20 9.43 22.82
C VAL B 431 3.12 9.43 22.84
N GLY B 432 3.04 10.70 22.46
CA GLY B 432 3.75 11.72 23.22
C GLY B 432 3.48 13.14 22.77
N LEU B 433 4.18 14.05 23.45
CA LEU B 433 4.12 15.50 23.26
C LEU B 433 5.54 16.06 23.43
N ARG B 434 5.87 17.05 22.59
CA ARG B 434 7.17 17.72 22.55
C ARG B 434 6.95 19.22 22.52
N GLY B 435 7.68 19.98 23.33
CA GLY B 435 7.51 21.41 23.32
C GLY B 435 8.77 22.19 23.65
N ASN B 436 8.64 23.53 23.63
CA ASN B 436 9.73 24.41 24.06
C ASN B 436 9.18 25.66 24.71
N PHE B 437 9.81 26.09 25.81
CA PHE B 437 9.54 27.38 26.43
C PHE B 437 10.83 27.98 26.97
N ASP B 438 10.73 29.17 27.56
CA ASP B 438 11.88 29.91 28.07
C ASP B 438 11.65 30.30 29.52
N THR B 439 12.73 30.34 30.28
CA THR B 439 12.72 30.84 31.66
C THR B 439 13.91 31.76 31.88
N GLY B 440 14.05 32.77 31.01
CA GLY B 440 15.06 33.78 31.15
C GLY B 440 16.17 33.63 30.14
N PRO B 441 17.37 33.27 30.61
CA PRO B 441 18.46 32.91 29.69
C PRO B 441 18.47 31.44 29.29
N LEU B 442 17.58 30.63 29.86
CA LEU B 442 17.49 29.21 29.58
C LEU B 442 16.41 28.92 28.55
N ARG B 443 16.69 27.99 27.63
CA ARG B 443 15.68 27.43 26.73
C ARG B 443 15.42 25.98 27.11
N HIS B 444 14.14 25.62 27.25
CA HIS B 444 13.73 24.26 27.56
C HIS B 444 13.22 23.57 26.31
N ASP B 445 13.79 22.42 25.98
CA ASP B 445 13.21 21.52 24.97
C ASP B 445 12.84 20.22 25.70
N TRP B 446 11.54 20.00 25.92
CA TRP B 446 11.06 18.88 26.73
C TRP B 446 10.31 17.87 25.85
N THR B 447 10.20 16.65 26.37
CA THR B 447 9.50 15.56 25.69
C THR B 447 8.84 14.69 26.74
N LEU B 448 7.54 14.51 26.64
CA LEU B 448 6.81 13.54 27.45
C LEU B 448 6.35 12.40 26.55
N SER B 449 6.64 11.15 26.94
CA SER B 449 6.39 10.02 26.06
C SER B 449 5.91 8.77 26.81
N ALA B 450 5.14 7.93 26.12
CA ALA B 450 4.77 6.61 26.62
C ALA B 450 4.80 5.61 25.47
N ASN B 451 5.10 4.34 25.79
CA ASN B 451 5.19 3.30 24.75
C ASN B 451 4.77 1.95 25.31
N ARG B 452 4.40 1.03 24.41
CA ARG B 452 3.95 -0.31 24.78
C ARG B 452 4.34 -1.30 23.69
N LEU B 453 4.87 -2.45 24.11
CA LEU B 453 5.11 -3.61 23.25
C LEU B 453 4.41 -4.80 23.86
N HIS B 454 3.64 -5.53 23.05
CA HIS B 454 2.98 -6.76 23.48
C HIS B 454 3.23 -7.88 22.47
N GLU B 455 3.58 -9.09 22.96
CA GLU B 455 3.92 -10.21 22.09
C GLU B 455 3.34 -11.52 22.61
N ARG B 456 2.88 -12.36 21.67
CA ARG B 456 2.49 -13.76 21.94
C ARG B 456 3.36 -14.67 21.08
N LEU B 457 3.95 -15.69 21.70
CA LEU B 457 4.92 -16.55 21.04
C LEU B 457 4.56 -18.02 21.24
N GLY B 458 4.61 -18.78 20.15
CA GLY B 458 4.63 -20.24 20.21
C GLY B 458 5.95 -20.73 19.66
N MET B 459 6.75 -21.44 20.47
CA MET B 459 8.09 -21.85 20.06
C MET B 459 8.34 -23.27 20.55
N VAL B 460 8.36 -24.24 19.64
CA VAL B 460 8.53 -25.65 20.00
C VAL B 460 9.84 -26.18 19.41
N TYR B 461 10.36 -27.24 20.04
CA TYR B 461 11.64 -27.79 19.66
C TYR B 461 11.82 -29.17 20.25
N ALA B 462 12.63 -30.01 19.58
CA ALA B 462 13.09 -31.29 20.11
C ALA B 462 14.51 -31.59 19.61
N PHE B 463 15.43 -31.85 20.56
CA PHE B 463 16.78 -32.29 20.22
C PHE B 463 16.82 -33.82 20.18
N THR B 464 17.11 -34.38 18.99
CA THR B 464 17.30 -35.82 18.85
C THR B 464 18.29 -36.08 17.72
N GLY B 465 19.29 -36.93 17.99
CA GLY B 465 20.31 -37.21 17.00
C GLY B 465 21.67 -36.66 17.38
N MET B 466 22.67 -37.54 17.43
CA MET B 466 24.07 -37.19 17.67
C MET B 466 24.90 -37.94 16.63
N GLN B 467 25.40 -37.25 15.61
CA GLN B 467 26.08 -37.87 14.46
C GLN B 467 27.54 -37.43 14.40
N SER B 468 28.44 -38.38 14.20
CA SER B 468 29.87 -38.09 14.12
C SER B 468 30.23 -37.31 12.86
N GLY B 469 31.29 -36.50 12.96
CA GLY B 469 31.75 -35.68 11.87
C GLY B 469 33.16 -35.19 12.09
N ASN B 470 33.60 -34.28 11.23
CA ASN B 470 34.95 -33.74 11.33
C ASN B 470 34.98 -32.34 10.71
N LEU B 471 35.64 -31.41 11.42
CA LEU B 471 35.70 -30.00 11.00
C LEU B 471 36.18 -29.83 9.56
N TYR B 472 37.12 -30.65 9.12
CA TYR B 472 37.76 -30.44 7.83
C TYR B 472 37.11 -31.25 6.71
N GLN B 473 35.90 -31.80 6.92
CA GLN B 473 35.18 -32.55 5.88
C GLN B 473 33.76 -32.03 5.73
N THR B 474 33.31 -31.86 4.49
CA THR B 474 31.91 -31.51 4.25
C THR B 474 31.04 -32.75 4.47
N SER B 475 29.99 -32.61 5.28
CA SER B 475 29.29 -33.78 5.83
C SER B 475 28.52 -34.52 4.72
N PRO B 476 28.50 -35.85 4.73
CA PRO B 476 27.61 -36.61 3.83
C PRO B 476 26.16 -36.52 4.28
N HIS B 477 25.26 -36.90 3.38
CA HIS B 477 23.85 -37.15 3.72
C HIS B 477 23.78 -38.12 4.90
N THR B 478 23.03 -37.76 5.94
CA THR B 478 22.84 -38.57 7.15
C THR B 478 21.38 -38.64 7.52
N PRO B 479 21.00 -39.57 8.41
CA PRO B 479 19.58 -39.68 8.79
C PRO B 479 19.01 -38.39 9.37
N LEU B 480 17.73 -38.14 9.03
CA LEU B 480 16.91 -37.15 9.71
C LEU B 480 15.99 -37.87 10.69
N PRO B 481 16.11 -37.65 12.00
CA PRO B 481 15.24 -38.34 12.96
C PRO B 481 13.77 -37.98 12.78
N ASP B 482 12.91 -38.77 13.42
CA ASP B 482 11.47 -38.52 13.37
C ASP B 482 11.08 -37.41 14.33
N PHE B 483 10.60 -36.30 13.76
CA PHE B 483 10.14 -35.12 14.50
C PHE B 483 8.65 -34.86 14.30
N SER B 484 7.86 -35.89 13.98
CA SER B 484 6.45 -35.64 13.72
C SER B 484 5.66 -35.31 14.99
N SER B 485 6.23 -35.54 16.17
CA SER B 485 5.54 -35.13 17.40
C SER B 485 5.35 -33.61 17.49
N LEU B 486 6.09 -32.84 16.71
CA LEU B 486 5.91 -31.39 16.67
C LEU B 486 4.96 -30.96 15.54
N ASP B 487 4.40 -31.91 14.79
CA ASP B 487 3.48 -31.58 13.72
C ASP B 487 2.24 -30.88 14.27
N GLY B 488 1.53 -30.21 13.37
CA GLY B 488 0.27 -29.59 13.70
C GLY B 488 0.41 -28.16 14.19
N SER B 489 -0.63 -27.72 14.89
CA SER B 489 -0.69 -26.36 15.42
C SER B 489 0.43 -26.12 16.43
N ILE B 490 0.92 -24.89 16.47
CA ILE B 490 1.99 -24.51 17.40
C ILE B 490 1.32 -23.95 18.65
N PRO B 491 1.51 -24.55 19.82
CA PRO B 491 0.89 -24.01 21.04
C PRO B 491 1.59 -22.74 21.50
N LYS B 492 0.85 -21.94 22.26
CA LYS B 492 1.44 -20.76 22.87
C LYS B 492 2.39 -21.17 23.99
N THR B 493 3.58 -20.56 24.02
CA THR B 493 4.55 -20.84 25.07
C THR B 493 5.03 -19.61 25.81
N ASN B 494 4.75 -18.40 25.33
CA ASN B 494 5.18 -17.20 26.02
C ASN B 494 4.27 -16.04 25.65
N GLU B 495 4.03 -15.15 26.61
CA GLU B 495 3.34 -13.89 26.39
C GLU B 495 4.10 -12.80 27.15
N THR B 496 4.30 -11.64 26.49
CA THR B 496 5.16 -10.59 27.05
C THR B 496 4.50 -9.24 26.86
N ASP B 497 4.66 -8.37 27.87
CA ASP B 497 4.10 -7.02 27.84
C ASP B 497 5.13 -6.05 28.43
N LEU B 498 5.53 -5.05 27.64
CA LEU B 498 6.48 -4.03 28.09
C LEU B 498 5.84 -2.68 27.87
N GLY B 499 5.81 -1.86 28.91
CA GLY B 499 5.26 -0.51 28.78
C GLY B 499 5.98 0.46 29.69
N GLY B 500 6.02 1.73 29.27
CA GLY B 500 6.71 2.75 30.06
C GLY B 500 6.20 4.14 29.76
N VAL B 501 6.59 5.08 30.64
CA VAL B 501 6.29 6.50 30.48
C VAL B 501 7.55 7.26 30.86
N ALA B 502 7.86 8.33 30.13
CA ALA B 502 9.13 9.02 30.33
C ALA B 502 8.99 10.52 30.18
N LEU B 503 9.80 11.25 30.95
CA LEU B 503 9.93 12.71 30.77
C LEU B 503 11.40 13.11 30.69
N ALA B 504 11.72 14.01 29.75
CA ALA B 504 13.09 14.51 29.58
C ALA B 504 13.08 15.97 29.15
N ASP B 505 14.13 16.70 29.56
CA ASP B 505 14.26 18.15 29.31
C ASP B 505 15.70 18.47 28.97
N ARG B 506 15.94 19.05 27.80
CA ARG B 506 17.24 19.63 27.47
C ARG B 506 17.24 21.12 27.77
N LEU B 507 18.15 21.56 28.63
CA LEU B 507 18.28 22.97 29.01
C LEU B 507 19.42 23.60 28.23
N SER B 508 19.12 24.62 27.44
CA SER B 508 20.13 25.26 26.61
C SER B 508 20.27 26.72 27.01
N PHE B 509 21.51 27.14 27.32
CA PHE B 509 21.78 28.52 27.72
C PHE B 509 23.10 28.98 27.11
N LEU B 510 23.38 30.26 27.31
CA LEU B 510 24.57 30.92 26.79
C LEU B 510 24.72 30.66 25.30
N GLU B 511 23.68 31.05 24.55
CA GLU B 511 23.66 30.95 23.08
C GLU B 511 23.81 29.50 22.59
N ASP B 512 23.13 28.58 23.28
CA ASP B 512 23.11 27.17 22.92
C ASP B 512 24.49 26.53 22.92
N ARG B 513 25.46 27.14 23.60
CA ARG B 513 26.82 26.61 23.61
C ARG B 513 27.10 25.75 24.84
N VAL B 514 26.16 25.67 25.77
CA VAL B 514 26.15 24.68 26.84
C VAL B 514 24.78 24.02 26.82
N GLN B 515 24.75 22.67 26.80
CA GLN B 515 23.49 21.92 26.80
C GLN B 515 23.52 20.88 27.91
N VAL B 516 22.51 20.92 28.77
CA VAL B 516 22.35 19.97 29.87
C VAL B 516 21.03 19.22 29.65
N THR B 517 21.11 17.89 29.59
CA THR B 517 19.92 17.07 29.35
C THR B 517 19.69 16.16 30.55
N LEU B 518 18.44 16.12 31.03
CA LEU B 518 18.02 15.26 32.13
C LEU B 518 16.70 14.57 31.78
N GLY B 519 16.51 13.35 32.27
CA GLY B 519 15.22 12.71 32.12
C GLY B 519 15.08 11.49 33.01
N VAL B 520 13.84 11.01 33.10
CA VAL B 520 13.58 9.80 33.89
C VAL B 520 12.47 8.98 33.23
N ARG B 521 12.55 7.66 33.38
CA ARG B 521 11.60 6.72 32.80
C ARG B 521 11.17 5.70 33.85
N ARG B 522 9.88 5.41 33.91
CA ARG B 522 9.37 4.26 34.66
C ARG B 522 9.06 3.13 33.67
N GLN B 523 9.81 2.02 33.77
CA GLN B 523 9.70 0.89 32.84
C GLN B 523 9.01 -0.31 33.48
N GLN B 524 7.94 -0.80 32.85
CA GLN B 524 7.23 -1.99 33.32
C GLN B 524 7.51 -3.21 32.44
N ILE B 525 7.60 -4.38 33.08
CA ILE B 525 7.98 -5.64 32.45
C ILE B 525 7.07 -6.75 32.97
N GLU B 526 6.42 -7.50 32.08
CA GLU B 526 5.58 -8.62 32.47
C GLU B 526 5.61 -9.74 31.41
N SER B 527 5.70 -11.00 31.87
CA SER B 527 5.76 -12.17 30.99
C SER B 527 5.15 -13.40 31.69
N ARG B 528 4.62 -14.32 30.87
CA ARG B 528 4.13 -15.62 31.31
C ARG B 528 4.68 -16.71 30.40
N ASN B 529 5.05 -17.85 30.99
CA ASN B 529 5.56 -18.99 30.24
C ASN B 529 4.68 -20.22 30.49
N TYR B 530 4.55 -21.04 29.44
CA TYR B 530 3.77 -22.27 29.46
C TYR B 530 4.61 -23.39 28.87
N ASP B 531 4.52 -24.58 29.47
CA ASP B 531 5.30 -25.71 29.00
C ASP B 531 4.86 -26.13 27.60
N GLN B 532 5.83 -26.52 26.75
CA GLN B 532 5.52 -26.77 25.34
C GLN B 532 4.76 -28.07 25.13
N THR B 533 4.87 -29.04 26.03
CA THR B 533 4.18 -30.32 25.89
C THR B 533 2.87 -30.36 26.67
N SER B 534 2.90 -29.96 27.94
CA SER B 534 1.77 -30.05 28.87
C SER B 534 0.90 -28.81 28.90
N GLY B 535 1.35 -27.68 28.37
CA GLY B 535 0.57 -26.46 28.52
C GLY B 535 0.53 -25.89 29.91
N ALA B 536 1.28 -26.45 30.84
CA ALA B 536 1.22 -26.01 32.23
C ALA B 536 1.82 -24.61 32.39
N ARG B 537 1.29 -23.86 33.36
CA ARG B 537 1.85 -22.55 33.66
C ARG B 537 3.16 -22.75 34.42
N THR B 538 4.26 -22.19 33.91
CA THR B 538 5.56 -22.39 34.52
C THR B 538 6.09 -21.17 35.27
N SER B 539 6.04 -19.97 34.67
CA SER B 539 6.50 -18.75 35.35
C SER B 539 5.60 -17.55 35.01
N HIS B 540 5.56 -16.56 35.92
CA HIS B 540 4.88 -15.28 35.69
C HIS B 540 5.70 -14.19 36.36
N ASP B 541 6.51 -13.48 35.59
CA ASP B 541 7.37 -12.43 36.09
C ASP B 541 6.68 -11.09 35.87
N LYS B 542 6.76 -10.20 36.88
CA LYS B 542 6.18 -8.86 36.77
C LYS B 542 6.98 -7.90 37.65
N ARG B 543 7.56 -6.88 37.02
CA ARG B 543 8.50 -5.96 37.66
C ARG B 543 8.30 -4.53 37.15
N HIS B 544 8.84 -3.56 37.88
CA HIS B 544 9.03 -2.21 37.35
C HIS B 544 10.34 -1.64 37.89
N VAL B 545 10.92 -0.68 37.15
CA VAL B 545 12.18 -0.05 37.52
C VAL B 545 12.20 1.38 36.96
N TRP B 546 12.75 2.32 37.75
CA TRP B 546 13.01 3.69 37.29
C TRP B 546 14.42 3.79 36.70
N THR B 547 14.53 4.47 35.56
CA THR B 547 15.85 4.55 34.93
C THR B 547 16.07 5.96 34.39
N PRO B 548 17.15 6.64 34.82
CA PRO B 548 17.37 8.05 34.40
C PRO B 548 18.52 8.26 33.40
N MET B 549 18.76 9.52 33.01
CA MET B 549 20.00 9.92 32.33
C MET B 549 20.35 11.35 32.75
N ALA B 550 21.59 11.74 32.47
CA ALA B 550 22.01 13.12 32.61
C ALA B 550 23.23 13.33 31.72
N SER B 551 23.26 14.45 31.00
CA SER B 551 24.41 14.73 30.16
C SER B 551 24.67 16.22 30.15
N VAL B 552 25.91 16.56 29.81
CA VAL B 552 26.32 17.94 29.55
C VAL B 552 27.23 17.96 28.34
N LEU B 553 27.01 18.94 27.46
CA LEU B 553 27.79 19.14 26.26
C LEU B 553 28.15 20.62 26.15
N VAL B 554 29.42 20.92 25.86
CA VAL B 554 29.94 22.28 25.77
C VAL B 554 30.65 22.45 24.43
N LYS B 555 30.48 23.63 23.81
CA LYS B 555 31.06 23.97 22.51
C LYS B 555 32.11 25.06 22.64
N PRO B 556 33.33 24.72 23.07
CA PRO B 556 34.34 25.77 23.22
C PRO B 556 34.64 26.48 21.91
N LEU B 557 34.71 25.75 20.81
CA LEU B 557 34.81 26.36 19.50
C LEU B 557 33.59 26.01 18.67
N GLN B 558 33.41 26.79 17.60
CA GLN B 558 32.42 26.48 16.58
C GLN B 558 32.49 25.01 16.19
N ASP B 559 33.69 24.51 15.97
CA ASP B 559 33.93 23.21 15.35
C ASP B 559 34.33 22.13 16.35
N LEU B 560 34.16 22.37 17.66
CA LEU B 560 34.63 21.42 18.66
C LEU B 560 33.59 21.24 19.75
N SER B 561 33.26 19.98 20.05
CA SER B 561 32.29 19.64 21.09
C SER B 561 32.96 18.74 22.12
N LEU B 562 32.71 19.02 23.41
CA LEU B 562 33.14 18.15 24.50
C LEU B 562 31.92 17.72 25.32
N TYR B 563 31.94 16.50 25.88
CA TYR B 563 30.69 16.00 26.46
C TYR B 563 30.92 14.93 27.51
N ALA B 564 29.87 14.71 28.32
CA ALA B 564 29.81 13.62 29.31
C ALA B 564 28.38 13.11 29.42
N ASN B 565 28.21 11.82 29.72
CA ASN B 565 26.86 11.30 29.96
C ASN B 565 26.87 10.21 31.01
N TYR B 566 25.72 10.03 31.67
CA TYR B 566 25.41 8.86 32.45
C TYR B 566 24.08 8.30 31.94
N ILE B 567 23.99 6.99 31.77
CA ILE B 567 22.73 6.37 31.34
C ILE B 567 22.80 4.88 31.65
N GLN B 568 21.62 4.23 31.64
CA GLN B 568 21.50 2.85 32.10
C GLN B 568 20.96 1.93 31.00
N GLY B 569 21.18 0.62 31.20
CA GLY B 569 20.52 -0.40 30.42
C GLY B 569 19.82 -1.41 31.32
N LEU B 570 18.81 -2.07 30.76
CA LEU B 570 17.97 -3.02 31.49
C LEU B 570 17.81 -4.32 30.71
N SER B 571 17.93 -5.44 31.42
CA SER B 571 17.62 -6.77 30.89
C SER B 571 16.76 -7.52 31.92
N GLN B 572 15.73 -8.22 31.42
CA GLN B 572 14.91 -9.04 32.30
C GLN B 572 15.78 -10.13 32.92
N GLY B 573 15.51 -10.46 34.19
CA GLY B 573 16.26 -11.50 34.85
C GLY B 573 16.14 -12.84 34.15
N GLU B 574 17.16 -13.68 34.37
CA GLU B 574 17.12 -15.04 33.83
C GLU B 574 16.39 -15.97 34.77
N ALA B 575 15.94 -17.09 34.22
CA ALA B 575 15.40 -18.20 34.99
C ALA B 575 16.51 -19.22 35.24
N ALA B 576 16.45 -19.84 36.39
CA ALA B 576 17.53 -20.75 36.75
C ALA B 576 17.44 -22.08 35.98
N PRO B 577 18.59 -22.69 35.70
CA PRO B 577 18.57 -24.00 35.04
C PRO B 577 17.90 -25.05 35.91
N MET B 578 17.39 -26.09 35.26
CA MET B 578 16.63 -27.10 36.00
C MET B 578 17.51 -27.95 36.90
N THR B 579 18.82 -27.92 36.70
CA THR B 579 19.75 -28.72 37.49
C THR B 579 20.23 -28.01 38.75
N ALA B 580 19.61 -26.90 39.12
CA ALA B 580 19.99 -26.14 40.31
C ALA B 580 18.84 -26.11 41.30
N ALA B 581 19.15 -25.66 42.52
CA ALA B 581 18.14 -25.60 43.58
C ALA B 581 17.08 -24.54 43.31
N ASN B 582 17.39 -23.53 42.47
CA ASN B 582 16.43 -22.49 42.14
C ASN B 582 15.34 -22.94 41.19
N ALA B 583 15.55 -24.07 40.49
CA ALA B 583 14.56 -24.63 39.55
C ALA B 583 14.18 -23.53 38.57
N GLY B 584 12.88 -23.27 38.35
CA GLY B 584 12.50 -22.33 37.32
C GLY B 584 12.32 -20.90 37.82
N GLN B 585 13.09 -20.51 38.82
CA GLN B 585 12.92 -19.19 39.43
C GLN B 585 13.56 -18.10 38.58
N VAL B 586 12.83 -17.00 38.42
CA VAL B 586 13.26 -15.86 37.61
C VAL B 586 13.90 -14.82 38.52
N LEU B 587 15.10 -14.38 38.16
CA LEU B 587 15.80 -13.39 38.98
C LEU B 587 15.32 -11.98 38.63
N ALA B 588 15.67 -11.03 39.50
CA ALA B 588 15.32 -9.63 39.29
C ALA B 588 16.08 -9.05 38.10
N PRO B 589 15.59 -7.95 37.51
CA PRO B 589 16.25 -7.38 36.33
C PRO B 589 17.69 -6.99 36.59
N TYR B 590 18.50 -7.02 35.52
CA TYR B 590 19.89 -6.56 35.56
C TYR B 590 19.95 -5.10 35.12
N LYS B 591 20.55 -4.25 35.94
CA LYS B 591 20.69 -2.84 35.58
C LYS B 591 22.15 -2.57 35.28
N ALA B 592 22.45 -2.32 34.00
CA ALA B 592 23.80 -1.84 33.62
C ALA B 592 23.86 -0.33 33.72
N GLU B 593 25.06 0.19 34.01
CA GLU B 593 25.25 1.62 34.14
C GLU B 593 26.46 2.11 33.32
N GLN B 594 26.28 3.21 32.60
CA GLN B 594 27.35 3.76 31.77
C GLN B 594 27.76 5.15 32.21
N TYR B 595 29.07 5.39 32.25
CA TYR B 595 29.67 6.71 32.19
C TYR B 595 30.47 6.84 30.90
N GLU B 596 30.44 8.02 30.28
CA GLU B 596 31.22 8.29 29.08
C GLU B 596 31.63 9.75 29.05
N ILE B 597 32.83 10.02 28.52
CA ILE B 597 33.25 11.37 28.14
C ILE B 597 33.88 11.29 26.76
N GLY B 598 33.92 12.44 26.06
CA GLY B 598 34.40 12.43 24.70
C GLY B 598 34.55 13.82 24.12
N ALA B 599 35.10 13.86 22.91
CA ALA B 599 35.43 15.10 22.19
C ALA B 599 35.26 14.85 20.70
N LYS B 600 34.68 15.83 19.99
CA LYS B 600 34.45 15.73 18.55
C LYS B 600 34.92 17.01 17.86
N TYR B 601 35.71 16.86 16.79
CA TYR B 601 36.35 17.99 16.11
C TYR B 601 36.04 17.91 14.61
N ASP B 602 35.16 18.79 14.12
CA ASP B 602 34.79 18.84 12.70
C ASP B 602 35.61 19.90 11.99
N LEU B 603 36.51 19.47 11.10
CA LEU B 603 37.38 20.38 10.36
C LEU B 603 36.84 20.72 8.98
N GLY B 604 35.54 20.55 8.76
CA GLY B 604 34.96 20.82 7.45
C GLY B 604 35.00 19.63 6.52
N GLY B 605 36.20 19.23 6.08
CA GLY B 605 36.30 18.08 5.21
C GLY B 605 36.22 16.73 5.93
N PHE B 606 36.55 16.70 7.22
CA PHE B 606 36.53 15.44 7.96
C PHE B 606 36.44 15.74 9.46
N THR B 607 36.06 14.70 10.22
CA THR B 607 35.80 14.80 11.66
C THR B 607 36.65 13.79 12.39
N THR B 608 37.24 14.21 13.51
CA THR B 608 37.91 13.30 14.44
C THR B 608 37.12 13.23 15.74
N THR B 609 36.90 12.02 16.26
CA THR B 609 36.22 11.83 17.54
C THR B 609 37.03 10.94 18.47
N LEU B 610 36.91 11.24 19.77
CA LEU B 610 37.51 10.44 20.82
C LEU B 610 36.48 10.22 21.91
N ALA B 611 36.54 9.05 22.56
CA ALA B 611 35.58 8.68 23.59
C ALA B 611 36.21 7.71 24.59
N LEU B 612 35.82 7.84 25.87
CA LEU B 612 36.21 6.90 26.91
C LEU B 612 34.98 6.53 27.73
N PHE B 613 34.82 5.24 28.03
CA PHE B 613 33.59 4.77 28.66
C PHE B 613 33.89 3.69 29.69
N GLU B 614 32.95 3.56 30.63
CA GLU B 614 32.83 2.39 31.50
C GLU B 614 31.39 1.90 31.49
N ILE B 615 31.20 0.59 31.35
CA ILE B 615 29.88 -0.02 31.52
C ILE B 615 30.00 -1.17 32.50
N ARG B 616 29.33 -1.05 33.66
CA ARG B 616 29.22 -2.11 34.65
C ARG B 616 27.83 -2.77 34.57
N LYS B 617 27.78 -4.10 34.77
CA LYS B 617 26.52 -4.85 34.72
C LYS B 617 26.63 -6.15 35.52
N PRO B 618 25.55 -6.60 36.19
CA PRO B 618 25.60 -7.87 36.92
C PRO B 618 25.52 -9.11 36.04
N ASN B 619 26.17 -10.17 36.50
CA ASN B 619 26.13 -11.50 35.90
C ASN B 619 25.47 -12.48 36.85
N ALA B 620 24.91 -13.54 36.28
CA ALA B 620 24.30 -14.62 37.05
C ALA B 620 25.06 -15.92 36.83
N TYR B 621 25.28 -16.67 37.91
CA TYR B 621 25.90 -18.00 37.82
C TYR B 621 25.39 -18.86 38.98
N THR B 622 25.64 -20.17 38.86
CA THR B 622 25.25 -21.14 39.87
C THR B 622 26.40 -21.32 40.86
N ASP B 623 26.18 -20.94 42.12
CA ASP B 623 27.26 -20.91 43.11
C ASP B 623 27.65 -22.35 43.51
N ALA B 624 28.51 -22.47 44.52
CA ALA B 624 28.96 -23.77 44.98
C ALA B 624 27.99 -24.45 45.93
N SER B 625 27.00 -23.72 46.45
CA SER B 625 25.85 -24.31 47.11
C SER B 625 24.70 -24.57 46.13
N ASN B 626 24.96 -24.48 44.82
CA ASN B 626 24.01 -24.84 43.77
C ASN B 626 22.76 -23.93 43.79
N VAL B 627 22.99 -22.63 43.94
CA VAL B 627 21.92 -21.63 43.88
C VAL B 627 22.28 -20.62 42.79
N PHE B 628 21.43 -20.55 41.76
CA PHE B 628 21.55 -19.56 40.71
C PHE B 628 21.34 -18.15 41.29
N ARG B 629 22.37 -17.30 41.19
CA ARG B 629 22.35 -16.02 41.86
C ARG B 629 23.02 -14.95 41.00
N ALA B 630 22.45 -13.75 40.99
CA ALA B 630 22.93 -12.65 40.16
C ALA B 630 24.03 -11.86 40.86
N ASP B 631 25.07 -12.59 41.28
CA ASP B 631 26.10 -12.03 42.14
C ASP B 631 27.34 -11.54 41.40
N GLY B 632 27.56 -11.96 40.15
CA GLY B 632 28.71 -11.52 39.43
C GLY B 632 28.59 -10.09 38.93
N GLU B 633 29.73 -9.50 38.59
CA GLU B 633 29.70 -8.21 37.93
C GLU B 633 30.71 -8.20 36.80
N GLN B 634 30.32 -7.54 35.72
CA GLN B 634 31.21 -7.27 34.60
C GLN B 634 31.52 -5.77 34.59
N ARG B 635 32.75 -5.43 34.22
CA ARG B 635 33.19 -4.03 34.14
C ARG B 635 33.99 -3.87 32.86
N ASN B 636 33.35 -3.32 31.81
CA ASN B 636 34.02 -3.05 30.53
C ASN B 636 34.40 -1.58 30.46
N ARG B 637 35.68 -1.31 30.21
CA ARG B 637 36.21 0.05 30.06
C ARG B 637 36.98 0.13 28.74
N GLY B 638 36.72 1.17 27.97
CA GLY B 638 37.29 1.26 26.64
C GLY B 638 37.61 2.68 26.20
N VAL B 639 38.30 2.77 25.05
CA VAL B 639 38.58 4.02 24.38
C VAL B 639 38.38 3.81 22.90
N GLU B 640 37.74 4.79 22.25
CA GLU B 640 37.38 4.70 20.84
C GLU B 640 37.91 5.92 20.10
N LEU B 641 38.52 5.70 18.94
CA LEU B 641 38.98 6.80 18.09
C LEU B 641 38.49 6.60 16.67
N SER B 642 38.19 7.70 15.97
CA SER B 642 37.70 7.59 14.59
C SER B 642 37.96 8.85 13.79
N LEU B 643 38.14 8.67 12.47
CA LEU B 643 38.26 9.74 11.47
C LEU B 643 37.48 9.34 10.23
N TYR B 644 36.65 10.24 9.74
CA TYR B 644 35.84 9.97 8.56
C TYR B 644 35.57 11.27 7.81
N GLY B 645 35.52 11.17 6.49
CA GLY B 645 35.15 12.32 5.66
C GLY B 645 35.78 12.24 4.27
N GLU B 646 36.12 13.41 3.74
CA GLU B 646 36.80 13.54 2.45
C GLU B 646 37.98 14.47 2.64
N PRO B 647 39.13 13.95 3.11
CA PRO B 647 40.26 14.85 3.40
C PRO B 647 40.87 15.50 2.16
N LEU B 648 40.98 14.77 1.05
CA LEU B 648 41.38 15.31 -0.23
C LEU B 648 40.24 15.15 -1.22
N ASP B 649 40.18 16.04 -2.19
CA ASP B 649 39.10 15.99 -3.18
C ASP B 649 39.07 14.61 -3.84
N GLY B 650 37.98 13.86 -3.63
CA GLY B 650 37.82 12.56 -4.25
C GLY B 650 38.51 11.42 -3.56
N VAL B 651 39.05 11.63 -2.36
CA VAL B 651 39.57 10.55 -1.52
C VAL B 651 38.76 10.57 -0.23
N ARG B 652 37.89 9.58 -0.08
CA ARG B 652 37.04 9.46 1.09
C ARG B 652 37.60 8.38 2.00
N VAL B 653 37.49 8.59 3.32
CA VAL B 653 38.16 7.77 4.31
C VAL B 653 37.22 7.50 5.48
N MET B 654 37.14 6.25 5.90
CA MET B 654 36.49 5.88 7.16
C MET B 654 37.45 5.00 7.93
N ALA B 655 37.95 5.48 9.07
CA ALA B 655 38.89 4.72 9.89
C ALA B 655 38.50 4.82 11.37
N GLY B 656 38.90 3.80 12.14
CA GLY B 656 38.70 3.82 13.58
C GLY B 656 39.42 2.66 14.23
N ALA B 657 39.69 2.82 15.52
CA ALA B 657 40.25 1.76 16.34
C ALA B 657 39.64 1.82 17.74
N THR B 658 39.50 0.66 18.39
CA THR B 658 38.95 0.60 19.73
C THR B 658 39.83 -0.30 20.61
N TYR B 659 39.86 0.01 21.90
CA TYR B 659 40.55 -0.82 22.88
C TYR B 659 39.66 -0.98 24.09
N ILE B 660 39.54 -2.21 24.61
CA ILE B 660 38.62 -2.47 25.70
C ILE B 660 39.21 -3.52 26.65
N LYS B 661 39.00 -3.32 27.96
CA LYS B 661 39.35 -4.30 28.98
C LYS B 661 38.08 -4.90 29.55
N PRO B 662 37.67 -6.09 29.09
CA PRO B 662 36.36 -6.69 29.45
C PRO B 662 36.45 -7.58 30.70
N GLU B 663 36.47 -6.92 31.86
CA GLU B 663 36.91 -7.57 33.09
C GLU B 663 35.76 -8.26 33.82
N GLN B 664 35.94 -9.56 34.13
CA GLN B 664 35.03 -10.28 35.03
C GLN B 664 35.48 -10.01 36.46
N ASN B 665 35.14 -8.82 36.97
CA ASN B 665 35.73 -8.34 38.22
C ASN B 665 35.11 -8.95 39.47
N LYS B 666 34.05 -9.74 39.34
CA LYS B 666 33.52 -10.45 40.50
C LYS B 666 32.91 -11.75 40.01
N THR B 667 33.55 -12.87 40.36
CA THR B 667 33.02 -14.21 40.12
C THR B 667 33.22 -15.01 41.39
N GLY B 668 32.53 -16.15 41.48
CA GLY B 668 32.69 -17.00 42.64
C GLY B 668 33.80 -18.02 42.53
N ASP B 669 34.66 -17.90 41.52
CA ASP B 669 35.66 -18.91 41.20
C ASP B 669 36.98 -18.21 40.96
N PRO B 670 38.04 -18.55 41.70
CA PRO B 670 39.34 -17.91 41.48
C PRO B 670 39.94 -18.22 40.12
N ALA B 671 39.39 -19.18 39.38
CA ALA B 671 39.90 -19.49 38.05
C ALA B 671 39.49 -18.44 37.02
N SER B 672 38.46 -17.63 37.33
CA SER B 672 37.96 -16.64 36.40
C SER B 672 38.00 -15.22 36.92
N GLU B 673 38.16 -15.03 38.24
CA GLU B 673 38.17 -13.72 38.85
C GLU B 673 39.17 -12.79 38.18
N GLY B 674 38.69 -11.63 37.72
CA GLY B 674 39.56 -10.68 37.07
C GLY B 674 40.01 -11.03 35.66
N LYS B 675 39.58 -12.17 35.11
CA LYS B 675 39.90 -12.51 33.74
C LYS B 675 39.01 -11.74 32.76
N ASP B 676 39.29 -11.90 31.48
CA ASP B 676 38.51 -11.29 30.42
C ASP B 676 37.21 -12.04 30.16
N ALA B 677 36.15 -11.30 29.88
CA ALA B 677 34.91 -11.93 29.44
C ALA B 677 35.13 -12.65 28.11
N PRO B 678 34.58 -13.84 27.92
CA PRO B 678 34.82 -14.57 26.67
C PRO B 678 34.14 -13.90 25.50
N GLY B 679 34.72 -14.06 24.31
CA GLY B 679 34.17 -13.45 23.12
C GLY B 679 34.36 -11.95 22.98
N VAL B 680 35.32 -11.36 23.69
CA VAL B 680 35.53 -9.91 23.65
C VAL B 680 37.01 -9.67 23.40
N ALA B 681 37.37 -9.42 22.16
CA ALA B 681 38.74 -9.06 21.82
C ALA B 681 39.08 -7.69 22.40
N ARG B 682 40.29 -7.56 22.92
CA ARG B 682 40.73 -6.28 23.47
C ARG B 682 41.03 -5.23 22.39
N ARG B 683 41.40 -5.65 21.17
CA ARG B 683 41.78 -4.70 20.12
C ARG B 683 41.04 -4.98 18.82
N GLN B 684 40.48 -3.93 18.22
CA GLN B 684 39.78 -3.97 16.94
C GLN B 684 40.09 -2.71 16.13
N ALA B 685 40.04 -2.82 14.81
CA ALA B 685 40.24 -1.67 13.94
C ALA B 685 39.72 -1.94 12.52
N ASN B 686 39.41 -0.84 11.83
CA ASN B 686 38.90 -0.80 10.46
C ASN B 686 39.53 0.38 9.74
N LEU B 687 39.84 0.20 8.45
CA LEU B 687 40.29 1.31 7.60
C LEU B 687 39.77 1.09 6.19
N GLY B 688 39.02 2.05 5.68
CA GLY B 688 38.48 1.98 4.34
C GLY B 688 38.76 3.24 3.57
N VAL B 689 39.10 3.07 2.28
CA VAL B 689 39.46 4.14 1.36
C VAL B 689 38.63 3.98 0.09
N SER B 690 38.04 5.08 -0.38
CA SER B 690 37.29 5.04 -1.64
C SER B 690 37.72 6.24 -2.47
N TRP B 691 38.09 6.00 -3.72
CA TRP B 691 38.92 6.93 -4.47
C TRP B 691 38.40 7.09 -5.90
N ASP B 692 37.95 8.30 -6.24
CA ASP B 692 37.63 8.60 -7.63
C ASP B 692 38.94 8.83 -8.37
N THR B 693 39.23 7.97 -9.35
CA THR B 693 40.48 8.10 -10.11
C THR B 693 40.44 9.36 -10.96
N PRO B 694 41.45 10.24 -10.88
CA PRO B 694 41.51 11.38 -11.79
C PRO B 694 41.87 11.01 -13.23
N PHE B 695 42.28 9.77 -13.50
CA PHE B 695 42.73 9.41 -14.83
C PHE B 695 41.69 8.63 -15.66
N VAL B 696 40.67 8.06 -15.03
CA VAL B 696 39.53 7.48 -15.77
C VAL B 696 38.26 8.11 -15.22
N ASP B 697 37.56 8.89 -16.05
CA ASP B 697 36.34 9.55 -15.63
C ASP B 697 35.25 8.52 -15.36
N GLY B 698 34.63 8.59 -14.18
CA GLY B 698 33.58 7.69 -13.79
C GLY B 698 34.00 6.46 -13.01
N LEU B 699 35.30 6.22 -12.85
CA LEU B 699 35.79 5.02 -12.20
C LEU B 699 36.21 5.31 -10.77
N THR B 700 35.70 4.51 -9.82
CA THR B 700 36.01 4.63 -8.39
C THR B 700 36.52 3.29 -7.88
N LEU B 701 37.65 3.30 -7.15
CA LEU B 701 38.25 2.11 -6.58
C LEU B 701 38.14 2.16 -5.06
N ASP B 702 37.78 1.02 -4.46
CA ASP B 702 37.57 0.89 -3.02
C ASP B 702 38.48 -0.18 -2.44
N SER B 703 38.87 0.00 -1.18
CA SER B 703 39.57 -1.05 -0.45
C SER B 703 39.29 -0.92 1.05
N ARG B 704 39.24 -2.07 1.72
CA ARG B 704 38.89 -2.14 3.13
C ARG B 704 39.80 -3.13 3.86
N TRP B 705 40.12 -2.82 5.10
CA TRP B 705 40.93 -3.67 5.95
C TRP B 705 40.26 -3.77 7.32
N ILE B 706 39.92 -4.99 7.73
CA ILE B 706 39.24 -5.25 9.00
C ILE B 706 40.14 -6.09 9.87
N TYR B 707 40.35 -5.67 11.12
CA TYR B 707 41.21 -6.38 12.05
C TYR B 707 40.49 -6.67 13.37
N THR B 708 40.70 -7.88 13.89
CA THR B 708 40.19 -8.28 15.19
C THR B 708 41.30 -9.00 15.94
N GLY B 709 41.57 -8.56 17.17
CA GLY B 709 42.60 -9.18 17.98
C GLY B 709 42.18 -10.53 18.54
N SER B 710 43.08 -11.10 19.32
CA SER B 710 42.84 -12.39 19.96
C SER B 710 41.80 -12.25 21.07
N ALA B 711 41.21 -13.38 21.44
CA ALA B 711 40.13 -13.41 22.42
C ALA B 711 40.01 -14.83 22.97
N TYR B 712 39.15 -14.98 23.99
CA TYR B 712 38.93 -16.26 24.64
C TYR B 712 37.50 -16.74 24.45
N VAL B 713 37.33 -18.05 24.53
CA VAL B 713 36.01 -18.69 24.49
C VAL B 713 35.47 -19.05 25.89
N ASP B 714 36.34 -19.21 26.89
CA ASP B 714 35.93 -19.67 28.21
C ASP B 714 36.19 -18.61 29.26
N SER B 715 35.44 -18.69 30.37
CA SER B 715 35.58 -17.73 31.45
C SER B 715 36.89 -17.89 32.22
N ALA B 716 37.51 -19.07 32.18
CA ALA B 716 38.82 -19.24 32.78
C ALA B 716 39.96 -18.76 31.89
N ASN B 717 39.65 -18.35 30.66
CA ASN B 717 40.64 -17.83 29.72
C ASN B 717 41.70 -18.88 29.36
N ALA B 718 41.34 -20.16 29.38
CA ALA B 718 42.26 -21.21 28.96
C ALA B 718 42.19 -21.53 27.47
N LEU B 719 41.14 -21.09 26.78
CA LEU B 719 40.91 -21.44 25.38
C LEU B 719 40.91 -20.17 24.54
N ALA B 720 42.08 -19.79 24.04
CA ALA B 720 42.23 -18.58 23.24
C ALA B 720 42.11 -18.87 21.74
N VAL B 721 41.62 -17.88 21.00
CA VAL B 721 41.59 -17.98 19.54
C VAL B 721 42.40 -16.83 18.94
N PRO B 722 43.06 -17.05 17.80
CA PRO B 722 43.97 -16.04 17.24
C PRO B 722 43.26 -14.81 16.69
N HIS B 723 44.03 -13.74 16.56
CA HIS B 723 43.62 -12.54 15.82
C HIS B 723 43.33 -12.88 14.36
N TRP B 724 42.58 -12.00 13.68
CA TRP B 724 42.36 -12.22 12.25
C TRP B 724 42.27 -10.90 11.49
N ASN B 725 42.40 -11.02 10.16
CA ASN B 725 42.40 -9.90 9.21
C ASN B 725 41.54 -10.25 8.00
N ARG B 726 40.67 -9.32 7.57
CA ARG B 726 39.93 -9.47 6.31
C ARG B 726 40.21 -8.27 5.42
N VAL B 727 40.50 -8.52 4.13
CA VAL B 727 40.70 -7.47 3.12
C VAL B 727 39.60 -7.57 2.08
N ASP B 728 38.95 -6.42 1.78
CA ASP B 728 37.96 -6.32 0.72
C ASP B 728 38.46 -5.37 -0.37
N LEU B 729 38.12 -5.67 -1.64
CA LEU B 729 38.40 -4.79 -2.77
C LEU B 729 37.11 -4.57 -3.56
N GLY B 730 36.91 -3.35 -4.05
CA GLY B 730 35.77 -3.03 -4.89
C GLY B 730 36.11 -2.07 -6.00
N ALA B 731 35.21 -1.99 -6.99
CA ALA B 731 35.32 -1.00 -8.06
C ALA B 731 33.92 -0.68 -8.59
N ALA B 732 33.75 0.55 -9.07
CA ALA B 732 32.50 0.97 -9.71
C ALA B 732 32.83 1.82 -10.93
N TYR B 733 32.11 1.58 -12.04
CA TYR B 733 32.30 2.37 -13.26
C TYR B 733 30.97 2.97 -13.70
N ALA B 734 30.89 4.31 -13.74
CA ALA B 734 29.69 5.01 -14.17
C ALA B 734 29.82 5.51 -15.61
N PHE B 735 28.73 5.37 -16.38
CA PHE B 735 28.75 5.67 -17.81
C PHE B 735 27.30 5.87 -18.28
N GLN B 736 27.15 6.24 -19.55
CA GLN B 736 25.84 6.56 -20.11
C GLN B 736 25.55 5.73 -21.35
N VAL B 737 24.30 5.29 -21.47
CA VAL B 737 23.78 4.59 -22.65
C VAL B 737 22.45 5.24 -23.01
N ALA B 738 22.37 5.80 -24.22
CA ALA B 738 21.13 6.39 -24.74
C ALA B 738 20.57 7.45 -23.80
N GLY B 739 21.47 8.23 -23.19
CA GLY B 739 21.09 9.32 -22.32
C GLY B 739 20.87 8.95 -20.86
N LYS B 740 20.78 7.65 -20.54
CA LYS B 740 20.46 7.04 -19.24
C LYS B 740 21.74 6.82 -18.42
N PRO B 741 21.71 7.11 -17.12
CA PRO B 741 22.86 6.77 -16.25
C PRO B 741 22.88 5.28 -15.88
N LEU B 742 24.07 4.66 -15.99
CA LEU B 742 24.31 3.28 -15.62
C LEU B 742 25.53 3.19 -14.71
N VAL B 743 25.58 2.20 -13.83
CA VAL B 743 26.73 1.97 -12.97
C VAL B 743 26.97 0.46 -12.84
N ALA B 744 28.19 0.02 -13.16
CA ALA B 744 28.61 -1.36 -13.03
C ALA B 744 29.54 -1.50 -11.84
N ARG B 745 29.40 -2.59 -11.09
CA ARG B 745 30.08 -2.73 -9.82
C ARG B 745 30.61 -4.14 -9.62
N ALA B 746 31.77 -4.23 -8.96
CA ALA B 746 32.36 -5.48 -8.48
C ALA B 746 32.76 -5.33 -7.01
N ASN B 747 32.49 -6.37 -6.21
CA ASN B 747 32.91 -6.38 -4.81
C ASN B 747 33.54 -7.71 -4.46
N LEU B 748 34.77 -7.66 -3.93
CA LEU B 748 35.50 -8.88 -3.55
C LEU B 748 35.71 -8.87 -2.03
N GLU B 749 34.87 -9.62 -1.30
CA GLU B 749 34.98 -9.76 0.15
C GLU B 749 35.96 -10.88 0.51
N ASN B 750 36.81 -10.65 1.51
CA ASN B 750 37.81 -11.63 1.91
C ASN B 750 38.71 -11.99 0.72
N ALA B 751 39.30 -10.94 0.12
CA ALA B 751 40.08 -11.11 -1.11
C ALA B 751 41.25 -12.07 -0.94
N LEU B 752 41.85 -12.14 0.24
CA LEU B 752 43.01 -13.00 0.43
C LEU B 752 42.65 -14.41 0.86
N GLY B 753 41.35 -14.73 0.93
CA GLY B 753 40.91 -16.08 1.23
C GLY B 753 41.37 -16.66 2.56
N LYS B 754 41.28 -15.87 3.63
CA LYS B 754 41.66 -16.32 4.96
C LYS B 754 40.48 -17.01 5.67
N ASP B 755 40.79 -18.04 6.45
CA ASP B 755 39.80 -18.74 7.30
C ASP B 755 40.06 -18.38 8.76
N TYR B 756 38.99 -18.07 9.51
CA TYR B 756 39.15 -17.62 10.91
C TYR B 756 37.89 -17.83 11.74
N TRP B 757 38.11 -18.09 13.04
CA TRP B 757 37.02 -18.19 14.01
C TRP B 757 36.72 -16.82 14.62
N THR B 758 35.44 -16.53 14.81
CA THR B 758 35.02 -15.43 15.66
C THR B 758 34.60 -16.01 17.01
N ALA B 759 35.19 -15.51 18.09
CA ALA B 759 34.91 -16.03 19.43
C ALA B 759 33.61 -15.49 20.00
N ALA B 760 32.91 -16.34 20.75
CA ALA B 760 31.76 -15.95 21.57
C ALA B 760 31.85 -16.69 22.91
N ASN B 761 30.78 -16.65 23.71
CA ASN B 761 30.77 -17.24 25.05
C ASN B 761 30.42 -18.72 24.93
N GLY B 762 31.46 -19.57 24.93
CA GLY B 762 31.25 -21.00 24.84
C GLY B 762 31.10 -21.56 23.45
N TYR B 763 31.20 -20.72 22.39
CA TYR B 763 31.12 -21.19 21.01
C TYR B 763 31.81 -20.21 20.08
N LEU B 764 31.93 -20.61 18.82
CA LEU B 764 32.63 -19.84 17.79
C LEU B 764 31.88 -19.97 16.47
N SER B 765 32.09 -19.01 15.57
CA SER B 765 31.45 -19.10 14.26
C SER B 765 32.47 -18.88 13.15
N ILE B 766 32.37 -19.73 12.12
CA ILE B 766 33.33 -19.78 11.03
C ILE B 766 33.13 -18.60 10.09
N SER B 767 34.23 -18.17 9.47
CA SER B 767 34.25 -17.09 8.48
C SER B 767 33.54 -17.50 7.19
N SER B 768 33.05 -16.47 6.44
CA SER B 768 32.62 -16.65 5.05
C SER B 768 33.83 -16.68 4.11
N PRO B 769 33.77 -17.51 3.02
CA PRO B 769 34.92 -17.60 2.09
C PRO B 769 35.06 -16.39 1.20
N ARG B 770 36.12 -16.35 0.38
CA ARG B 770 36.25 -15.31 -0.63
C ARG B 770 35.02 -15.31 -1.52
N THR B 771 34.46 -14.13 -1.76
CA THR B 771 33.10 -13.99 -2.29
C THR B 771 33.05 -12.80 -3.25
N LEU B 772 32.89 -13.08 -4.55
CA LEU B 772 32.76 -12.02 -5.56
C LEU B 772 31.30 -11.74 -5.86
N SER B 773 30.95 -10.45 -5.91
CA SER B 773 29.63 -9.97 -6.32
C SER B 773 29.77 -9.03 -7.52
N LEU B 774 28.86 -9.14 -8.49
CA LEU B 774 28.81 -8.22 -9.61
C LEU B 774 27.39 -7.68 -9.79
N SER B 775 27.28 -6.41 -10.17
CA SER B 775 25.96 -5.79 -10.34
C SER B 775 26.01 -4.75 -11.46
N LEU B 776 24.84 -4.47 -12.03
CA LEU B 776 24.67 -3.44 -13.03
C LEU B 776 23.34 -2.74 -12.77
N THR B 777 23.39 -1.44 -12.57
CA THR B 777 22.24 -0.62 -12.23
C THR B 777 21.93 0.33 -13.38
N ALA B 778 20.64 0.56 -13.65
CA ALA B 778 20.23 1.52 -14.67
C ALA B 778 19.10 2.41 -14.15
N ASP B 779 19.16 3.71 -14.46
CA ASP B 779 18.12 4.65 -14.07
C ASP B 779 17.36 5.09 -15.31
N PHE B 780 16.10 4.69 -15.41
CA PHE B 780 15.26 5.00 -16.55
C PHE B 780 14.42 6.26 -16.32
O01 J9F C . -17.42 19.69 -27.96
C02 J9F C . -16.35 18.89 -28.18
C03 J9F C . -15.69 19.06 -29.40
C04 J9F C . -14.58 18.29 -29.70
C05 J9F C . -14.12 17.34 -28.80
C06 J9F C . -14.78 17.17 -27.59
C07 J9F C . -15.89 17.94 -27.25
C08 J9F C . -16.52 17.68 -25.94
N09 J9F C . -17.46 18.38 -25.46
C10 J9F C . -17.51 18.18 -23.99
C11 J9F C . -18.81 18.67 -23.35
O13 J9F C . -19.36 17.91 -22.51
C14 J9F C . -17.29 16.68 -23.82
S15 J9F C . -15.92 16.35 -24.95
O1 J9F C . -19.29 19.75 -23.69
C1 EDO D . -11.37 -13.08 -19.81
O1 EDO D . -11.71 -13.41 -18.47
C2 EDO D . -10.38 -14.09 -20.38
O2 EDO D . -9.03 -13.81 -20.02
C1 EDO E . -14.13 19.82 -15.96
O1 EDO E . -14.17 18.83 -14.92
C2 EDO E . -14.73 19.28 -17.24
O2 EDO E . -13.92 18.18 -17.66
C1 EDO F . -9.00 14.64 -18.56
O1 EDO F . -9.59 13.97 -17.43
C2 EDO F . -9.97 15.68 -19.09
O2 EDO F . -11.23 15.04 -19.29
C1 EDO G . -29.62 -0.98 5.37
O1 EDO G . -28.43 -1.48 5.99
C2 EDO G . -29.88 0.41 5.93
O2 EDO G . -29.33 0.45 7.25
O01 J9F H . -17.24 21.35 -25.20
C02 J9F H . -17.20 22.63 -24.76
C03 J9F H . -16.13 23.08 -23.98
C04 J9F H . -16.10 24.38 -23.55
C05 J9F H . -17.13 25.27 -23.85
C06 J9F H . -18.20 24.82 -24.62
C07 J9F H . -18.23 23.50 -25.08
C08 J9F H . -19.37 23.01 -25.86
N09 J9F H . -19.43 21.83 -26.31
C10 J9F H . -20.67 21.64 -27.08
C11 J9F H . -21.11 20.18 -26.96
O13 J9F H . -22.35 19.98 -27.05
C14 J9F H . -21.73 22.59 -26.50
S15 J9F H . -20.75 24.07 -26.15
O1 J9F H . -20.27 19.28 -26.76
C1 C8E I . -0.49 -7.47 -1.08
C2 C8E I . -0.17 -6.41 -0.02
C3 C8E I . -1.34 -5.46 0.25
C4 C8E I . -0.90 -3.99 0.18
C5 C8E I . -1.74 -3.15 1.13
C6 C8E I . -1.28 -1.71 1.27
C7 C8E I . -2.15 -1.02 2.32
C8 C8E I . -1.65 0.39 2.64
O9 C8E I . -2.68 1.13 3.26
C10 C8E I . -2.19 2.31 3.88
C11 C8E I . -3.28 3.37 3.92
O12 C8E I . -4.44 2.80 4.47
C1 EDO J . -29.32 -12.74 -21.63
O1 EDO J . -28.04 -12.62 -22.26
C2 EDO J . -29.20 -12.25 -20.20
O2 EDO J . -30.46 -12.38 -19.50
C1 EDO K . -32.94 8.56 -22.77
O1 EDO K . -33.46 8.76 -24.10
C2 EDO K . -33.74 7.50 -22.00
O2 EDO K . -35.08 7.95 -21.74
C1 EDO L . -25.69 5.70 -27.78
O1 EDO L . -26.03 6.51 -28.91
C2 EDO L . -26.84 4.75 -27.48
O2 EDO L . -27.38 4.30 -28.74
C1 C8E M . -7.65 -15.02 -34.46
C2 C8E M . -8.39 -14.65 -33.18
C3 C8E M . -9.39 -15.76 -32.85
C4 C8E M . -10.25 -15.45 -31.63
C5 C8E M . -11.70 -15.81 -31.90
C6 C8E M . -12.02 -17.20 -31.37
C7 C8E M . -13.06 -17.90 -32.24
C8 C8E M . -14.07 -18.63 -31.38
O9 C8E M . -15.33 -18.56 -32.03
C10 C8E M . -16.12 -19.72 -31.92
C11 C8E M . -17.55 -19.32 -32.22
O12 C8E M . -18.45 -20.37 -31.93
C13 C8E M . -19.17 -20.12 -30.74
C14 C8E M . -19.93 -21.38 -30.38
O15 C8E M . -20.73 -21.14 -29.24
C1 EDO N . 7.81 -20.68 7.79
O1 EDO N . 6.53 -21.32 7.72
C2 EDO N . 7.88 -19.57 6.75
O2 EDO N . 7.64 -20.14 5.45
FE FE O . -18.45 20.10 -26.03
K K P . -12.65 26.36 -15.13
C1 C8E Q . 4.13 -4.35 -0.55
C2 C8E Q . 4.12 -5.58 0.36
C3 C8E Q . 3.77 -5.14 1.78
C4 C8E Q . 3.13 -6.25 2.60
C5 C8E Q . 3.11 -5.85 4.07
C6 C8E Q . 1.87 -6.34 4.77
C7 C8E Q . 2.02 -6.22 6.28
C8 C8E Q . 0.98 -7.11 6.92
O9 C8E Q . 0.61 -6.64 8.20
C10 C8E Q . 1.68 -6.77 9.10
C11 C8E Q . 1.37 -7.93 10.05
O12 C8E Q . 0.13 -7.69 10.66
C13 C8E Q . 0.27 -6.78 11.71
C14 C8E Q . 0.29 -7.57 13.02
O15 C8E Q . 0.00 -8.92 12.70
O01 J9F R . 20.20 -24.79 18.52
C02 J9F R . 19.57 -24.79 17.32
C03 J9F R . 19.54 -25.98 16.61
C04 J9F R . 18.89 -26.04 15.39
C05 J9F R . 18.29 -24.91 14.86
C06 J9F R . 18.32 -23.71 15.56
C07 J9F R . 18.94 -23.63 16.81
C08 J9F R . 18.94 -22.32 17.48
N09 J9F R . 19.23 -22.16 18.71
C10 J9F R . 18.88 -20.79 19.13
C11 J9F R . 19.64 -20.41 20.41
O13 J9F R . 19.80 -19.20 20.70
C14 J9F R . 19.19 -19.92 17.91
S15 J9F R . 18.44 -20.89 16.58
O1 J9F R . 20.07 -21.34 21.10
C1 EDO S . 34.78 2.12 2.26
O1 EDO S . 35.54 3.14 2.92
C2 EDO S . 35.64 1.47 1.17
O2 EDO S . 34.79 0.52 0.51
C1 EDO T . 11.65 9.39 7.13
O1 EDO T . 11.94 8.05 7.56
C2 EDO T . 12.94 10.19 6.98
O2 EDO T . 13.37 10.15 5.63
C1 EDO U . 20.01 16.28 23.55
O1 EDO U . 21.14 15.79 24.28
C2 EDO U . 20.45 16.28 22.10
O2 EDO U . 21.21 17.48 21.85
C1 EDO V . 30.68 -14.90 11.01
O1 EDO V . 31.16 -15.92 11.90
C2 EDO V . 31.61 -13.70 11.07
O2 EDO V . 32.92 -14.10 10.65
O01 J9F W . 18.53 -23.60 20.64
C02 J9F W . 17.92 -23.97 21.80
C03 J9F W . 16.56 -23.81 21.93
C04 J9F W . 15.93 -24.18 23.10
C05 J9F W . 16.66 -24.71 24.15
C06 J9F W . 18.02 -24.88 24.03
C07 J9F W . 18.67 -24.52 22.84
C08 J9F W . 20.12 -24.69 22.73
N09 J9F W . 20.77 -24.44 21.67
C10 J9F W . 22.21 -24.62 21.91
C11 J9F W . 22.95 -23.56 21.09
O13 J9F W . 24.00 -23.11 21.60
C14 J9F W . 22.49 -24.41 23.41
S15 J9F W . 21.05 -25.24 24.13
O1 J9F W . 22.45 -23.20 20.00
C1 EDO X . 18.90 -10.07 2.40
O1 EDO X . 19.50 -9.77 1.14
C2 EDO X . 19.82 -9.76 3.57
O2 EDO X . 20.68 -10.86 3.91
C1 EDO Y . 31.35 -10.96 7.73
O1 EDO Y . 30.85 -11.66 6.57
C2 EDO Y . 30.19 -10.77 8.69
O2 EDO Y . 29.24 -9.88 8.08
C1 C8E Z . 33.79 -2.42 -12.90
C2 C8E Z . 33.15 -3.79 -12.67
C3 C8E Z . 32.92 -4.49 -14.00
C4 C8E Z . 32.15 -5.80 -13.83
C5 C8E Z . 30.84 -5.72 -14.62
C6 C8E Z . 29.83 -6.70 -14.07
C7 C8E Z . 28.42 -6.35 -14.52
C8 C8E Z . 27.40 -7.26 -13.83
O9 C8E Z . 26.87 -8.17 -14.77
C10 C8E Z . 26.36 -9.34 -14.15
C11 C8E Z . 25.04 -8.97 -13.49
O12 C8E Z . 24.11 -10.03 -13.48
C13 C8E Z . 24.43 -11.11 -14.34
C14 C8E Z . 23.18 -11.52 -15.10
O15 C8E Z . 23.31 -12.87 -15.51
O9 C8E AA . 47.00 1.22 3.12
C10 C8E AA . 46.83 1.27 1.72
C11 C8E AA . 46.10 0.02 1.28
O12 C8E AA . 45.84 0.06 -0.11
C13 C8E AA . 44.81 -0.84 -0.46
C14 C8E AA . 45.22 -2.29 -0.17
O15 C8E AA . 44.20 -2.94 0.56
C16 C8E AA . 44.59 -3.26 1.88
C17 C8E AA . 43.53 -2.69 2.80
O18 C8E AA . 43.18 -1.36 2.42
C19 C8E AA . 43.24 -0.50 3.54
C20 C8E AA . 42.55 0.83 3.21
O21 C8E AA . 42.42 1.00 1.83
FE FE BA . 20.28 -23.32 20.10
K K CA . 36.05 1.69 7.79
K K DA . 17.29 -0.06 24.96
K K EA . 21.42 -5.21 -6.99
K K FA . 5.42 -21.91 10.45
K K GA . 27.32 -11.03 6.64
#